data_7DO6
#
_entry.id   7DO6
#
_cell.length_a   78.633
_cell.length_b   81.571
_cell.length_c   86.389
_cell.angle_alpha   87.680
_cell.angle_beta   75.530
_cell.angle_gamma   89.350
#
_symmetry.space_group_name_H-M   'P 1'
#
loop_
_entity.id
_entity.type
_entity.pdbx_description
1 polymer 'Short-chain dehydrogenase/reductase SDR'
2 non-polymer 'NADP NICOTINAMIDE-ADENINE-DINUCLEOTIDE PHOSPHATE'
3 water water
#
_entity_poly.entity_id   1
_entity_poly.type   'polypeptide(L)'
_entity_poly.pdbx_seq_one_letter_code
;MRGSHHHHHHGSLLIDKTVIVTGASRGIGRAAARECARQGARVVIGHSGSDEGRAGALSLAEEIAAFGGTAIAVGADAAD
LDSGEKLVAAAVEAFGSVDVLVNNAGICPFHSFLDMPRELYLKTVGTNLNGAYFTVQAAARRMKEQGRGGAIIAVSSISA
LVGGAMQTHYTPTKAGLLSLMQSCAIALGPYGIRCNAVLPGTIATDINKEDLSDLEKRERMTSRVPLGRLGEPDDLAGPI
VFLASDMARYVTGASLLVDGGLFVNLQ
;
_entity_poly.pdbx_strand_id   A,B,C,D,E,F,G,H
#
# COMPACT_ATOMS: atom_id res chain seq x y z
N SER A 12 26.57 24.46 -48.55
CA SER A 12 25.29 24.02 -49.13
C SER A 12 24.18 23.99 -48.08
N LEU A 13 24.57 24.04 -46.81
CA LEU A 13 23.63 23.75 -45.73
C LEU A 13 22.74 24.92 -45.33
N LEU A 14 23.13 26.16 -45.66
CA LEU A 14 22.39 27.34 -45.20
C LEU A 14 22.14 28.31 -46.33
N ILE A 15 21.84 27.79 -47.53
CA ILE A 15 21.59 28.67 -48.66
C ILE A 15 20.31 29.45 -48.44
N ASP A 16 20.36 30.76 -48.74
CA ASP A 16 19.19 31.65 -48.70
C ASP A 16 18.57 31.72 -47.30
N LYS A 17 19.38 31.55 -46.26
CA LYS A 17 18.96 31.73 -44.88
C LYS A 17 19.68 32.92 -44.27
N THR A 18 18.97 33.63 -43.40
CA THR A 18 19.53 34.78 -42.68
C THR A 18 19.90 34.37 -41.27
N VAL A 19 21.17 34.54 -40.91
CA VAL A 19 21.71 34.12 -39.64
C VAL A 19 22.16 35.35 -38.85
N ILE A 20 21.75 35.42 -37.59
CA ILE A 20 22.18 36.46 -36.66
C ILE A 20 23.11 35.81 -35.64
N VAL A 21 24.34 36.29 -35.55
CA VAL A 21 25.29 35.81 -34.55
C VAL A 21 25.67 36.99 -33.66
N THR A 22 25.33 36.91 -32.39
CA THR A 22 25.74 37.92 -31.43
C THR A 22 27.13 37.60 -30.90
N GLY A 23 27.90 38.65 -30.61
CA GLY A 23 29.27 38.43 -30.19
C GLY A 23 30.10 37.73 -31.24
N ALA A 24 29.95 38.12 -32.51
CA ALA A 24 30.57 37.44 -33.64
C ALA A 24 31.82 38.15 -34.15
N SER A 25 32.48 38.94 -33.31
CA SER A 25 33.67 39.65 -33.73
C SER A 25 34.96 38.98 -33.27
N ARG A 26 34.91 38.15 -32.24
CA ARG A 26 36.08 37.44 -31.73
C ARG A 26 35.67 36.06 -31.25
N GLY A 27 36.62 35.13 -31.29
CA GLY A 27 36.43 33.84 -30.65
C GLY A 27 35.46 32.95 -31.38
N ILE A 28 34.52 32.36 -30.63
CA ILE A 28 33.65 31.31 -31.16
C ILE A 28 32.66 31.89 -32.17
N GLY A 29 32.01 33.00 -31.81
CA GLY A 29 31.01 33.60 -32.68
C GLY A 29 31.58 34.04 -34.03
N ARG A 30 32.82 34.52 -34.04
CA ARG A 30 33.44 34.93 -35.29
C ARG A 30 33.60 33.74 -36.24
N ALA A 31 34.09 32.61 -35.72
CA ALA A 31 34.30 31.43 -36.56
C ALA A 31 32.99 30.83 -37.04
N ALA A 32 31.94 30.89 -36.21
CA ALA A 32 30.63 30.41 -36.65
C ALA A 32 30.07 31.29 -37.75
N ALA A 33 30.09 32.61 -37.55
CA ALA A 33 29.59 33.53 -38.57
C ALA A 33 30.30 33.33 -39.90
N ARG A 34 31.62 33.14 -39.87
CA ARG A 34 32.34 32.89 -41.10
C ARG A 34 31.86 31.60 -41.77
N GLU A 35 31.75 30.53 -40.99
CA GLU A 35 31.34 29.25 -41.56
C GLU A 35 29.92 29.32 -42.11
N CYS A 36 29.01 29.98 -41.39
CA CYS A 36 27.65 30.17 -41.90
C CYS A 36 27.65 30.89 -43.24
N ALA A 37 28.51 31.90 -43.40
CA ALA A 37 28.60 32.61 -44.68
C ALA A 37 29.13 31.69 -45.78
N ARG A 38 30.12 30.86 -45.47
CA ARG A 38 30.60 29.89 -46.44
C ARG A 38 29.47 28.93 -46.85
N GLN A 39 28.60 28.57 -45.91
CA GLN A 39 27.49 27.66 -46.20
C GLN A 39 26.40 28.30 -47.05
N GLY A 40 26.52 29.58 -47.38
CA GLY A 40 25.57 30.26 -48.25
C GLY A 40 24.57 31.18 -47.56
N ALA A 41 24.82 31.57 -46.31
CA ALA A 41 23.86 32.35 -45.54
C ALA A 41 24.19 33.83 -45.57
N ARG A 42 23.14 34.64 -45.47
CA ARG A 42 23.31 36.07 -45.20
C ARG A 42 23.47 36.26 -43.70
N VAL A 43 24.63 36.73 -43.27
CA VAL A 43 24.99 36.76 -41.85
C VAL A 43 24.93 38.20 -41.35
N VAL A 44 24.35 38.37 -40.17
CA VAL A 44 24.38 39.64 -39.44
C VAL A 44 25.41 39.48 -38.33
N ILE A 45 26.51 40.22 -38.42
CA ILE A 45 27.59 40.12 -37.45
C ILE A 45 27.33 41.10 -36.32
N GLY A 46 27.16 40.59 -35.10
CA GLY A 46 26.86 41.41 -33.95
C GLY A 46 28.06 41.57 -33.03
N HIS A 47 28.17 42.75 -32.42
CA HIS A 47 29.27 43.04 -31.51
C HIS A 47 28.75 43.96 -30.42
N SER A 48 29.60 44.22 -29.42
CA SER A 48 29.20 44.99 -28.25
C SER A 48 29.10 46.48 -28.51
N GLY A 49 29.58 46.96 -29.65
CA GLY A 49 29.60 48.39 -29.92
C GLY A 49 30.87 49.09 -29.48
N SER A 50 31.77 48.40 -28.78
CA SER A 50 33.06 48.97 -28.44
C SER A 50 33.91 49.12 -29.71
N ASP A 51 35.09 49.71 -29.54
CA ASP A 51 35.99 49.88 -30.67
C ASP A 51 36.55 48.54 -31.16
N GLU A 52 36.87 47.65 -30.22
CA GLU A 52 37.37 46.33 -30.61
C GLU A 52 36.29 45.52 -31.32
N GLY A 53 35.06 45.54 -30.81
CA GLY A 53 33.99 44.79 -31.44
C GLY A 53 33.66 45.30 -32.83
N ARG A 54 33.61 46.63 -33.00
CA ARG A 54 33.31 47.18 -34.31
C ARG A 54 34.44 46.92 -35.30
N ALA A 55 35.69 46.96 -34.82
CA ALA A 55 36.82 46.69 -35.71
C ALA A 55 36.87 45.23 -36.14
N GLY A 56 36.61 44.31 -35.21
CA GLY A 56 36.57 42.90 -35.56
C GLY A 56 35.41 42.53 -36.47
N ALA A 57 34.27 43.19 -36.28
CA ALA A 57 33.12 42.93 -37.15
C ALA A 57 33.40 43.41 -38.57
N LEU A 58 34.09 44.54 -38.72
CA LEU A 58 34.46 45.01 -40.05
C LEU A 58 35.40 44.04 -40.74
N SER A 59 36.47 43.65 -40.05
CA SER A 59 37.46 42.75 -40.66
C SER A 59 36.82 41.45 -41.11
N LEU A 60 35.87 40.92 -40.34
CA LEU A 60 35.17 39.71 -40.75
C LEU A 60 34.29 39.97 -41.97
N ALA A 61 33.57 41.11 -41.97
CA ALA A 61 32.77 41.46 -43.14
C ALA A 61 33.64 41.67 -44.37
N GLU A 62 34.87 42.14 -44.17
CA GLU A 62 35.81 42.25 -45.29
C GLU A 62 36.17 40.87 -45.84
N GLU A 63 36.47 39.92 -44.95
CA GLU A 63 36.87 38.59 -45.40
C GLU A 63 35.70 37.85 -46.04
N ILE A 64 34.50 37.94 -45.43
CA ILE A 64 33.33 37.27 -45.98
C ILE A 64 32.99 37.81 -47.36
N ALA A 65 33.07 39.13 -47.53
CA ALA A 65 32.79 39.71 -48.84
C ALA A 65 33.84 39.32 -49.87
N ALA A 66 35.09 39.10 -49.43
CA ALA A 66 36.16 38.79 -50.38
C ALA A 66 35.96 37.43 -51.04
N PHE A 67 35.39 36.45 -50.33
CA PHE A 67 35.16 35.14 -50.93
C PHE A 67 33.73 34.97 -51.45
N GLY A 68 32.99 36.06 -51.59
CA GLY A 68 31.67 36.02 -52.20
C GLY A 68 30.50 35.92 -51.25
N GLY A 69 30.72 36.16 -49.96
CA GLY A 69 29.65 36.08 -49.00
C GLY A 69 28.80 37.33 -48.94
N THR A 70 27.85 37.32 -48.00
CA THR A 70 26.95 38.45 -47.77
C THR A 70 26.81 38.64 -46.28
N ALA A 71 27.23 39.81 -45.78
CA ALA A 71 27.19 40.06 -44.35
C ALA A 71 27.18 41.55 -44.07
N ILE A 72 26.54 41.91 -42.96
CA ILE A 72 26.59 43.27 -42.41
C ILE A 72 27.10 43.19 -40.98
N ALA A 73 27.39 44.35 -40.39
CA ALA A 73 27.92 44.45 -39.04
C ALA A 73 27.07 45.43 -38.24
N VAL A 74 26.43 44.92 -37.19
CA VAL A 74 25.51 45.69 -36.35
C VAL A 74 26.01 45.66 -34.91
N GLY A 75 26.17 46.84 -34.32
CA GLY A 75 26.53 46.92 -32.91
C GLY A 75 25.28 46.86 -32.05
N ALA A 76 25.34 46.06 -30.99
CA ALA A 76 24.13 45.78 -30.21
C ALA A 76 24.57 45.15 -28.89
N ASP A 77 24.74 45.98 -27.87
CA ASP A 77 25.15 45.52 -26.54
C ASP A 77 24.16 44.48 -26.03
N ALA A 78 24.69 43.31 -25.64
CA ALA A 78 23.84 42.23 -25.18
C ALA A 78 23.14 42.57 -23.87
N ALA A 79 23.73 43.45 -23.05
CA ALA A 79 23.09 43.83 -21.79
C ALA A 79 21.88 44.72 -22.04
N ASP A 80 21.93 45.57 -23.06
CA ASP A 80 20.78 46.39 -23.45
C ASP A 80 19.70 45.48 -24.02
N LEU A 81 18.61 45.30 -23.28
CA LEU A 81 17.54 44.40 -23.68
C LEU A 81 16.85 44.82 -24.97
N ASP A 82 17.25 45.93 -25.59
CA ASP A 82 16.69 46.38 -26.87
C ASP A 82 17.41 45.81 -28.07
N SER A 83 18.61 45.23 -27.88
CA SER A 83 19.45 44.82 -28.99
C SER A 83 18.80 43.76 -29.86
N GLY A 84 18.00 42.88 -29.26
CA GLY A 84 17.39 41.81 -30.04
C GLY A 84 16.55 42.34 -31.18
N GLU A 85 15.63 43.26 -30.87
CA GLU A 85 14.83 43.87 -31.93
C GLU A 85 15.68 44.72 -32.85
N LYS A 86 16.75 45.34 -32.33
CA LYS A 86 17.64 46.11 -33.20
C LYS A 86 18.30 45.22 -34.24
N LEU A 87 18.78 44.05 -33.82
CA LEU A 87 19.42 43.13 -34.76
C LEU A 87 18.39 42.48 -35.68
N VAL A 88 17.18 42.23 -35.20
CA VAL A 88 16.15 41.65 -36.05
C VAL A 88 15.70 42.67 -37.09
N ALA A 89 15.52 43.93 -36.68
CA ALA A 89 15.18 44.97 -37.64
C ALA A 89 16.29 45.17 -38.65
N ALA A 90 17.55 45.17 -38.18
CA ALA A 90 18.68 45.29 -39.10
C ALA A 90 18.76 44.10 -40.06
N ALA A 91 18.31 42.92 -39.62
CA ALA A 91 18.38 41.73 -40.46
C ALA A 91 17.31 41.75 -41.55
N VAL A 92 16.07 42.07 -41.18
CA VAL A 92 14.98 42.13 -42.16
C VAL A 92 15.21 43.26 -43.14
N GLU A 93 15.74 44.37 -42.65
CA GLU A 93 15.99 45.52 -43.52
C GLU A 93 16.99 45.18 -44.63
N ALA A 94 18.01 44.38 -44.30
CA ALA A 94 19.03 44.02 -45.28
C ALA A 94 18.63 42.82 -46.12
N PHE A 95 18.14 41.75 -45.48
CA PHE A 95 17.92 40.48 -46.15
C PHE A 95 16.47 40.02 -46.20
N GLY A 96 15.57 40.66 -45.46
CA GLY A 96 14.17 40.33 -45.56
C GLY A 96 13.73 39.07 -44.84
N SER A 97 14.60 38.45 -44.04
CA SER A 97 14.21 37.25 -43.31
C SER A 97 15.04 37.15 -42.04
N VAL A 98 14.56 36.30 -41.12
CA VAL A 98 15.33 35.85 -39.97
C VAL A 98 15.02 34.36 -39.82
N ASP A 99 16.04 33.52 -40.02
CA ASP A 99 15.85 32.09 -40.03
C ASP A 99 16.68 31.35 -38.99
N VAL A 100 17.81 31.89 -38.58
CA VAL A 100 18.68 31.25 -37.58
C VAL A 100 19.16 32.33 -36.62
N LEU A 101 19.22 31.99 -35.33
CA LEU A 101 19.85 32.84 -34.33
C LEU A 101 20.88 32.02 -33.57
N VAL A 102 22.11 32.52 -33.54
CA VAL A 102 23.18 31.94 -32.75
C VAL A 102 23.50 32.94 -31.65
N ASN A 103 22.96 32.71 -30.45
CA ASN A 103 23.23 33.59 -29.31
C ASN A 103 24.56 33.17 -28.69
N ASN A 104 25.60 33.95 -28.94
CA ASN A 104 26.95 33.61 -28.51
C ASN A 104 27.56 34.61 -27.53
N ALA A 105 27.10 35.86 -27.53
CA ALA A 105 27.69 36.90 -26.70
C ALA A 105 27.70 36.50 -25.23
N GLY A 106 28.75 36.89 -24.53
CA GLY A 106 28.85 36.62 -23.12
C GLY A 106 30.21 37.03 -22.60
N ILE A 107 30.27 37.20 -21.29
CA ILE A 107 31.50 37.50 -20.57
C ILE A 107 31.69 36.46 -19.47
N CYS A 108 32.95 36.29 -19.05
CA CYS A 108 33.30 35.36 -17.99
C CYS A 108 34.36 35.98 -17.09
N PRO A 109 34.00 36.99 -16.30
CA PRO A 109 34.98 37.58 -15.38
C PRO A 109 35.17 36.74 -14.13
N PHE A 110 36.31 36.04 -14.04
CA PHE A 110 36.57 35.21 -12.87
C PHE A 110 36.65 36.08 -11.60
N HIS A 111 36.12 35.55 -10.51
CA HIS A 111 36.06 36.30 -9.25
C HIS A 111 35.62 35.36 -8.13
N SER A 112 36.18 35.56 -6.95
CA SER A 112 35.83 34.73 -5.81
C SER A 112 34.41 35.04 -5.33
N PHE A 113 33.83 34.08 -4.60
CA PHE A 113 32.41 34.10 -4.31
C PHE A 113 32.08 34.96 -3.10
N LEU A 114 32.78 34.75 -1.98
CA LEU A 114 32.40 35.38 -0.72
C LEU A 114 32.53 36.90 -0.74
N ASP A 115 33.17 37.48 -1.76
CA ASP A 115 33.32 38.92 -1.86
C ASP A 115 32.85 39.42 -3.23
N MET A 116 31.95 38.68 -3.85
CA MET A 116 31.43 39.08 -5.16
C MET A 116 30.60 40.36 -5.03
N PRO A 117 30.98 41.44 -5.70
CA PRO A 117 30.16 42.65 -5.65
C PRO A 117 28.91 42.52 -6.50
N ARG A 118 27.86 43.25 -6.11
CA ARG A 118 26.61 43.19 -6.84
C ARG A 118 26.77 43.66 -8.28
N GLU A 119 27.66 44.62 -8.52
CA GLU A 119 27.82 45.19 -9.85
C GLU A 119 28.27 44.13 -10.85
N LEU A 120 29.29 43.34 -10.47
CA LEU A 120 29.81 42.35 -11.40
C LEU A 120 28.82 41.22 -11.64
N TYR A 121 28.13 40.77 -10.60
CA TYR A 121 27.14 39.71 -10.77
C TYR A 121 26.02 40.16 -11.72
N LEU A 122 25.45 41.34 -11.46
CA LEU A 122 24.32 41.80 -12.25
C LEU A 122 24.73 42.04 -13.70
N LYS A 123 25.96 42.49 -13.94
CA LYS A 123 26.44 42.59 -15.31
C LYS A 123 26.57 41.21 -15.95
N THR A 124 27.00 40.21 -15.17
CA THR A 124 27.16 38.88 -15.73
C THR A 124 25.81 38.26 -16.08
N VAL A 125 24.85 38.29 -15.15
CA VAL A 125 23.53 37.75 -15.44
C VAL A 125 22.83 38.59 -16.51
N GLY A 126 23.06 39.90 -16.52
CA GLY A 126 22.42 40.74 -17.52
C GLY A 126 22.96 40.51 -18.91
N THR A 127 24.28 40.32 -19.04
CA THR A 127 24.87 40.06 -20.33
C THR A 127 24.60 38.63 -20.80
N ASN A 128 24.83 37.65 -19.92
CA ASN A 128 24.86 36.27 -20.36
C ASN A 128 23.47 35.66 -20.52
N LEU A 129 22.50 36.05 -19.69
CA LEU A 129 21.19 35.40 -19.69
C LEU A 129 20.05 36.35 -20.01
N ASN A 130 19.93 37.48 -19.31
CA ASN A 130 18.79 38.38 -19.51
C ASN A 130 18.73 38.88 -20.94
N GLY A 131 19.87 39.30 -21.49
CA GLY A 131 19.90 39.77 -22.86
C GLY A 131 19.63 38.68 -23.87
N ALA A 132 20.07 37.45 -23.59
CA ALA A 132 19.82 36.35 -24.50
C ALA A 132 18.33 36.03 -24.58
N TYR A 133 17.64 36.08 -23.45
CA TYR A 133 16.20 35.81 -23.42
C TYR A 133 15.46 36.68 -24.44
N PHE A 134 15.63 38.00 -24.35
CA PHE A 134 14.89 38.89 -25.23
C PHE A 134 15.49 38.93 -26.64
N THR A 135 16.78 38.59 -26.79
CA THR A 135 17.30 38.36 -28.13
C THR A 135 16.64 37.15 -28.77
N VAL A 136 16.46 36.07 -28.00
CA VAL A 136 15.74 34.92 -28.50
C VAL A 136 14.27 35.27 -28.77
N GLN A 137 13.65 36.02 -27.84
CA GLN A 137 12.26 36.42 -28.04
C GLN A 137 12.09 37.19 -29.35
N ALA A 138 12.98 38.13 -29.62
CA ALA A 138 12.88 38.93 -30.84
C ALA A 138 13.00 38.06 -32.08
N ALA A 139 14.02 37.19 -32.11
CA ALA A 139 14.23 36.34 -33.28
C ALA A 139 13.09 35.34 -33.44
N ALA A 140 12.58 34.80 -32.34
CA ALA A 140 11.46 33.86 -32.43
C ALA A 140 10.20 34.53 -32.94
N ARG A 141 9.96 35.79 -32.52
CA ARG A 141 8.80 36.53 -33.00
C ARG A 141 8.79 36.64 -34.52
N ARG A 142 9.94 36.94 -35.12
CA ARG A 142 10.00 37.06 -36.57
C ARG A 142 9.86 35.70 -37.24
N MET A 143 10.48 34.66 -36.68
CA MET A 143 10.35 33.33 -37.26
C MET A 143 8.90 32.88 -37.30
N LYS A 144 8.16 33.08 -36.20
CA LYS A 144 6.77 32.68 -36.17
C LYS A 144 5.96 33.42 -37.23
N GLU A 145 6.10 34.75 -37.28
CA GLU A 145 5.31 35.53 -38.22
C GLU A 145 5.69 35.22 -39.66
N GLN A 146 6.94 34.85 -39.91
CA GLN A 146 7.32 34.37 -41.22
C GLN A 146 6.54 33.12 -41.60
N GLY A 147 6.45 32.17 -40.68
CA GLY A 147 5.70 30.96 -40.92
C GLY A 147 6.46 29.89 -41.68
N ARG A 148 7.79 29.90 -41.61
CA ARG A 148 8.61 28.94 -42.34
C ARG A 148 9.60 28.21 -41.44
N GLY A 149 9.45 28.29 -40.13
CA GLY A 149 10.36 27.64 -39.21
C GLY A 149 11.58 28.47 -38.90
N GLY A 150 12.58 27.79 -38.34
CA GLY A 150 13.81 28.45 -37.96
C GLY A 150 14.51 27.67 -36.88
N ALA A 151 15.78 28.04 -36.65
CA ALA A 151 16.61 27.38 -35.67
C ALA A 151 17.22 28.41 -34.73
N ILE A 152 17.38 28.01 -33.46
CA ILE A 152 17.97 28.85 -32.43
C ILE A 152 19.01 28.01 -31.70
N ILE A 153 20.24 28.51 -31.65
CA ILE A 153 21.34 27.81 -30.99
C ILE A 153 21.96 28.77 -29.98
N ALA A 154 22.05 28.33 -28.73
CA ALA A 154 22.67 29.11 -27.67
C ALA A 154 24.00 28.48 -27.30
N VAL A 155 25.05 29.30 -27.29
CA VAL A 155 26.39 28.83 -26.93
C VAL A 155 26.46 28.88 -25.40
N SER A 156 26.15 27.75 -24.77
CA SER A 156 26.32 27.61 -23.34
C SER A 156 27.75 27.17 -23.04
N SER A 157 27.91 26.19 -22.15
CA SER A 157 29.24 25.75 -21.76
C SER A 157 29.14 24.43 -21.03
N ILE A 158 30.27 23.71 -20.98
CA ILE A 158 30.38 22.53 -20.13
C ILE A 158 30.08 22.88 -18.68
N SER A 159 30.28 24.14 -18.29
CA SER A 159 29.94 24.63 -16.96
C SER A 159 28.46 24.68 -16.69
N ALA A 160 27.61 24.34 -17.67
CA ALA A 160 26.19 24.18 -17.42
C ALA A 160 25.86 22.86 -16.75
N LEU A 161 26.80 21.93 -16.71
CA LEU A 161 26.62 20.63 -16.08
C LEU A 161 27.39 20.47 -14.78
N VAL A 162 28.43 21.28 -14.57
CA VAL A 162 29.24 21.20 -13.35
C VAL A 162 29.46 22.60 -12.81
N GLY A 163 30.31 22.73 -11.80
CA GLY A 163 30.54 23.99 -11.12
C GLY A 163 31.94 24.56 -11.34
N GLY A 164 32.12 25.76 -10.79
CA GLY A 164 33.39 26.45 -10.81
C GLY A 164 33.50 27.44 -9.67
N ALA A 165 34.53 27.29 -8.82
CA ALA A 165 34.62 28.12 -7.63
C ALA A 165 34.74 29.61 -7.97
N MET A 166 35.46 29.93 -9.04
CA MET A 166 35.59 31.31 -9.49
C MET A 166 34.49 31.69 -10.48
N GLN A 167 33.43 30.89 -10.58
CA GLN A 167 32.36 31.14 -11.54
C GLN A 167 30.98 30.96 -10.91
N THR A 168 30.85 31.26 -9.62
CA THR A 168 29.54 31.15 -8.96
C THR A 168 28.51 32.05 -9.61
N HIS A 169 28.94 33.17 -10.18
CA HIS A 169 28.05 34.07 -10.91
C HIS A 169 27.92 33.70 -12.38
N TYR A 170 28.80 32.84 -12.90
CA TYR A 170 28.87 32.53 -14.32
C TYR A 170 28.15 31.24 -14.70
N THR A 171 28.36 30.15 -13.95
CA THR A 171 27.72 28.89 -14.32
C THR A 171 26.20 28.92 -14.25
N PRO A 172 25.53 29.68 -13.37
CA PRO A 172 24.06 29.74 -13.45
C PRO A 172 23.56 30.34 -14.76
N THR A 173 24.32 31.25 -15.37
CA THR A 173 23.87 31.79 -16.66
C THR A 173 24.06 30.77 -17.78
N LYS A 174 25.11 29.96 -17.70
CA LYS A 174 25.30 28.89 -18.68
C LYS A 174 24.20 27.85 -18.56
N ALA A 175 23.97 27.34 -17.34
CA ALA A 175 22.87 26.41 -17.13
C ALA A 175 21.52 27.07 -17.37
N GLY A 176 21.40 28.38 -17.10
CA GLY A 176 20.18 29.08 -17.43
C GLY A 176 19.93 29.13 -18.92
N LEU A 177 21.00 29.31 -19.72
CA LEU A 177 20.87 29.30 -21.17
C LEU A 177 20.43 27.93 -21.67
N LEU A 178 20.93 26.86 -21.05
CA LEU A 178 20.52 25.52 -21.44
C LEU A 178 19.05 25.28 -21.12
N SER A 179 18.60 25.70 -19.94
CA SER A 179 17.20 25.56 -19.57
C SER A 179 16.29 26.33 -20.53
N LEU A 180 16.72 27.52 -20.96
CA LEU A 180 15.91 28.31 -21.89
C LEU A 180 15.66 27.56 -23.18
N MET A 181 16.69 26.90 -23.72
CA MET A 181 16.52 26.13 -24.95
C MET A 181 15.56 24.97 -24.75
N GLN A 182 15.49 24.42 -23.54
CA GLN A 182 14.55 23.33 -23.29
C GLN A 182 13.11 23.84 -23.32
N SER A 183 12.84 24.94 -22.61
CA SER A 183 11.49 25.49 -22.50
C SER A 183 10.99 26.07 -23.80
N CYS A 184 11.81 26.92 -24.43
CA CYS A 184 11.43 27.53 -25.70
C CYS A 184 11.16 26.49 -26.77
N ALA A 185 11.86 25.35 -26.73
CA ALA A 185 11.59 24.30 -27.69
C ALA A 185 10.18 23.75 -27.53
N ILE A 186 9.63 23.78 -26.32
CA ILE A 186 8.22 23.46 -26.14
C ILE A 186 7.36 24.54 -26.76
N ALA A 187 7.56 25.79 -26.34
CA ALA A 187 6.73 26.90 -26.76
C ALA A 187 6.87 27.26 -28.23
N LEU A 188 7.89 26.74 -28.92
CA LEU A 188 8.10 27.07 -30.32
C LEU A 188 8.04 25.87 -31.26
N GLY A 189 7.92 24.65 -30.74
CA GLY A 189 7.76 23.49 -31.57
C GLY A 189 6.61 23.55 -32.57
N PRO A 190 5.43 24.04 -32.17
CA PRO A 190 4.33 24.13 -33.15
C PRO A 190 4.63 25.06 -34.32
N TYR A 191 5.50 26.04 -34.15
CA TYR A 191 5.89 26.93 -35.23
C TYR A 191 7.13 26.45 -35.98
N GLY A 192 7.52 25.19 -35.79
CA GLY A 192 8.68 24.64 -36.48
C GLY A 192 9.99 25.29 -36.12
N ILE A 193 10.13 25.80 -34.90
CA ILE A 193 11.33 26.51 -34.48
C ILE A 193 12.07 25.62 -33.49
N ARG A 194 13.20 25.05 -33.94
CA ARG A 194 13.99 24.17 -33.10
C ARG A 194 14.96 24.99 -32.24
N CYS A 195 15.20 24.51 -31.02
CA CYS A 195 16.07 25.19 -30.08
C CYS A 195 17.01 24.19 -29.43
N ASN A 196 18.30 24.49 -29.46
CA ASN A 196 19.33 23.61 -28.92
C ASN A 196 20.45 24.46 -28.31
N ALA A 197 21.32 23.79 -27.57
CA ALA A 197 22.43 24.44 -26.88
C ALA A 197 23.71 23.66 -27.09
N VAL A 198 24.76 24.34 -27.57
CA VAL A 198 26.08 23.75 -27.70
C VAL A 198 26.88 24.06 -26.44
N LEU A 199 27.64 23.06 -25.98
CA LEU A 199 28.39 23.17 -24.73
C LEU A 199 29.88 22.97 -25.03
N PRO A 200 30.60 24.05 -25.31
CA PRO A 200 32.05 23.92 -25.54
C PRO A 200 32.79 23.61 -24.26
N GLY A 201 33.95 22.98 -24.42
CA GLY A 201 34.82 22.70 -23.29
C GLY A 201 35.81 23.81 -23.06
N THR A 202 37.10 23.48 -23.10
CA THR A 202 38.17 24.46 -22.96
C THR A 202 38.65 24.86 -24.36
N ILE A 203 38.31 26.08 -24.77
CA ILE A 203 38.69 26.60 -26.09
C ILE A 203 39.69 27.72 -25.87
N ALA A 204 40.82 27.63 -26.57
CA ALA A 204 41.92 28.58 -26.41
C ALA A 204 41.50 30.02 -26.74
N ASP A 214 50.87 31.09 -19.07
CA ASP A 214 51.47 30.04 -18.25
C ASP A 214 51.49 28.71 -19.01
N LEU A 215 52.62 28.40 -19.63
CA LEU A 215 52.71 27.18 -20.43
C LEU A 215 52.68 25.93 -19.56
N GLU A 216 53.11 26.04 -18.31
CA GLU A 216 52.96 24.91 -17.39
C GLU A 216 51.50 24.66 -17.04
N LYS A 217 50.68 25.72 -17.05
CA LYS A 217 49.25 25.57 -16.82
C LYS A 217 48.52 25.13 -18.08
N ARG A 218 48.99 25.57 -19.26
CA ARG A 218 48.31 25.24 -20.50
C ARG A 218 48.36 23.74 -20.78
N GLU A 219 49.49 23.09 -20.50
CA GLU A 219 49.60 21.66 -20.74
C GLU A 219 48.90 20.85 -19.65
N ARG A 220 48.81 21.38 -18.43
CA ARG A 220 48.07 20.69 -17.38
C ARG A 220 46.58 20.64 -17.70
N MET A 221 46.05 21.69 -18.32
CA MET A 221 44.68 21.64 -18.81
C MET A 221 44.56 20.69 -20.00
N THR A 222 45.58 20.66 -20.86
CA THR A 222 45.57 19.73 -21.99
C THR A 222 45.69 18.29 -21.52
N SER A 223 46.33 18.07 -20.37
CA SER A 223 46.46 16.73 -19.83
C SER A 223 45.12 16.07 -19.54
N ARG A 224 44.07 16.87 -19.32
CA ARG A 224 42.77 16.37 -18.91
C ARG A 224 41.82 16.15 -20.09
N VAL A 225 42.22 16.48 -21.30
CA VAL A 225 41.38 16.35 -22.49
C VAL A 225 41.76 15.04 -23.17
N PRO A 226 40.88 14.03 -23.20
CA PRO A 226 41.23 12.75 -23.84
C PRO A 226 41.71 12.88 -25.28
N LEU A 227 41.23 13.88 -26.02
CA LEU A 227 41.69 14.09 -27.39
C LEU A 227 43.07 14.73 -27.46
N GLY A 228 43.59 15.23 -26.34
CA GLY A 228 44.96 15.69 -26.28
C GLY A 228 45.23 17.09 -26.79
N ARG A 229 44.20 17.91 -26.99
CA ARG A 229 44.42 19.29 -27.40
C ARG A 229 43.24 20.15 -26.93
N LEU A 230 43.54 21.41 -26.66
CA LEU A 230 42.49 22.38 -26.40
C LEU A 230 41.72 22.66 -27.68
N GLY A 231 40.49 23.14 -27.52
CA GLY A 231 39.68 23.46 -28.67
C GLY A 231 40.10 24.76 -29.32
N GLU A 232 39.67 24.93 -30.57
CA GLU A 232 39.81 26.16 -31.31
C GLU A 232 38.43 26.66 -31.72
N PRO A 233 38.29 27.97 -31.97
CA PRO A 233 36.97 28.49 -32.37
C PRO A 233 36.34 27.79 -33.56
N ASP A 234 37.15 27.28 -34.50
CA ASP A 234 36.59 26.56 -35.63
C ASP A 234 36.06 25.18 -35.25
N ASP A 235 36.40 24.66 -34.06
CA ASP A 235 35.85 23.39 -33.63
C ASP A 235 34.38 23.51 -33.23
N LEU A 236 33.87 24.73 -33.08
CA LEU A 236 32.47 24.95 -32.76
C LEU A 236 31.63 25.28 -33.98
N ALA A 237 32.27 25.54 -35.13
CA ALA A 237 31.51 25.91 -36.33
C ALA A 237 30.67 24.75 -36.84
N GLY A 238 31.30 23.60 -37.04
CA GLY A 238 30.62 22.40 -37.48
C GLY A 238 29.39 22.04 -36.67
N PRO A 239 29.54 21.95 -35.34
CA PRO A 239 28.35 21.66 -34.51
C PRO A 239 27.26 22.70 -34.62
N ILE A 240 27.62 23.98 -34.72
CA ILE A 240 26.60 25.03 -34.81
C ILE A 240 25.89 24.99 -36.15
N VAL A 241 26.63 24.77 -37.24
CA VAL A 241 26.01 24.73 -38.56
C VAL A 241 25.15 23.49 -38.71
N PHE A 242 25.56 22.37 -38.12
CA PHE A 242 24.74 21.16 -38.16
C PHE A 242 23.39 21.39 -37.48
N LEU A 243 23.39 22.04 -36.32
CA LEU A 243 22.16 22.26 -35.59
C LEU A 243 21.22 23.22 -36.32
N ALA A 244 21.77 24.13 -37.11
CA ALA A 244 20.98 25.12 -37.83
C ALA A 244 20.48 24.63 -39.18
N SER A 245 20.86 23.43 -39.59
CA SER A 245 20.60 22.92 -40.93
C SER A 245 19.51 21.84 -40.89
N ASP A 246 19.12 21.37 -42.07
CA ASP A 246 18.15 20.29 -42.19
C ASP A 246 18.73 18.95 -41.73
N MET A 247 20.04 18.85 -41.52
CA MET A 247 20.61 17.62 -40.97
C MET A 247 20.08 17.31 -39.59
N ALA A 248 19.43 18.28 -38.94
CA ALA A 248 18.98 18.13 -37.56
C ALA A 248 17.51 18.52 -37.43
N ARG A 249 16.70 18.23 -38.45
CA ARG A 249 15.33 18.71 -38.49
C ARG A 249 14.47 18.13 -37.37
N TYR A 250 14.88 17.02 -36.76
CA TYR A 250 14.16 16.43 -35.64
C TYR A 250 14.89 16.64 -34.32
N VAL A 251 15.87 17.54 -34.28
CA VAL A 251 16.69 17.78 -33.10
C VAL A 251 16.25 19.11 -32.49
N THR A 252 15.57 19.04 -31.35
CA THR A 252 15.25 20.24 -30.59
C THR A 252 15.23 19.89 -29.11
N GLY A 253 15.52 20.89 -28.27
CA GLY A 253 15.60 20.67 -26.84
C GLY A 253 16.81 19.87 -26.40
N ALA A 254 17.84 19.78 -27.23
CA ALA A 254 19.00 18.95 -26.95
C ALA A 254 20.21 19.81 -26.62
N SER A 255 21.18 19.18 -25.96
CA SER A 255 22.48 19.79 -25.70
C SER A 255 23.57 18.91 -26.32
N LEU A 256 24.66 19.54 -26.74
CA LEU A 256 25.75 18.82 -27.39
C LEU A 256 27.09 19.30 -26.82
N LEU A 257 27.76 18.43 -26.09
CA LEU A 257 29.11 18.73 -25.63
C LEU A 257 30.06 18.77 -26.81
N VAL A 258 30.91 19.81 -26.85
CA VAL A 258 31.99 19.90 -27.81
C VAL A 258 33.25 20.23 -27.03
N ASP A 259 33.88 19.20 -26.45
CA ASP A 259 34.90 19.41 -25.43
C ASP A 259 36.08 18.45 -25.53
N GLY A 260 36.13 17.59 -26.55
CA GLY A 260 37.20 16.63 -26.64
C GLY A 260 37.20 15.57 -25.57
N GLY A 261 36.06 15.36 -24.89
CA GLY A 261 35.96 14.36 -23.85
C GLY A 261 36.26 14.85 -22.46
N LEU A 262 36.28 16.17 -22.24
CA LEU A 262 36.68 16.71 -20.94
C LEU A 262 35.69 16.34 -19.85
N PHE A 263 34.40 16.31 -20.18
CA PHE A 263 33.38 16.09 -19.16
C PHE A 263 33.44 14.67 -18.61
N VAL A 264 33.58 13.67 -19.49
CA VAL A 264 33.57 12.28 -19.05
C VAL A 264 34.87 11.88 -18.36
N ASN A 265 35.94 12.64 -18.52
CA ASN A 265 37.25 12.22 -18.02
C ASN A 265 37.33 12.51 -16.52
N LEU A 266 36.85 11.56 -15.72
CA LEU A 266 36.82 11.73 -14.27
C LEU A 266 38.16 11.33 -13.66
N GLN A 267 38.81 12.29 -13.00
CA GLN A 267 39.97 12.08 -12.14
C GLN A 267 40.46 13.43 -11.63
N SER B 12 17.38 13.94 17.83
CA SER B 12 17.01 14.96 16.86
C SER B 12 18.26 15.48 16.14
N LEU B 13 18.12 15.67 14.83
CA LEU B 13 19.29 15.85 13.97
C LEU B 13 19.79 17.29 13.91
N LEU B 14 18.98 18.28 14.27
CA LEU B 14 19.35 19.68 14.11
C LEU B 14 19.42 20.44 15.43
N ILE B 15 19.75 19.73 16.51
CA ILE B 15 19.81 20.35 17.83
C ILE B 15 20.93 21.38 17.85
N ASP B 16 20.65 22.55 18.44
CA ASP B 16 21.55 23.68 18.64
C ASP B 16 21.93 24.38 17.35
N LYS B 17 21.40 23.96 16.20
CA LYS B 17 21.72 24.61 14.93
C LYS B 17 20.73 25.75 14.67
N THR B 18 21.24 26.83 14.08
CA THR B 18 20.42 27.96 13.67
C THR B 18 20.12 27.81 12.18
N VAL B 19 18.83 27.83 11.83
CA VAL B 19 18.39 27.65 10.46
C VAL B 19 17.61 28.89 10.04
N ILE B 20 17.87 29.36 8.82
CA ILE B 20 17.11 30.43 8.20
C ILE B 20 16.36 29.84 7.02
N VAL B 21 15.06 30.14 6.93
CA VAL B 21 14.21 29.64 5.85
C VAL B 21 13.52 30.84 5.21
N THR B 22 13.89 31.14 3.96
CA THR B 22 13.22 32.20 3.22
C THR B 22 11.94 31.69 2.60
N GLY B 23 10.95 32.57 2.50
CA GLY B 23 9.63 32.17 2.04
C GLY B 23 9.00 31.11 2.91
N ALA B 24 9.15 31.25 4.23
CA ALA B 24 8.78 30.21 5.18
C ALA B 24 7.41 30.41 5.81
N SER B 25 6.55 31.21 5.18
CA SER B 25 5.21 31.43 5.73
C SER B 25 4.14 30.57 5.07
N ARG B 26 4.45 29.92 3.95
CA ARG B 26 3.46 29.10 3.26
C ARG B 26 4.18 28.01 2.48
N GLY B 27 3.46 26.92 2.24
CA GLY B 27 3.95 25.87 1.36
C GLY B 27 5.16 25.14 1.93
N ILE B 28 6.14 24.90 1.05
CA ILE B 28 7.30 24.09 1.42
C ILE B 28 8.12 24.78 2.51
N GLY B 29 8.31 26.10 2.37
CA GLY B 29 9.13 26.81 3.34
C GLY B 29 8.55 26.76 4.74
N ARG B 30 7.22 26.83 4.85
CA ARG B 30 6.60 26.75 6.18
C ARG B 30 6.74 25.35 6.76
N ALA B 31 6.52 24.31 5.95
CA ALA B 31 6.66 22.95 6.44
C ALA B 31 8.09 22.63 6.82
N ALA B 32 9.07 23.16 6.05
CA ALA B 32 10.47 22.90 6.36
C ALA B 32 10.90 23.62 7.63
N ALA B 33 10.42 24.86 7.82
CA ALA B 33 10.77 25.62 9.02
C ALA B 33 10.22 24.96 10.28
N ARG B 34 9.00 24.43 10.22
CA ARG B 34 8.45 23.75 11.38
C ARG B 34 9.17 22.44 11.66
N GLU B 35 9.51 21.69 10.60
CA GLU B 35 10.17 20.40 10.77
C GLU B 35 11.56 20.55 11.36
N CYS B 36 12.28 21.62 11.01
CA CYS B 36 13.58 21.88 11.64
C CYS B 36 13.42 22.20 13.12
N ALA B 37 12.38 22.96 13.48
CA ALA B 37 12.13 23.25 14.88
C ALA B 37 11.86 21.97 15.66
N ARG B 38 11.07 21.05 15.08
CA ARG B 38 10.85 19.75 15.70
C ARG B 38 12.12 18.91 15.74
N GLN B 39 13.17 19.29 15.01
CA GLN B 39 14.46 18.64 15.10
C GLN B 39 15.44 19.36 16.02
N GLY B 40 14.97 20.36 16.75
CA GLY B 40 15.79 21.05 17.74
C GLY B 40 16.45 22.32 17.27
N ALA B 41 16.12 22.82 16.09
CA ALA B 41 16.79 23.99 15.53
C ALA B 41 16.09 25.28 15.93
N ARG B 42 16.90 26.33 16.12
CA ARG B 42 16.37 27.68 16.27
C ARG B 42 16.10 28.23 14.87
N VAL B 43 14.82 28.36 14.54
CA VAL B 43 14.41 28.72 13.18
C VAL B 43 14.27 30.23 13.08
N VAL B 44 14.65 30.77 11.94
CA VAL B 44 14.41 32.18 11.59
C VAL B 44 13.45 32.17 10.41
N ILE B 45 12.20 32.53 10.67
CA ILE B 45 11.12 32.38 9.67
C ILE B 45 11.13 33.65 8.82
N GLY B 46 11.83 33.59 7.69
CA GLY B 46 11.83 34.69 6.77
C GLY B 46 10.57 34.73 5.91
N HIS B 47 10.16 35.95 5.55
CA HIS B 47 8.96 36.14 4.76
C HIS B 47 9.12 37.38 3.89
N SER B 48 8.10 37.66 3.08
CA SER B 48 8.18 38.68 2.05
C SER B 48 7.87 40.09 2.56
N GLY B 49 7.40 40.22 3.80
CA GLY B 49 7.00 41.52 4.32
C GLY B 49 5.61 41.96 3.92
N SER B 50 4.92 41.20 3.08
CA SER B 50 3.55 41.52 2.71
C SER B 50 2.63 41.41 3.93
N ASP B 51 1.39 41.85 3.75
CA ASP B 51 0.41 41.74 4.82
C ASP B 51 0.17 40.29 5.20
N GLU B 52 -0.24 39.47 4.22
CA GLU B 52 -0.49 38.06 4.48
C GLU B 52 0.79 37.33 4.87
N GLY B 53 1.93 37.73 4.29
CA GLY B 53 3.18 37.05 4.59
C GLY B 53 3.59 37.18 6.04
N ARG B 54 3.45 38.38 6.61
CA ARG B 54 3.75 38.55 8.02
C ARG B 54 2.76 37.79 8.90
N ALA B 55 1.49 37.72 8.50
CA ALA B 55 0.52 36.94 9.26
C ALA B 55 0.91 35.47 9.31
N GLY B 56 1.22 34.89 8.15
CA GLY B 56 1.58 33.48 8.10
C GLY B 56 2.86 33.18 8.85
N ALA B 57 3.86 34.07 8.73
CA ALA B 57 5.12 33.84 9.43
C ALA B 57 4.98 33.99 10.93
N LEU B 58 4.10 34.88 11.39
CA LEU B 58 3.91 35.06 12.82
C LEU B 58 3.03 33.97 13.42
N SER B 59 2.09 33.42 12.63
CA SER B 59 1.29 32.31 13.12
C SER B 59 2.10 31.03 13.22
N LEU B 60 3.12 30.86 12.35
CA LEU B 60 3.98 29.68 12.44
C LEU B 60 4.89 29.74 13.66
N ALA B 61 5.33 30.95 14.04
CA ALA B 61 6.20 31.08 15.21
C ALA B 61 5.47 30.75 16.51
N GLU B 62 4.17 31.08 16.59
CA GLU B 62 3.38 30.69 17.76
C GLU B 62 3.11 29.19 17.75
N GLU B 63 2.86 28.62 16.56
CA GLU B 63 2.71 27.17 16.45
C GLU B 63 3.99 26.46 16.82
N ILE B 64 5.15 27.02 16.43
CA ILE B 64 6.43 26.42 16.80
C ILE B 64 6.64 26.52 18.31
N ALA B 65 6.39 27.69 18.89
CA ALA B 65 6.47 27.85 20.33
C ALA B 65 5.44 27.00 21.06
N ALA B 66 4.32 26.67 20.39
CA ALA B 66 3.28 25.89 21.05
C ALA B 66 3.75 24.50 21.43
N PHE B 67 4.66 23.91 20.65
CA PHE B 67 5.21 22.60 20.98
C PHE B 67 6.63 22.68 21.55
N GLY B 68 7.03 23.85 22.06
CA GLY B 68 8.29 23.98 22.75
C GLY B 68 9.46 24.43 21.89
N GLY B 69 9.23 24.85 20.65
CA GLY B 69 10.29 25.28 19.77
C GLY B 69 10.67 26.74 19.96
N THR B 70 11.68 27.16 19.19
CA THR B 70 12.22 28.51 19.28
C THR B 70 12.37 29.06 17.86
N ALA B 71 11.57 30.08 17.52
CA ALA B 71 11.57 30.63 16.18
C ALA B 71 11.30 32.14 16.25
N ILE B 72 11.81 32.86 15.24
CA ILE B 72 11.54 34.29 15.08
C ILE B 72 11.10 34.54 13.65
N ALA B 73 10.42 35.66 13.45
CA ALA B 73 9.95 36.09 12.15
C ALA B 73 10.73 37.31 11.69
N VAL B 74 11.10 37.33 10.41
CA VAL B 74 11.91 38.41 9.84
C VAL B 74 11.39 38.69 8.43
N GLY B 75 10.96 39.93 8.20
CA GLY B 75 10.57 40.34 6.86
C GLY B 75 11.79 40.67 6.04
N ALA B 76 11.86 40.09 4.84
CA ALA B 76 13.05 40.23 4.00
C ALA B 76 12.66 39.93 2.55
N ASP B 77 12.31 41.00 1.82
CA ASP B 77 11.99 40.88 0.40
C ASP B 77 13.16 40.24 -0.34
N ALA B 78 12.91 39.07 -0.93
CA ALA B 78 14.00 38.34 -1.60
C ALA B 78 14.55 39.11 -2.78
N ALA B 79 13.70 39.91 -3.45
CA ALA B 79 14.18 40.73 -4.56
C ALA B 79 15.11 41.84 -4.08
N ASP B 80 14.99 42.26 -2.82
CA ASP B 80 15.88 43.28 -2.25
C ASP B 80 17.16 42.60 -1.81
N LEU B 81 18.27 42.90 -2.49
CA LEU B 81 19.54 42.23 -2.22
C LEU B 81 20.10 42.56 -0.85
N ASP B 82 19.47 43.46 -0.09
CA ASP B 82 19.85 43.72 1.29
C ASP B 82 19.34 42.64 2.24
N SER B 83 18.42 41.79 1.80
CA SER B 83 17.75 40.87 2.72
C SER B 83 18.73 39.85 3.30
N GLY B 84 19.73 39.43 2.51
CA GLY B 84 20.65 38.41 2.99
C GLY B 84 21.31 38.77 4.30
N GLU B 85 21.89 39.96 4.37
CA GLU B 85 22.54 40.41 5.59
C GLU B 85 21.55 40.80 6.67
N LYS B 86 20.30 41.09 6.31
CA LYS B 86 19.30 41.38 7.34
C LYS B 86 18.90 40.11 8.08
N LEU B 87 18.69 39.01 7.37
CA LEU B 87 18.38 37.74 8.02
C LEU B 87 19.55 37.25 8.85
N VAL B 88 20.77 37.38 8.32
CA VAL B 88 21.94 36.89 9.03
C VAL B 88 22.13 37.66 10.34
N ALA B 89 22.08 38.99 10.27
CA ALA B 89 22.22 39.80 11.47
C ALA B 89 21.10 39.52 12.47
N ALA B 90 19.88 39.31 11.97
CA ALA B 90 18.76 39.00 12.86
C ALA B 90 18.91 37.63 13.48
N ALA B 91 19.57 36.70 12.78
CA ALA B 91 19.78 35.36 13.33
C ALA B 91 20.84 35.36 14.42
N VAL B 92 21.92 36.12 14.24
CA VAL B 92 22.96 36.14 15.26
C VAL B 92 22.56 37.03 16.44
N GLU B 93 21.76 38.06 16.19
CA GLU B 93 21.22 38.83 17.30
C GLU B 93 20.29 37.98 18.15
N ALA B 94 19.48 37.15 17.51
CA ALA B 94 18.51 36.34 18.24
C ALA B 94 19.12 35.05 18.79
N PHE B 95 19.98 34.39 18.01
CA PHE B 95 20.48 33.08 18.38
C PHE B 95 21.99 32.96 18.41
N GLY B 96 22.72 34.01 18.04
CA GLY B 96 24.17 33.99 18.16
C GLY B 96 24.90 33.10 17.18
N SER B 97 24.25 32.69 16.09
CA SER B 97 24.88 31.77 15.16
C SER B 97 24.06 31.72 13.87
N VAL B 98 24.71 31.22 12.82
CA VAL B 98 24.05 30.84 11.57
C VAL B 98 24.67 29.52 11.13
N ASP B 99 23.86 28.46 11.09
CA ASP B 99 24.37 27.12 10.82
C ASP B 99 23.78 26.47 9.58
N VAL B 100 22.56 26.83 9.17
CA VAL B 100 21.89 26.24 8.01
C VAL B 100 21.12 27.34 7.29
N LEU B 101 21.10 27.28 5.95
CA LEU B 101 20.28 28.17 5.13
C LEU B 101 19.42 27.33 4.20
N VAL B 102 18.11 27.48 4.32
CA VAL B 102 17.14 26.85 3.43
C VAL B 102 16.55 27.96 2.57
N ASN B 103 17.09 28.15 1.37
CA ASN B 103 16.64 29.21 0.47
C ASN B 103 15.46 28.70 -0.35
N ASN B 104 14.25 29.06 0.08
CA ASN B 104 13.03 28.57 -0.54
C ASN B 104 12.22 29.64 -1.25
N ALA B 105 12.40 30.92 -0.90
CA ALA B 105 11.58 31.99 -1.45
C ALA B 105 11.69 32.05 -2.96
N GLY B 106 10.55 32.23 -3.63
CA GLY B 106 10.53 32.30 -5.08
C GLY B 106 9.12 32.49 -5.57
N ILE B 107 9.00 32.86 -6.85
CA ILE B 107 7.73 33.07 -7.50
C ILE B 107 7.71 32.29 -8.82
N CYS B 108 6.52 31.90 -9.24
CA CYS B 108 6.32 31.24 -10.53
C CYS B 108 5.07 31.78 -11.18
N PRO B 109 5.16 32.93 -11.86
CA PRO B 109 4.01 33.44 -12.61
C PRO B 109 3.98 32.90 -14.03
N PHE B 110 3.10 31.94 -14.29
CA PHE B 110 2.99 31.35 -15.63
C PHE B 110 2.63 32.43 -16.65
N HIS B 111 3.33 32.40 -17.79
CA HIS B 111 3.15 33.41 -18.82
C HIS B 111 3.76 32.91 -20.12
N SER B 112 3.08 33.15 -21.22
CA SER B 112 3.59 32.75 -22.52
C SER B 112 4.87 33.52 -22.87
N PHE B 113 5.62 32.98 -23.83
CA PHE B 113 6.97 33.46 -24.09
C PHE B 113 7.01 34.64 -25.05
N LEU B 114 6.31 34.54 -26.18
CA LEU B 114 6.48 35.53 -27.25
C LEU B 114 5.98 36.91 -26.87
N ASP B 115 5.16 37.04 -25.83
CA ASP B 115 4.76 38.35 -25.33
C ASP B 115 5.14 38.53 -23.87
N MET B 116 6.19 37.85 -23.44
CA MET B 116 6.67 37.96 -22.06
C MET B 116 7.10 39.39 -21.77
N PRO B 117 6.47 40.09 -20.83
CA PRO B 117 6.88 41.46 -20.51
C PRO B 117 8.29 41.47 -19.92
N ARG B 118 8.97 42.59 -20.09
CA ARG B 118 10.34 42.70 -19.61
C ARG B 118 10.41 42.77 -18.10
N GLU B 119 9.48 43.50 -17.48
CA GLU B 119 9.48 43.63 -16.03
C GLU B 119 9.01 42.36 -15.32
N LEU B 120 8.24 41.51 -16.00
CA LEU B 120 7.87 40.23 -15.39
C LEU B 120 9.05 39.27 -15.34
N TYR B 121 9.84 39.22 -16.42
CA TYR B 121 11.05 38.41 -16.41
C TYR B 121 12.02 38.89 -15.34
N LEU B 122 12.16 40.22 -15.20
CA LEU B 122 13.17 40.76 -14.29
C LEU B 122 12.81 40.48 -12.84
N LYS B 123 11.51 40.52 -12.51
CA LYS B 123 11.10 40.16 -11.16
C LYS B 123 11.29 38.67 -10.90
N THR B 124 11.07 37.84 -11.92
CA THR B 124 11.22 36.40 -11.78
C THR B 124 12.66 36.02 -11.47
N VAL B 125 13.59 36.45 -12.33
CA VAL B 125 15.01 36.15 -12.13
C VAL B 125 15.53 36.84 -10.88
N GLY B 126 15.09 38.07 -10.63
CA GLY B 126 15.59 38.81 -9.48
C GLY B 126 15.26 38.14 -8.16
N THR B 127 14.05 37.58 -8.06
CA THR B 127 13.63 36.95 -6.81
C THR B 127 14.17 35.53 -6.70
N ASN B 128 14.11 34.75 -7.79
CA ASN B 128 14.45 33.33 -7.70
C ASN B 128 15.95 33.09 -7.67
N LEU B 129 16.73 33.88 -8.42
CA LEU B 129 18.15 33.62 -8.61
C LEU B 129 19.04 34.68 -7.97
N ASN B 130 18.89 35.95 -8.37
CA ASN B 130 19.78 36.99 -7.87
C ASN B 130 19.63 37.17 -6.36
N GLY B 131 18.38 37.29 -5.89
CA GLY B 131 18.16 37.43 -4.45
C GLY B 131 18.63 36.21 -3.67
N ALA B 132 18.48 35.02 -4.26
CA ALA B 132 19.02 33.81 -3.63
C ALA B 132 20.54 33.87 -3.58
N TYR B 133 21.17 34.37 -4.64
CA TYR B 133 22.63 34.45 -4.70
C TYR B 133 23.22 35.15 -3.48
N PHE B 134 22.73 36.37 -3.20
CA PHE B 134 23.32 37.15 -2.11
C PHE B 134 22.78 36.76 -0.75
N THR B 135 21.62 36.09 -0.69
CA THR B 135 21.25 35.42 0.55
C THR B 135 22.22 34.30 0.88
N VAL B 136 22.58 33.50 -0.12
CA VAL B 136 23.57 32.44 0.07
C VAL B 136 24.90 33.03 0.49
N GLN B 137 25.32 34.12 -0.16
CA GLN B 137 26.60 34.72 0.17
C GLN B 137 26.63 35.25 1.59
N ALA B 138 25.55 35.89 2.03
CA ALA B 138 25.52 36.46 3.37
C ALA B 138 25.58 35.36 4.43
N ALA B 139 24.86 34.26 4.21
CA ALA B 139 24.92 33.15 5.16
C ALA B 139 26.28 32.45 5.10
N ALA B 140 26.85 32.31 3.90
CA ALA B 140 28.10 31.57 3.76
C ALA B 140 29.26 32.31 4.39
N ARG B 141 29.23 33.65 4.41
CA ARG B 141 30.31 34.40 5.04
C ARG B 141 30.28 34.25 6.56
N ARG B 142 29.08 34.21 7.14
CA ARG B 142 28.98 34.01 8.59
C ARG B 142 29.40 32.60 8.97
N MET B 143 29.06 31.60 8.14
CA MET B 143 29.49 30.23 8.40
C MET B 143 31.01 30.12 8.38
N LYS B 144 31.66 30.82 7.46
CA LYS B 144 33.12 30.81 7.42
C LYS B 144 33.70 31.55 8.62
N GLU B 145 33.07 32.65 9.03
CA GLU B 145 33.58 33.42 10.16
C GLU B 145 33.51 32.63 11.45
N GLN B 146 32.47 31.81 11.62
CA GLN B 146 32.40 30.94 12.79
C GLN B 146 33.41 29.81 12.68
N GLY B 147 33.66 29.31 11.48
CA GLY B 147 34.62 28.24 11.29
C GLY B 147 34.19 26.91 11.87
N ARG B 148 32.89 26.64 11.93
CA ARG B 148 32.37 25.38 12.46
C ARG B 148 31.59 24.60 11.41
N GLY B 149 31.79 24.93 10.13
CA GLY B 149 31.07 24.25 9.07
C GLY B 149 29.68 24.83 8.86
N GLY B 150 28.93 24.16 8.01
CA GLY B 150 27.56 24.58 7.72
C GLY B 150 26.99 23.80 6.56
N ALA B 151 25.70 24.06 6.32
CA ALA B 151 24.98 23.41 5.23
C ALA B 151 24.05 24.44 4.58
N ILE B 152 23.83 24.27 3.28
CA ILE B 152 22.96 25.16 2.51
C ILE B 152 22.10 24.32 1.58
N ILE B 153 20.80 24.56 1.59
CA ILE B 153 19.85 23.84 0.74
C ILE B 153 19.05 24.85 -0.07
N ALA B 154 19.01 24.66 -1.38
CA ALA B 154 18.26 25.51 -2.29
C ALA B 154 17.07 24.72 -2.82
N VAL B 155 15.87 25.23 -2.60
CA VAL B 155 14.65 24.58 -3.06
C VAL B 155 14.46 24.93 -4.54
N SER B 156 14.89 24.04 -5.42
CA SER B 156 14.80 24.24 -6.86
C SER B 156 13.56 23.51 -7.37
N SER B 157 13.61 22.74 -8.45
CA SER B 157 12.41 22.11 -8.99
C SER B 157 12.81 21.08 -10.04
N ILE B 158 11.88 20.17 -10.33
CA ILE B 158 12.02 19.26 -11.47
C ILE B 158 12.26 20.04 -12.75
N SER B 159 11.72 21.26 -12.84
CA SER B 159 11.91 22.10 -14.00
C SER B 159 13.36 22.54 -14.19
N ALA B 160 14.26 22.17 -13.28
CA ALA B 160 15.68 22.38 -13.50
C ALA B 160 16.27 21.38 -14.49
N LEU B 161 15.50 20.37 -14.91
CA LEU B 161 15.98 19.35 -15.83
C LEU B 161 15.15 19.25 -17.10
N VAL B 162 13.97 19.86 -17.16
CA VAL B 162 13.07 19.75 -18.30
C VAL B 162 12.51 21.13 -18.64
N GLY B 163 11.70 21.19 -19.68
CA GLY B 163 11.19 22.45 -20.17
C GLY B 163 9.75 22.72 -19.78
N GLY B 164 9.36 23.98 -19.90
CA GLY B 164 7.99 24.39 -19.65
C GLY B 164 7.59 25.55 -20.54
N ALA B 165 6.65 25.31 -21.45
CA ALA B 165 6.32 26.31 -22.47
C ALA B 165 5.86 27.62 -21.85
N MET B 166 5.12 27.55 -20.74
CA MET B 166 4.67 28.75 -20.04
C MET B 166 5.61 29.15 -18.92
N GLN B 167 6.83 28.61 -18.89
CA GLN B 167 7.78 28.87 -17.82
C GLN B 167 9.17 29.21 -18.37
N THR B 168 9.22 29.80 -19.58
CA THR B 168 10.50 30.10 -20.21
C THR B 168 11.36 31.01 -19.34
N HIS B 169 10.73 31.92 -18.60
CA HIS B 169 11.44 32.77 -17.65
C HIS B 169 11.72 32.05 -16.34
N TYR B 170 11.01 30.97 -16.05
CA TYR B 170 11.04 30.32 -14.74
C TYR B 170 12.11 29.23 -14.66
N THR B 171 12.16 28.33 -15.62
CA THR B 171 13.09 27.21 -15.54
C THR B 171 14.56 27.62 -15.48
N PRO B 172 15.04 28.66 -16.20
CA PRO B 172 16.44 29.05 -16.02
C PRO B 172 16.78 29.48 -14.60
N THR B 173 15.84 30.07 -13.88
CA THR B 173 16.08 30.43 -12.49
C THR B 173 16.31 29.19 -11.63
N LYS B 174 15.53 28.13 -11.88
CA LYS B 174 15.67 26.91 -11.10
C LYS B 174 16.88 26.10 -11.53
N ALA B 175 17.12 26.01 -12.84
CA ALA B 175 18.36 25.39 -13.31
C ALA B 175 19.59 26.14 -12.82
N GLY B 176 19.48 27.46 -12.66
CA GLY B 176 20.60 28.24 -12.17
C GLY B 176 20.84 28.08 -10.69
N LEU B 177 19.78 27.81 -9.92
CA LEU B 177 19.95 27.55 -8.49
C LEU B 177 20.67 26.23 -8.27
N LEU B 178 20.39 25.21 -9.08
CA LEU B 178 21.18 23.99 -9.05
C LEU B 178 22.64 24.29 -9.37
N SER B 179 22.87 25.00 -10.48
CA SER B 179 24.24 25.34 -10.87
C SER B 179 24.94 26.19 -9.81
N LEU B 180 24.16 26.93 -9.02
CA LEU B 180 24.74 27.74 -7.96
C LEU B 180 25.24 26.87 -6.82
N MET B 181 24.52 25.80 -6.49
CA MET B 181 24.97 24.91 -5.42
C MET B 181 26.22 24.13 -5.85
N GLN B 182 26.26 23.71 -7.11
CA GLN B 182 27.41 22.98 -7.62
C GLN B 182 28.68 23.79 -7.46
N SER B 183 28.67 25.06 -7.89
CA SER B 183 29.88 25.88 -7.87
C SER B 183 30.23 26.33 -6.46
N CYS B 184 29.22 26.69 -5.66
CA CYS B 184 29.45 27.07 -4.27
C CYS B 184 29.95 25.89 -3.45
N ALA B 185 29.56 24.67 -3.83
CA ALA B 185 30.12 23.49 -3.17
C ALA B 185 31.64 23.49 -3.26
N ILE B 186 32.17 23.76 -4.45
CA ILE B 186 33.63 23.86 -4.62
C ILE B 186 34.18 25.02 -3.78
N ALA B 187 33.61 26.21 -3.96
CA ALA B 187 34.14 27.41 -3.33
C ALA B 187 33.99 27.40 -1.81
N LEU B 188 33.05 26.62 -1.26
CA LEU B 188 32.84 26.56 0.18
C LEU B 188 33.19 25.22 0.81
N GLY B 189 33.52 24.22 -0.01
CA GLY B 189 33.97 22.94 0.48
C GLY B 189 35.08 23.01 1.53
N PRO B 190 36.13 23.80 1.26
CA PRO B 190 37.23 23.90 2.23
C PRO B 190 36.82 24.42 3.60
N TYR B 191 35.67 25.08 3.71
CA TYR B 191 35.22 25.63 4.98
C TYR B 191 34.19 24.74 5.67
N GLY B 192 34.01 23.51 5.20
CA GLY B 192 33.01 22.64 5.78
C GLY B 192 31.59 23.06 5.52
N ILE B 193 31.34 23.76 4.41
CA ILE B 193 30.01 24.20 4.03
C ILE B 193 29.53 23.33 2.89
N ARG B 194 28.46 22.58 3.12
CA ARG B 194 27.84 21.73 2.12
C ARG B 194 26.69 22.48 1.45
N CYS B 195 26.57 22.32 0.13
CA CYS B 195 25.55 22.99 -0.66
C CYS B 195 24.87 21.98 -1.57
N ASN B 196 23.55 21.88 -1.47
CA ASN B 196 22.78 20.90 -2.24
C ASN B 196 21.43 21.50 -2.60
N ALA B 197 20.71 20.82 -3.49
CA ALA B 197 19.44 21.29 -4.00
C ALA B 197 18.41 20.17 -3.98
N VAL B 198 17.18 20.49 -3.56
CA VAL B 198 16.05 19.58 -3.69
C VAL B 198 15.25 19.99 -4.93
N LEU B 199 14.73 18.99 -5.64
CA LEU B 199 14.00 19.21 -6.90
C LEU B 199 12.59 18.65 -6.74
N PRO B 200 11.69 19.40 -6.11
CA PRO B 200 10.33 18.89 -5.91
C PRO B 200 9.56 18.81 -7.22
N GLY B 201 8.63 17.86 -7.27
CA GLY B 201 7.71 17.71 -8.36
C GLY B 201 6.46 18.54 -8.16
N THR B 202 5.33 18.04 -8.65
CA THR B 202 4.05 18.73 -8.51
C THR B 202 3.63 18.71 -7.05
N ILE B 203 3.93 19.79 -6.33
CA ILE B 203 3.58 19.92 -4.92
C ILE B 203 2.30 20.74 -4.85
N ALA B 204 1.19 20.09 -4.49
CA ALA B 204 -0.11 20.75 -4.44
C ALA B 204 -0.14 21.69 -3.24
N THR B 205 -0.02 22.99 -3.51
CA THR B 205 -0.06 24.00 -2.46
C THR B 205 -1.21 24.97 -2.67
N LEU B 215 -10.92 20.19 -10.63
CA LEU B 215 -10.52 18.83 -10.26
C LEU B 215 -10.43 17.94 -11.48
N GLU B 216 -10.88 18.45 -12.62
CA GLU B 216 -10.82 17.68 -13.86
C GLU B 216 -9.38 17.49 -14.32
N LYS B 217 -8.55 18.51 -14.16
CA LYS B 217 -7.13 18.41 -14.49
C LYS B 217 -6.31 17.81 -13.35
N ARG B 218 -6.81 17.89 -12.11
CA ARG B 218 -6.09 17.31 -10.99
C ARG B 218 -6.03 15.79 -11.08
N GLU B 219 -7.01 15.17 -11.72
CA GLU B 219 -6.98 13.72 -11.89
C GLU B 219 -5.93 13.32 -12.92
N ARG B 220 -5.81 14.07 -14.01
CA ARG B 220 -4.84 13.73 -15.05
C ARG B 220 -3.41 13.94 -14.56
N MET B 221 -3.19 14.94 -13.69
CA MET B 221 -1.84 15.16 -13.19
C MET B 221 -1.42 14.04 -12.25
N THR B 222 -2.36 13.50 -11.47
CA THR B 222 -2.03 12.37 -10.60
C THR B 222 -1.68 11.12 -11.40
N SER B 223 -2.32 10.93 -12.55
CA SER B 223 -2.08 9.75 -13.38
C SER B 223 -0.67 9.69 -13.94
N ARG B 224 0.11 10.76 -13.82
CA ARG B 224 1.49 10.79 -14.31
C ARG B 224 2.50 10.58 -13.20
N VAL B 225 2.06 10.33 -11.97
CA VAL B 225 2.93 10.13 -10.82
C VAL B 225 2.90 8.64 -10.46
N PRO B 226 4.01 7.92 -10.59
CA PRO B 226 4.00 6.48 -10.23
C PRO B 226 3.56 6.21 -8.82
N LEU B 227 3.94 7.05 -7.86
CA LEU B 227 3.46 6.87 -6.49
C LEU B 227 1.94 7.07 -6.38
N GLY B 228 1.33 7.70 -7.39
CA GLY B 228 -0.11 7.79 -7.45
C GLY B 228 -0.74 8.89 -6.64
N ARG B 229 0.04 9.87 -6.19
CA ARG B 229 -0.52 11.00 -5.45
C ARG B 229 0.33 12.23 -5.70
N LEU B 230 -0.32 13.39 -5.66
CA LEU B 230 0.41 14.64 -5.78
C LEU B 230 1.20 14.93 -4.51
N GLY B 231 2.06 15.93 -4.57
CA GLY B 231 2.91 16.26 -3.45
C GLY B 231 2.27 17.23 -2.47
N GLU B 232 2.79 17.22 -1.26
CA GLU B 232 2.38 18.08 -0.17
C GLU B 232 3.61 18.69 0.47
N PRO B 233 3.49 19.85 1.12
CA PRO B 233 4.67 20.49 1.71
C PRO B 233 5.49 19.60 2.63
N ASP B 234 4.85 18.74 3.42
CA ASP B 234 5.58 17.88 4.34
C ASP B 234 6.44 16.86 3.60
N ASP B 235 6.08 16.50 2.37
CA ASP B 235 6.89 15.59 1.57
C ASP B 235 8.29 16.13 1.31
N LEU B 236 8.48 17.45 1.43
CA LEU B 236 9.78 18.08 1.18
C LEU B 236 10.56 18.35 2.46
N ALA B 237 9.95 18.19 3.63
CA ALA B 237 10.64 18.52 4.87
C ALA B 237 11.65 17.45 5.28
N GLY B 238 11.36 16.18 4.99
CA GLY B 238 12.28 15.10 5.22
C GLY B 238 13.56 15.20 4.41
N PRO B 239 13.42 15.34 3.09
CA PRO B 239 14.63 15.59 2.27
C PRO B 239 15.44 16.79 2.72
N ILE B 240 14.78 17.88 3.10
CA ILE B 240 15.50 19.09 3.48
C ILE B 240 16.26 18.87 4.79
N VAL B 241 15.60 18.32 5.80
CA VAL B 241 16.25 18.12 7.08
C VAL B 241 17.36 17.07 6.97
N PHE B 242 17.25 16.13 6.04
CA PHE B 242 18.33 15.19 5.79
C PHE B 242 19.56 15.90 5.25
N LEU B 243 19.39 16.67 4.18
CA LEU B 243 20.53 17.37 3.58
C LEU B 243 21.16 18.36 4.55
N ALA B 244 20.39 18.84 5.53
CA ALA B 244 20.90 19.79 6.50
C ALA B 244 21.58 19.11 7.69
N SER B 245 21.56 17.79 7.77
CA SER B 245 21.97 17.06 8.96
C SER B 245 23.31 16.35 8.72
N ASP B 246 23.79 15.69 9.78
CA ASP B 246 25.02 14.90 9.72
C ASP B 246 24.85 13.59 8.96
N MET B 247 23.61 13.16 8.70
CA MET B 247 23.39 12.01 7.83
C MET B 247 23.91 12.24 6.42
N ALA B 248 24.20 13.48 6.05
CA ALA B 248 24.73 13.83 4.73
C ALA B 248 26.08 14.53 4.85
N ARG B 249 26.89 14.10 5.81
CA ARG B 249 28.18 14.74 6.08
C ARG B 249 29.10 14.73 4.86
N TYR B 250 28.88 13.81 3.91
CA TYR B 250 29.71 13.71 2.72
C TYR B 250 28.95 14.07 1.45
N VAL B 251 27.85 14.80 1.57
CA VAL B 251 26.99 15.13 0.44
C VAL B 251 27.09 16.63 0.20
N THR B 252 27.64 17.01 -0.96
CA THR B 252 27.69 18.41 -1.35
C THR B 252 27.75 18.47 -2.87
N GLY B 253 27.11 19.50 -3.44
CA GLY B 253 27.00 19.59 -4.88
C GLY B 253 26.05 18.58 -5.50
N ALA B 254 25.14 18.03 -4.70
CA ALA B 254 24.20 17.01 -5.15
C ALA B 254 22.80 17.61 -5.32
N SER B 255 21.94 16.87 -6.03
CA SER B 255 20.56 17.26 -6.24
C SER B 255 19.67 16.03 -6.02
N LEU B 256 18.50 16.25 -5.41
CA LEU B 256 17.62 15.15 -5.02
C LEU B 256 16.22 15.43 -5.55
N LEU B 257 15.75 14.60 -6.48
CA LEU B 257 14.38 14.70 -6.95
C LEU B 257 13.41 14.21 -5.89
N VAL B 258 12.42 15.04 -5.57
CA VAL B 258 11.35 14.65 -4.66
C VAL B 258 10.03 14.83 -5.38
N ASP B 259 9.72 13.89 -6.27
CA ASP B 259 8.62 14.09 -7.22
C ASP B 259 7.74 12.85 -7.38
N GLY B 260 7.89 11.85 -6.52
CA GLY B 260 7.11 10.63 -6.67
C GLY B 260 7.28 9.92 -7.99
N GLY B 261 8.45 10.04 -8.63
CA GLY B 261 8.70 9.38 -9.88
C GLY B 261 8.21 10.10 -11.11
N LEU B 262 7.85 11.38 -11.00
CA LEU B 262 7.28 12.10 -12.13
C LEU B 262 8.31 12.29 -13.24
N PHE B 263 9.56 12.59 -12.88
CA PHE B 263 10.57 12.88 -13.89
C PHE B 263 10.87 11.66 -14.76
N VAL B 264 10.98 10.47 -14.15
CA VAL B 264 11.43 9.30 -14.89
C VAL B 264 10.33 8.67 -15.75
N ASN B 265 9.05 8.93 -15.44
CA ASN B 265 7.97 8.22 -16.12
C ASN B 265 7.61 8.95 -17.41
N LEU B 266 8.40 8.66 -18.45
CA LEU B 266 8.13 9.19 -19.78
C LEU B 266 6.75 8.75 -20.24
N GLN B 267 6.05 9.65 -20.94
CA GLN B 267 4.67 9.43 -21.40
C GLN B 267 3.66 9.55 -20.26
N SER C 12 14.29 3.09 15.56
CA SER C 12 14.09 4.45 15.07
C SER C 12 13.49 4.45 13.66
N LEU C 13 14.33 4.82 12.68
CA LEU C 13 13.85 5.05 11.32
C LEU C 13 13.37 3.77 10.63
N LEU C 14 13.86 2.61 11.05
CA LEU C 14 13.60 1.35 10.36
C LEU C 14 13.08 0.29 11.32
N ILE C 15 12.27 0.69 12.29
CA ILE C 15 11.79 -0.25 13.29
C ILE C 15 10.79 -1.22 12.66
N ASP C 16 10.79 -2.45 13.18
CA ASP C 16 9.90 -3.53 12.70
C ASP C 16 10.08 -3.82 11.22
N LYS C 17 11.27 -3.56 10.67
CA LYS C 17 11.53 -3.69 9.25
C LYS C 17 12.66 -4.67 9.00
N THR C 18 12.53 -5.45 7.91
CA THR C 18 13.53 -6.41 7.50
C THR C 18 14.25 -5.89 6.26
N VAL C 19 15.56 -5.75 6.36
CA VAL C 19 16.37 -5.19 5.28
C VAL C 19 17.35 -6.26 4.79
N ILE C 20 17.31 -6.52 3.48
CA ILE C 20 18.33 -7.35 2.84
C ILE C 20 19.41 -6.43 2.27
N VAL C 21 20.66 -6.72 2.61
CA VAL C 21 21.81 -5.98 2.11
C VAL C 21 22.77 -6.99 1.50
N THR C 22 22.87 -7.01 0.17
CA THR C 22 23.81 -7.88 -0.50
C THR C 22 25.21 -7.29 -0.44
N GLY C 23 26.21 -8.17 -0.39
CA GLY C 23 27.59 -7.74 -0.24
C GLY C 23 27.81 -6.91 1.00
N ALA C 24 27.28 -7.38 2.14
CA ALA C 24 27.34 -6.66 3.39
C ALA C 24 28.48 -7.14 4.28
N SER C 25 29.42 -7.91 3.76
CA SER C 25 30.54 -8.37 4.57
C SER C 25 31.61 -7.31 4.72
N ARG C 26 31.76 -6.42 3.73
CA ARG C 26 32.84 -5.43 3.74
C ARG C 26 32.36 -4.14 3.13
N GLY C 27 33.09 -3.07 3.41
CA GLY C 27 32.94 -1.83 2.66
C GLY C 27 31.62 -1.14 2.92
N ILE C 28 30.98 -0.71 1.82
CA ILE C 28 29.75 0.07 1.92
C ILE C 28 28.61 -0.78 2.46
N GLY C 29 28.48 -2.02 1.98
CA GLY C 29 27.39 -2.87 2.44
C GLY C 29 27.46 -3.16 3.92
N ARG C 30 28.67 -3.40 4.43
CA ARG C 30 28.83 -3.65 5.86
C ARG C 30 28.41 -2.46 6.69
N ALA C 31 28.79 -1.24 6.28
CA ALA C 31 28.41 -0.05 7.01
C ALA C 31 26.91 0.21 6.93
N ALA C 32 26.31 -0.05 5.76
CA ALA C 32 24.87 0.18 5.60
C ALA C 32 24.07 -0.80 6.44
N ALA C 33 24.44 -2.08 6.43
CA ALA C 33 23.70 -3.07 7.20
C ALA C 33 23.80 -2.78 8.69
N ARG C 34 24.98 -2.39 9.17
CA ARG C 34 25.13 -2.05 10.58
C ARG C 34 24.26 -0.86 10.96
N GLU C 35 24.12 0.11 10.06
CA GLU C 35 23.37 1.31 10.39
C GLU C 35 21.87 1.05 10.44
N CYS C 36 21.35 0.26 9.49
CA CYS C 36 19.94 -0.13 9.51
C CYS C 36 19.58 -0.88 10.78
N ALA C 37 20.48 -1.76 11.24
CA ALA C 37 20.26 -2.42 12.51
C ALA C 37 20.25 -1.42 13.66
N ARG C 38 21.11 -0.41 13.59
CA ARG C 38 21.09 0.66 14.58
C ARG C 38 19.80 1.46 14.52
N GLN C 39 19.08 1.41 13.39
CA GLN C 39 17.80 2.09 13.23
C GLN C 39 16.62 1.17 13.50
N GLY C 40 16.86 0.02 14.14
CA GLY C 40 15.79 -0.86 14.58
C GLY C 40 15.38 -1.95 13.61
N ALA C 41 16.19 -2.24 12.59
CA ALA C 41 15.83 -3.21 11.58
C ALA C 41 16.46 -4.57 11.88
N ARG C 42 15.90 -5.60 11.23
CA ARG C 42 16.44 -6.95 11.26
C ARG C 42 17.07 -7.21 9.90
N VAL C 43 18.38 -7.44 9.88
CA VAL C 43 19.19 -7.32 8.68
C VAL C 43 19.61 -8.71 8.21
N VAL C 44 19.31 -9.02 6.95
CA VAL C 44 19.89 -10.16 6.26
C VAL C 44 21.23 -9.70 5.69
N ILE C 45 22.32 -10.20 6.27
CA ILE C 45 23.67 -9.83 5.84
C ILE C 45 24.08 -10.77 4.71
N GLY C 46 24.12 -10.26 3.48
CA GLY C 46 24.44 -11.07 2.33
C GLY C 46 25.94 -11.08 2.04
N HIS C 47 26.42 -12.24 1.60
CA HIS C 47 27.82 -12.38 1.19
C HIS C 47 27.88 -13.37 0.03
N SER C 48 29.09 -13.53 -0.51
CA SER C 48 29.26 -14.32 -1.71
C SER C 48 29.41 -15.81 -1.44
N GLY C 49 29.71 -16.20 -0.21
CA GLY C 49 29.90 -17.59 0.16
C GLY C 49 31.34 -17.97 0.42
N SER C 50 32.29 -17.13 0.00
CA SER C 50 33.70 -17.37 0.30
C SER C 50 33.92 -17.43 1.81
N ASP C 51 35.02 -18.06 2.21
CA ASP C 51 35.35 -18.14 3.63
C ASP C 51 35.60 -16.76 4.20
N GLU C 52 36.25 -15.88 3.43
CA GLU C 52 36.47 -14.51 3.89
C GLU C 52 35.16 -13.75 4.02
N GLY C 53 34.27 -13.90 3.04
CA GLY C 53 32.98 -13.25 3.12
C GLY C 53 32.14 -13.75 4.28
N ARG C 54 32.09 -15.07 4.47
CA ARG C 54 31.32 -15.63 5.57
C ARG C 54 31.85 -15.17 6.92
N ALA C 55 33.18 -15.08 7.05
CA ALA C 55 33.76 -14.58 8.29
C ALA C 55 33.35 -13.13 8.55
N GLY C 56 33.33 -12.30 7.51
CA GLY C 56 32.95 -10.92 7.68
C GLY C 56 31.48 -10.75 7.99
N ALA C 57 30.62 -11.51 7.31
CA ALA C 57 29.19 -11.48 7.60
C ALA C 57 28.91 -11.93 9.03
N LEU C 58 29.62 -12.95 9.50
CA LEU C 58 29.45 -13.39 10.89
C LEU C 58 30.02 -12.38 11.87
N SER C 59 31.14 -11.74 11.51
CA SER C 59 31.73 -10.72 12.37
C SER C 59 30.77 -9.54 12.57
N LEU C 60 30.05 -9.15 11.50
CA LEU C 60 29.12 -8.03 11.61
C LEU C 60 27.90 -8.41 12.42
N ALA C 61 27.39 -9.63 12.22
CA ALA C 61 26.23 -10.08 13.00
C ALA C 61 26.54 -10.09 14.50
N GLU C 62 27.72 -10.60 14.87
CA GLU C 62 28.10 -10.60 16.28
C GLU C 62 28.21 -9.19 16.83
N GLU C 63 28.63 -8.23 16.00
CA GLU C 63 28.66 -6.83 16.44
C GLU C 63 27.24 -6.27 16.56
N ILE C 64 26.36 -6.63 15.63
CA ILE C 64 24.98 -6.14 15.68
C ILE C 64 24.29 -6.68 16.93
N ALA C 65 24.56 -7.92 17.29
CA ALA C 65 24.02 -8.48 18.53
C ALA C 65 24.57 -7.75 19.75
N ALA C 66 25.79 -7.23 19.66
CA ALA C 66 26.43 -6.61 20.82
C ALA C 66 25.65 -5.41 21.32
N PHE C 67 24.96 -4.69 20.43
CA PHE C 67 24.14 -3.55 20.83
C PHE C 67 22.64 -3.83 20.73
N GLY C 68 22.25 -5.09 20.91
CA GLY C 68 20.85 -5.45 20.98
C GLY C 68 20.16 -5.71 19.65
N GLY C 69 20.84 -5.51 18.53
CA GLY C 69 20.23 -5.71 17.23
C GLY C 69 20.05 -7.17 16.88
N THR C 70 19.44 -7.39 15.72
CA THR C 70 19.12 -8.73 15.23
C THR C 70 19.50 -8.83 13.76
N ALA C 71 20.28 -9.85 13.41
CA ALA C 71 20.70 -10.03 12.02
C ALA C 71 21.14 -11.47 11.81
N ILE C 72 20.94 -11.97 10.58
CA ILE C 72 21.45 -13.26 10.17
C ILE C 72 22.38 -13.06 8.98
N ALA C 73 23.22 -14.06 8.73
CA ALA C 73 24.17 -14.07 7.63
C ALA C 73 23.78 -15.15 6.63
N VAL C 74 23.72 -14.77 5.35
CA VAL C 74 23.29 -15.68 4.28
C VAL C 74 24.26 -15.53 3.13
N GLY C 75 24.76 -16.66 2.62
CA GLY C 75 25.60 -16.66 1.43
C GLY C 75 24.77 -16.74 0.17
N ALA C 76 25.09 -15.88 -0.79
CA ALA C 76 24.34 -15.83 -2.04
C ALA C 76 25.23 -15.21 -3.12
N ASP C 77 25.74 -16.06 -4.01
CA ASP C 77 26.61 -15.61 -5.10
C ASP C 77 25.80 -14.77 -6.08
N ALA C 78 26.10 -13.47 -6.18
CA ALA C 78 25.38 -12.60 -7.09
C ALA C 78 25.52 -13.04 -8.54
N ALA C 79 26.69 -13.60 -8.89
CA ALA C 79 26.88 -14.16 -10.23
C ALA C 79 25.93 -15.33 -10.50
N ASP C 80 25.45 -16.00 -9.45
CA ASP C 80 24.47 -17.07 -9.58
C ASP C 80 23.07 -16.46 -9.59
N LEU C 81 22.37 -16.59 -10.71
CA LEU C 81 21.07 -15.95 -10.89
C LEU C 81 19.97 -16.59 -10.04
N ASP C 82 20.22 -17.75 -9.43
CA ASP C 82 19.27 -18.34 -8.51
C ASP C 82 19.39 -17.77 -7.10
N SER C 83 20.37 -16.90 -6.85
CA SER C 83 20.64 -16.48 -5.48
C SER C 83 19.57 -15.51 -4.95
N GLY C 84 18.98 -14.69 -5.81
CA GLY C 84 18.01 -13.72 -5.36
C GLY C 84 16.81 -14.36 -4.68
N GLU C 85 16.29 -15.43 -5.28
CA GLU C 85 15.16 -16.14 -4.67
C GLU C 85 15.56 -16.83 -3.38
N LYS C 86 16.83 -17.24 -3.26
CA LYS C 86 17.29 -17.83 -2.01
C LYS C 86 17.49 -16.78 -0.93
N LEU C 87 17.79 -15.54 -1.32
CA LEU C 87 17.95 -14.47 -0.34
C LEU C 87 16.61 -14.05 0.24
N VAL C 88 15.59 -13.94 -0.61
CA VAL C 88 14.25 -13.61 -0.13
C VAL C 88 13.71 -14.71 0.76
N ALA C 89 13.92 -15.97 0.36
CA ALA C 89 13.41 -17.09 1.15
C ALA C 89 14.06 -17.15 2.53
N ALA C 90 15.36 -16.89 2.61
CA ALA C 90 16.03 -16.88 3.91
C ALA C 90 15.52 -15.74 4.78
N ALA C 91 15.18 -14.60 4.18
CA ALA C 91 14.67 -13.47 4.94
C ALA C 91 13.27 -13.73 5.47
N VAL C 92 12.39 -14.22 4.60
CA VAL C 92 11.03 -14.52 5.02
C VAL C 92 11.03 -15.58 6.12
N GLU C 93 11.79 -16.66 5.93
CA GLU C 93 11.79 -17.76 6.88
C GLU C 93 12.26 -17.30 8.26
N ALA C 94 13.24 -16.40 8.31
CA ALA C 94 13.80 -15.96 9.58
C ALA C 94 13.10 -14.74 10.17
N PHE C 95 12.46 -13.90 9.36
CA PHE C 95 11.93 -12.63 9.84
C PHE C 95 10.49 -12.36 9.44
N GLY C 96 9.91 -13.11 8.51
CA GLY C 96 8.52 -12.98 8.17
C GLY C 96 8.20 -12.01 7.06
N SER C 97 9.16 -11.19 6.63
CA SER C 97 8.87 -10.17 5.64
C SER C 97 10.17 -9.69 4.99
N VAL C 98 10.01 -9.09 3.81
CA VAL C 98 11.07 -8.35 3.15
C VAL C 98 10.55 -6.94 2.89
N ASP C 99 11.18 -5.95 3.52
CA ASP C 99 10.70 -4.57 3.48
C ASP C 99 11.64 -3.61 2.78
N VAL C 100 12.94 -3.87 2.81
CA VAL C 100 13.95 -3.03 2.17
C VAL C 100 14.99 -3.95 1.52
N LEU C 101 15.45 -3.56 0.33
CA LEU C 101 16.55 -4.26 -0.34
C LEU C 101 17.62 -3.25 -0.70
N VAL C 102 18.82 -3.46 -0.15
CA VAL C 102 19.99 -2.66 -0.49
C VAL C 102 20.89 -3.55 -1.35
N ASN C 103 20.81 -3.38 -2.66
CA ASN C 103 21.67 -4.12 -3.58
C ASN C 103 23.02 -3.44 -3.64
N ASN C 104 24.04 -4.07 -3.05
CA ASN C 104 25.36 -3.48 -2.93
C ASN C 104 26.47 -4.36 -3.49
N ALA C 105 26.27 -5.67 -3.62
CA ALA C 105 27.33 -6.54 -4.11
C ALA C 105 27.79 -6.11 -5.49
N GLY C 106 29.10 -6.14 -5.71
CA GLY C 106 29.67 -5.72 -6.97
C GLY C 106 31.18 -5.84 -6.95
N ILE C 107 31.75 -5.76 -8.15
CA ILE C 107 33.20 -5.83 -8.34
C ILE C 107 33.60 -4.80 -9.39
N CYS C 108 34.88 -4.41 -9.33
CA CYS C 108 35.47 -3.51 -10.34
C CYS C 108 36.90 -3.96 -10.61
N PRO C 109 37.08 -4.98 -11.43
CA PRO C 109 38.44 -5.38 -11.83
C PRO C 109 39.00 -4.48 -12.92
N PHE C 110 39.87 -3.56 -12.53
CA PHE C 110 40.45 -2.61 -13.49
C PHE C 110 41.15 -3.34 -14.62
N HIS C 111 40.90 -2.89 -15.86
CA HIS C 111 41.49 -3.52 -17.03
C HIS C 111 41.33 -2.56 -18.22
N SER C 112 42.31 -2.59 -19.11
CA SER C 112 42.24 -1.78 -20.32
C SER C 112 41.20 -2.35 -21.27
N PHE C 113 40.83 -1.53 -22.26
CA PHE C 113 39.66 -1.85 -23.07
C PHE C 113 40.01 -2.78 -24.24
N LEU C 114 41.06 -2.44 -25.00
CA LEU C 114 41.27 -3.08 -26.28
C LEU C 114 41.63 -4.56 -26.14
N ASP C 115 42.20 -4.95 -25.00
CA ASP C 115 42.55 -6.34 -24.75
C ASP C 115 41.71 -6.92 -23.61
N MET C 116 40.46 -6.53 -23.53
CA MET C 116 39.59 -7.03 -22.47
C MET C 116 39.19 -8.47 -22.74
N PRO C 117 39.54 -9.41 -21.86
CA PRO C 117 39.09 -10.79 -22.05
C PRO C 117 37.58 -10.90 -21.91
N ARG C 118 37.01 -11.86 -22.63
CA ARG C 118 35.56 -12.08 -22.57
C ARG C 118 35.12 -12.48 -21.16
N GLU C 119 35.94 -13.27 -20.46
CA GLU C 119 35.57 -13.72 -19.13
C GLU C 119 35.46 -12.55 -18.16
N LEU C 120 36.35 -11.57 -18.29
CA LEU C 120 36.35 -10.45 -17.35
C LEU C 120 35.14 -9.56 -17.53
N TYR C 121 34.78 -9.26 -18.78
CA TYR C 121 33.59 -8.45 -19.02
C TYR C 121 32.34 -9.17 -18.55
N LEU C 122 32.17 -10.44 -18.95
CA LEU C 122 30.96 -11.16 -18.60
C LEU C 122 30.84 -11.40 -17.10
N LYS C 123 31.97 -11.54 -16.41
CA LYS C 123 31.93 -11.68 -14.96
C LYS C 123 31.47 -10.40 -14.29
N THR C 124 31.89 -9.25 -14.83
CA THR C 124 31.53 -7.96 -14.24
C THR C 124 30.05 -7.64 -14.49
N VAL C 125 29.59 -7.83 -15.74
CA VAL C 125 28.20 -7.56 -16.07
C VAL C 125 27.27 -8.53 -15.35
N GLY C 126 27.65 -9.82 -15.31
CA GLY C 126 26.80 -10.80 -14.65
C GLY C 126 26.67 -10.57 -13.16
N THR C 127 27.74 -10.10 -12.52
CA THR C 127 27.70 -9.88 -11.07
C THR C 127 27.04 -8.55 -10.73
N ASN C 128 27.43 -7.47 -11.42
CA ASN C 128 26.99 -6.14 -11.03
C ASN C 128 25.57 -5.83 -11.46
N LEU C 129 25.15 -6.34 -12.62
CA LEU C 129 23.88 -5.96 -13.22
C LEU C 129 22.90 -7.12 -13.32
N ASN C 130 23.31 -8.25 -13.90
CA ASN C 130 22.38 -9.36 -14.11
C ASN C 130 21.91 -9.95 -12.79
N GLY C 131 22.83 -10.17 -11.85
CA GLY C 131 22.44 -10.68 -10.55
C GLY C 131 21.59 -9.69 -9.76
N ALA C 132 21.85 -8.40 -9.95
CA ALA C 132 21.04 -7.39 -9.28
C ALA C 132 19.61 -7.39 -9.82
N TYR C 133 19.46 -7.57 -11.14
CA TYR C 133 18.13 -7.56 -11.75
C TYR C 133 17.22 -8.59 -11.10
N PHE C 134 17.70 -9.81 -10.93
CA PHE C 134 16.87 -10.87 -10.40
C PHE C 134 16.84 -10.89 -8.87
N THR C 135 17.85 -10.33 -8.21
CA THR C 135 17.72 -10.06 -6.79
C THR C 135 16.68 -8.98 -6.54
N VAL C 136 16.60 -7.98 -7.43
CA VAL C 136 15.55 -6.97 -7.33
C VAL C 136 14.19 -7.56 -7.67
N GLN C 137 14.15 -8.46 -8.66
CA GLN C 137 12.87 -9.07 -9.04
C GLN C 137 12.31 -9.90 -7.89
N ALA C 138 13.15 -10.74 -7.28
CA ALA C 138 12.68 -11.60 -6.20
C ALA C 138 12.23 -10.78 -5.00
N ALA C 139 12.90 -9.66 -4.72
CA ALA C 139 12.51 -8.83 -3.58
C ALA C 139 11.27 -8.02 -3.88
N ALA C 140 11.12 -7.53 -5.12
CA ALA C 140 9.91 -6.83 -5.50
C ALA C 140 8.72 -7.78 -5.50
N ARG C 141 8.93 -9.03 -5.89
CA ARG C 141 7.84 -10.00 -5.89
C ARG C 141 7.28 -10.20 -4.48
N ARG C 142 8.15 -10.31 -3.49
CA ARG C 142 7.68 -10.48 -2.12
C ARG C 142 7.00 -9.23 -1.60
N MET C 143 7.54 -8.05 -1.93
CA MET C 143 6.97 -6.81 -1.43
C MET C 143 5.56 -6.59 -1.95
N LYS C 144 5.36 -6.79 -3.26
CA LYS C 144 4.02 -6.70 -3.82
C LYS C 144 3.08 -7.70 -3.17
N GLU C 145 3.56 -8.92 -2.94
CA GLU C 145 2.73 -9.95 -2.33
C GLU C 145 2.27 -9.54 -0.93
N GLN C 146 3.16 -8.92 -0.15
CA GLN C 146 2.81 -8.55 1.21
C GLN C 146 1.78 -7.43 1.27
N GLY C 147 1.77 -6.55 0.27
CA GLY C 147 0.77 -5.49 0.21
C GLY C 147 0.99 -4.33 1.16
N ARG C 148 2.21 -4.15 1.66
CA ARG C 148 2.52 -3.04 2.56
C ARG C 148 3.67 -2.18 2.03
N GLY C 149 3.93 -2.22 0.73
CA GLY C 149 4.98 -1.41 0.14
C GLY C 149 6.38 -1.80 0.60
N GLY C 150 7.36 -1.11 0.04
CA GLY C 150 8.74 -1.37 0.39
C GLY C 150 9.66 -0.33 -0.21
N ALA C 151 10.96 -0.58 -0.05
CA ALA C 151 11.98 0.31 -0.61
C ALA C 151 13.13 -0.51 -1.17
N ILE C 152 13.65 -0.09 -2.31
CA ILE C 152 14.79 -0.71 -2.95
C ILE C 152 15.84 0.37 -3.20
N ILE C 153 17.10 0.07 -2.88
CA ILE C 153 18.19 1.00 -3.08
C ILE C 153 19.34 0.26 -3.73
N ALA C 154 19.74 0.70 -4.92
CA ALA C 154 20.88 0.14 -5.63
C ALA C 154 22.10 1.02 -5.41
N VAL C 155 23.21 0.40 -5.02
CA VAL C 155 24.46 1.13 -4.81
C VAL C 155 25.16 1.17 -6.17
N SER C 156 24.93 2.26 -6.90
CA SER C 156 25.61 2.49 -8.16
C SER C 156 26.91 3.23 -7.91
N SER C 157 27.17 4.29 -8.66
CA SER C 157 28.46 4.98 -8.57
C SER C 157 28.37 6.30 -9.33
N ILE C 158 29.25 7.22 -8.96
CA ILE C 158 29.49 8.39 -9.80
C ILE C 158 29.89 7.99 -11.21
N SER C 159 30.47 6.78 -11.37
CA SER C 159 30.80 6.25 -12.68
C SER C 159 29.58 6.02 -13.57
N ALA C 160 28.37 6.20 -13.04
CA ALA C 160 27.18 6.11 -13.88
C ALA C 160 26.96 7.38 -14.70
N LEU C 161 27.61 8.48 -14.34
CA LEU C 161 27.49 9.73 -15.06
C LEU C 161 28.73 10.11 -15.86
N VAL C 162 29.87 9.51 -15.57
CA VAL C 162 31.11 9.80 -16.30
C VAL C 162 31.77 8.47 -16.65
N GLY C 163 32.98 8.53 -17.20
CA GLY C 163 33.67 7.36 -17.68
C GLY C 163 34.96 7.06 -16.94
N GLY C 164 35.56 5.93 -17.33
CA GLY C 164 36.87 5.53 -16.86
C GLY C 164 37.56 4.67 -17.89
N ALA C 165 38.76 5.06 -18.32
CA ALA C 165 39.44 4.32 -19.39
C ALA C 165 39.69 2.87 -18.98
N MET C 166 39.89 2.62 -17.68
CA MET C 166 40.08 1.28 -17.15
C MET C 166 38.77 0.67 -16.64
N GLN C 167 37.62 1.24 -17.01
CA GLN C 167 36.34 0.75 -16.52
C GLN C 167 35.31 0.70 -17.64
N THR C 168 35.74 0.38 -18.86
CA THR C 168 34.81 0.29 -19.98
C THR C 168 33.75 -0.77 -19.74
N HIS C 169 34.09 -1.84 -19.03
CA HIS C 169 33.15 -2.90 -18.69
C HIS C 169 32.38 -2.63 -17.40
N TYR C 170 32.89 -1.75 -16.53
CA TYR C 170 32.32 -1.54 -15.21
C TYR C 170 31.28 -0.41 -15.20
N THR C 171 31.56 0.72 -15.84
CA THR C 171 30.61 1.84 -15.81
C THR C 171 29.25 1.52 -16.43
N PRO C 172 29.13 0.71 -17.50
CA PRO C 172 27.78 0.40 -17.98
C PRO C 172 26.94 -0.38 -16.98
N THR C 173 27.56 -1.19 -16.12
CA THR C 173 26.77 -1.88 -15.10
C THR C 173 26.28 -0.90 -14.04
N LYS C 174 27.04 0.17 -13.78
CA LYS C 174 26.59 1.17 -12.84
C LYS C 174 25.52 2.07 -13.45
N ALA C 175 25.68 2.46 -14.72
CA ALA C 175 24.65 3.23 -15.39
C ALA C 175 23.38 2.42 -15.58
N GLY C 176 23.52 1.11 -15.79
CA GLY C 176 22.36 0.23 -15.91
C GLY C 176 21.65 -0.01 -14.60
N LEU C 177 22.35 0.11 -13.47
CA LEU C 177 21.70 -0.01 -12.16
C LEU C 177 20.84 1.20 -11.86
N LEU C 178 21.36 2.40 -12.15
CA LEU C 178 20.58 3.62 -11.98
C LEU C 178 19.30 3.56 -12.79
N SER C 179 19.42 3.16 -14.07
CA SER C 179 18.30 3.15 -15.00
C SER C 179 17.31 2.06 -14.67
N LEU C 180 17.80 0.96 -14.11
CA LEU C 180 16.91 -0.08 -13.60
C LEU C 180 16.04 0.47 -12.48
N MET C 181 16.62 1.30 -11.61
CA MET C 181 15.85 1.92 -10.54
C MET C 181 14.80 2.87 -11.10
N GLN C 182 15.14 3.61 -12.16
CA GLN C 182 14.17 4.51 -12.77
C GLN C 182 12.99 3.71 -13.33
N SER C 183 13.27 2.64 -14.07
CA SER C 183 12.20 1.87 -14.70
C SER C 183 11.41 1.07 -13.67
N CYS C 184 12.06 0.62 -12.59
CA CYS C 184 11.36 -0.08 -11.54
C CYS C 184 10.51 0.85 -10.69
N ALA C 185 10.85 2.14 -10.64
CA ALA C 185 10.00 3.10 -9.93
C ALA C 185 8.62 3.18 -10.59
N ILE C 186 8.59 3.17 -11.92
CA ILE C 186 7.32 3.19 -12.64
C ILE C 186 6.57 1.88 -12.41
N ALA C 187 7.23 0.76 -12.59
CA ALA C 187 6.56 -0.54 -12.54
C ALA C 187 6.06 -0.86 -11.13
N LEU C 188 6.84 -0.51 -10.10
CA LEU C 188 6.50 -0.84 -8.72
C LEU C 188 5.90 0.35 -7.97
N GLY C 189 5.67 1.46 -8.64
CA GLY C 189 5.01 2.61 -8.05
C GLY C 189 3.64 2.34 -7.47
N PRO C 190 2.74 1.74 -8.26
CA PRO C 190 1.38 1.46 -7.76
C PRO C 190 1.34 0.57 -6.54
N TYR C 191 2.41 -0.17 -6.24
CA TYR C 191 2.47 -1.04 -5.07
C TYR C 191 3.20 -0.39 -3.89
N GLY C 192 3.46 0.91 -3.96
CA GLY C 192 4.10 1.59 -2.86
C GLY C 192 5.55 1.23 -2.65
N ILE C 193 6.23 0.71 -3.67
CA ILE C 193 7.64 0.36 -3.60
C ILE C 193 8.45 1.49 -4.20
N ARG C 194 9.30 2.12 -3.40
CA ARG C 194 10.17 3.19 -3.86
C ARG C 194 11.53 2.62 -4.24
N CYS C 195 12.03 3.00 -5.42
CA CYS C 195 13.31 2.52 -5.93
C CYS C 195 14.20 3.71 -6.23
N ASN C 196 15.39 3.73 -5.61
CA ASN C 196 16.34 4.83 -5.76
C ASN C 196 17.76 4.27 -5.87
N ALA C 197 18.70 5.16 -6.17
CA ALA C 197 20.10 4.78 -6.34
C ALA C 197 20.99 5.82 -5.69
N VAL C 198 21.99 5.36 -4.95
CA VAL C 198 23.03 6.25 -4.43
C VAL C 198 24.26 6.12 -5.33
N LEU C 199 24.90 7.26 -5.60
CA LEU C 199 26.09 7.31 -6.44
C LEU C 199 27.27 7.74 -5.58
N PRO C 200 27.98 6.81 -4.94
CA PRO C 200 29.16 7.19 -4.17
C PRO C 200 30.29 7.63 -5.07
N GLY C 201 31.22 8.38 -4.46
CA GLY C 201 32.40 8.84 -5.18
C GLY C 201 33.55 7.86 -5.05
N THR C 202 34.66 8.32 -4.51
CA THR C 202 35.81 7.44 -4.24
C THR C 202 35.84 7.17 -2.75
N ILE C 203 35.28 6.03 -2.36
CA ILE C 203 35.28 5.58 -0.97
C ILE C 203 36.49 4.67 -0.77
N ALA C 204 37.16 4.82 0.37
CA ALA C 204 38.36 4.03 0.67
C ALA C 204 37.93 2.68 1.21
N THR C 205 38.01 1.65 0.35
CA THR C 205 37.63 0.29 0.70
C THR C 205 38.66 -0.66 0.11
N ASP C 206 38.35 -1.96 0.13
CA ASP C 206 39.19 -2.96 -0.50
C ASP C 206 39.09 -2.97 -2.02
N ILE C 207 38.02 -2.38 -2.57
CA ILE C 207 37.83 -2.37 -4.01
C ILE C 207 38.83 -1.45 -4.72
N ASN C 208 39.48 -0.55 -3.97
CA ASN C 208 40.44 0.38 -4.57
C ASN C 208 41.69 0.54 -3.70
N LYS C 209 42.01 -0.46 -2.87
CA LYS C 209 43.05 -0.29 -1.86
C LYS C 209 44.43 -0.13 -2.46
N GLU C 210 44.67 -0.71 -3.64
CA GLU C 210 46.01 -0.65 -4.24
C GLU C 210 46.37 0.78 -4.64
N ASP C 211 45.39 1.55 -5.12
CA ASP C 211 45.65 2.95 -5.46
C ASP C 211 45.89 3.78 -4.21
N LEU C 212 45.27 3.41 -3.08
CA LEU C 212 45.50 4.10 -1.82
C LEU C 212 46.77 3.64 -1.10
N SER C 213 47.36 2.52 -1.54
CA SER C 213 48.64 2.10 -0.97
C SER C 213 49.76 3.07 -1.33
N ASP C 214 49.54 3.92 -2.32
CA ASP C 214 50.50 4.93 -2.75
C ASP C 214 50.10 6.24 -2.08
N LEU C 215 51.07 6.92 -1.50
CA LEU C 215 50.81 8.20 -0.84
C LEU C 215 50.66 9.34 -1.84
N GLU C 216 51.43 9.31 -2.94
CA GLU C 216 51.28 10.33 -3.97
C GLU C 216 49.93 10.22 -4.66
N LYS C 217 49.45 8.99 -4.90
CA LYS C 217 48.15 8.82 -5.53
C LYS C 217 47.01 9.14 -4.57
N ARG C 218 47.18 8.84 -3.28
CA ARG C 218 46.13 9.11 -2.31
C ARG C 218 45.95 10.61 -2.09
N GLU C 219 47.05 11.37 -2.07
CA GLU C 219 46.96 12.81 -1.86
C GLU C 219 46.51 13.54 -3.12
N ARG C 220 46.80 12.99 -4.29
CA ARG C 220 46.34 13.61 -5.53
C ARG C 220 44.83 13.45 -5.71
N MET C 221 44.30 12.29 -5.33
CA MET C 221 42.85 12.08 -5.41
C MET C 221 42.11 12.96 -4.41
N THR C 222 42.65 13.11 -3.21
CA THR C 222 42.04 13.98 -2.21
C THR C 222 41.98 15.42 -2.69
N SER C 223 42.93 15.83 -3.53
CA SER C 223 42.95 17.21 -4.03
C SER C 223 41.69 17.53 -4.82
N ARG C 224 41.12 16.54 -5.51
CA ARG C 224 39.99 16.78 -6.39
C ARG C 224 38.64 16.83 -5.66
N VAL C 225 38.61 16.49 -4.38
CA VAL C 225 37.36 16.48 -3.61
C VAL C 225 37.25 17.80 -2.85
N PRO C 226 36.20 18.60 -3.10
CA PRO C 226 36.08 19.89 -2.39
C PRO C 226 36.03 19.75 -0.87
N LEU C 227 35.35 18.73 -0.35
CA LEU C 227 35.34 18.49 1.09
C LEU C 227 36.69 18.05 1.62
N GLY C 228 37.67 17.80 0.75
CA GLY C 228 39.05 17.62 1.18
C GLY C 228 39.39 16.29 1.79
N ARG C 229 38.59 15.25 1.56
CA ARG C 229 38.91 13.93 2.07
C ARG C 229 38.20 12.87 1.25
N LEU C 230 38.85 11.72 1.11
CA LEU C 230 38.19 10.58 0.48
C LEU C 230 37.05 10.09 1.37
N GLY C 231 36.14 9.34 0.76
CA GLY C 231 35.02 8.82 1.51
C GLY C 231 35.40 7.60 2.34
N GLU C 232 34.60 7.39 3.40
CA GLU C 232 34.65 6.21 4.24
C GLU C 232 33.32 5.46 4.13
N PRO C 233 33.32 4.15 4.35
CA PRO C 233 32.06 3.38 4.19
C PRO C 233 30.88 3.95 4.95
N ASP C 234 31.09 4.48 6.15
CA ASP C 234 29.99 5.06 6.92
C ASP C 234 29.39 6.29 6.26
N ASP C 235 30.11 6.93 5.33
CA ASP C 235 29.56 8.09 4.64
C ASP C 235 28.37 7.73 3.77
N LEU C 236 28.18 6.45 3.46
CA LEU C 236 27.05 6.00 2.66
C LEU C 236 25.90 5.47 3.50
N ALA C 237 26.12 5.19 4.78
CA ALA C 237 25.06 4.59 5.60
C ALA C 237 23.93 5.57 5.84
N GLY C 238 24.24 6.82 6.15
CA GLY C 238 23.25 7.85 6.34
C GLY C 238 22.35 8.05 5.15
N PRO C 239 22.93 8.30 3.97
CA PRO C 239 22.10 8.43 2.76
C PRO C 239 21.29 7.20 2.43
N ILE C 240 21.81 6.00 2.71
CA ILE C 240 21.09 4.77 2.37
C ILE C 240 19.92 4.55 3.31
N VAL C 241 20.09 4.85 4.60
CA VAL C 241 18.98 4.72 5.55
C VAL C 241 17.93 5.80 5.30
N PHE C 242 18.35 7.01 4.89
CA PHE C 242 17.39 8.06 4.58
C PHE C 242 16.43 7.61 3.48
N LEU C 243 16.96 7.00 2.42
CA LEU C 243 16.14 6.62 1.28
C LEU C 243 15.23 5.45 1.56
N ALA C 244 15.55 4.64 2.57
CA ALA C 244 14.74 3.48 2.93
C ALA C 244 13.71 3.79 4.00
N SER C 245 13.63 5.03 4.45
CA SER C 245 12.78 5.41 5.58
C SER C 245 11.65 6.33 5.11
N ASP C 246 10.77 6.66 6.06
CA ASP C 246 9.64 7.53 5.77
C ASP C 246 10.07 8.95 5.44
N MET C 247 11.30 9.34 5.81
CA MET C 247 11.83 10.64 5.39
C MET C 247 11.75 10.80 3.88
N ALA C 248 12.06 9.72 3.15
CA ALA C 248 11.98 9.70 1.68
C ALA C 248 10.61 9.29 1.18
N ARG C 249 9.55 9.55 1.96
CA ARG C 249 8.17 9.20 1.66
C ARG C 249 7.80 9.42 0.20
N TYR C 250 8.23 10.55 -0.38
CA TYR C 250 7.87 10.94 -1.74
C TYR C 250 9.05 10.82 -2.71
N VAL C 251 10.07 10.02 -2.36
CA VAL C 251 11.30 9.92 -3.14
C VAL C 251 11.33 8.56 -3.81
N THR C 252 11.23 8.54 -5.14
CA THR C 252 11.40 7.31 -5.90
C THR C 252 11.88 7.66 -7.30
N GLY C 253 12.75 6.81 -7.85
CA GLY C 253 13.33 7.10 -9.15
C GLY C 253 14.31 8.25 -9.16
N ALA C 254 14.98 8.49 -8.04
CA ALA C 254 15.94 9.56 -7.93
C ALA C 254 17.34 9.00 -7.71
N SER C 255 18.34 9.84 -7.95
CA SER C 255 19.73 9.53 -7.65
C SER C 255 20.28 10.57 -6.69
N LEU C 256 21.31 10.18 -5.94
CA LEU C 256 21.89 11.06 -4.92
C LEU C 256 23.40 10.85 -4.90
N LEU C 257 24.15 11.91 -5.18
CA LEU C 257 25.60 11.86 -5.15
C LEU C 257 26.10 11.92 -3.72
N VAL C 258 26.97 10.98 -3.35
CA VAL C 258 27.67 11.01 -2.07
C VAL C 258 29.15 10.96 -2.38
N ASP C 259 29.71 12.10 -2.78
CA ASP C 259 31.07 12.16 -3.32
C ASP C 259 31.91 13.30 -2.75
N GLY C 260 31.43 14.00 -1.73
CA GLY C 260 32.15 15.15 -1.23
C GLY C 260 32.31 16.26 -2.23
N GLY C 261 31.51 16.27 -3.30
CA GLY C 261 31.61 17.27 -4.35
C GLY C 261 32.51 16.91 -5.50
N LEU C 262 32.91 15.64 -5.62
CA LEU C 262 33.88 15.25 -6.65
C LEU C 262 33.31 15.45 -8.05
N PHE C 263 32.01 15.20 -8.24
CA PHE C 263 31.44 15.25 -9.58
C PHE C 263 31.47 16.68 -10.15
N VAL C 264 31.05 17.67 -9.36
CA VAL C 264 30.89 19.02 -9.89
C VAL C 264 32.21 19.78 -10.01
N ASN C 265 33.28 19.30 -9.37
CA ASN C 265 34.54 20.03 -9.30
C ASN C 265 35.32 19.83 -10.61
N LEU C 266 34.91 20.58 -11.63
CA LEU C 266 35.59 20.51 -12.92
C LEU C 266 37.03 20.97 -12.78
N GLN C 267 37.95 20.15 -13.26
CA GLN C 267 39.38 20.37 -13.09
C GLN C 267 39.94 21.33 -14.14
N SER D 12 29.76 14.33 -49.27
CA SER D 12 31.21 14.25 -49.29
C SER D 12 31.80 14.21 -47.88
N LEU D 13 30.95 13.97 -46.88
CA LEU D 13 31.41 13.97 -45.50
C LEU D 13 32.19 12.72 -45.12
N LEU D 14 32.08 11.64 -45.89
CA LEU D 14 32.76 10.38 -45.57
C LEU D 14 33.32 9.74 -46.84
N ILE D 15 33.99 10.53 -47.67
CA ILE D 15 34.50 10.02 -48.95
C ILE D 15 35.56 8.97 -48.72
N ASP D 16 35.45 7.86 -49.43
CA ASP D 16 36.40 6.74 -49.40
C ASP D 16 36.54 6.11 -48.02
N LYS D 17 35.64 6.41 -47.08
CA LYS D 17 35.68 5.81 -45.75
C LYS D 17 34.88 4.51 -45.73
N THR D 18 35.28 3.61 -44.84
CA THR D 18 34.59 2.34 -44.64
C THR D 18 33.72 2.44 -43.39
N VAL D 19 32.42 2.19 -43.55
CA VAL D 19 31.44 2.33 -42.47
C VAL D 19 30.78 0.98 -42.23
N ILE D 20 30.82 0.52 -40.99
CA ILE D 20 30.13 -0.71 -40.56
C ILE D 20 28.90 -0.30 -39.78
N VAL D 21 27.72 -0.73 -40.26
CA VAL D 21 26.46 -0.48 -39.58
C VAL D 21 25.83 -1.82 -39.26
N THR D 22 25.84 -2.20 -37.98
CA THR D 22 25.18 -3.42 -37.54
C THR D 22 23.67 -3.21 -37.49
N GLY D 23 22.93 -4.25 -37.84
CA GLY D 23 21.49 -4.17 -37.88
C GLY D 23 21.00 -3.13 -38.86
N ALA D 24 21.46 -3.22 -40.11
CA ALA D 24 21.22 -2.19 -41.12
C ALA D 24 20.27 -2.65 -42.22
N SER D 25 19.44 -3.65 -41.96
CA SER D 25 18.49 -4.10 -42.96
C SER D 25 17.12 -3.46 -42.81
N ARG D 26 16.84 -2.79 -41.70
CA ARG D 26 15.54 -2.18 -41.49
C ARG D 26 15.68 -0.95 -40.59
N GLY D 27 14.79 0.01 -40.79
CA GLY D 27 14.65 1.10 -39.84
C GLY D 27 15.83 2.04 -39.84
N ILE D 28 16.27 2.42 -38.63
CA ILE D 28 17.26 3.47 -38.46
C ILE D 28 18.59 3.06 -39.10
N GLY D 29 19.05 1.85 -38.83
CA GLY D 29 20.32 1.40 -39.40
C GLY D 29 20.30 1.38 -40.92
N ARG D 30 19.17 1.00 -41.50
CA ARG D 30 19.07 0.95 -42.96
C ARG D 30 19.20 2.34 -43.57
N ALA D 31 18.51 3.33 -42.99
CA ALA D 31 18.57 4.68 -43.54
C ALA D 31 19.88 5.36 -43.22
N ALA D 32 20.54 4.94 -42.14
CA ALA D 32 21.86 5.48 -41.82
C ALA D 32 22.94 4.88 -42.71
N ALA D 33 22.78 3.62 -43.13
CA ALA D 33 23.71 3.03 -44.07
C ALA D 33 23.54 3.63 -45.46
N ARG D 34 22.33 4.04 -45.81
CA ARG D 34 22.10 4.67 -47.11
C ARG D 34 22.78 6.04 -47.17
N GLU D 35 22.51 6.89 -46.17
CA GLU D 35 23.06 8.25 -46.18
C GLU D 35 24.58 8.24 -46.09
N CYS D 36 25.17 7.20 -45.49
CA CYS D 36 26.62 7.10 -45.43
C CYS D 36 27.22 6.85 -46.81
N ALA D 37 26.59 5.99 -47.60
CA ALA D 37 27.02 5.81 -48.97
C ALA D 37 26.77 7.05 -49.80
N ARG D 38 25.70 7.79 -49.50
CA ARG D 38 25.45 9.06 -50.17
C ARG D 38 26.51 10.09 -49.82
N GLN D 39 27.19 9.93 -48.68
CA GLN D 39 28.29 10.80 -48.28
C GLN D 39 29.66 10.27 -48.72
N GLY D 40 29.68 9.31 -49.64
CA GLY D 40 30.93 8.83 -50.22
C GLY D 40 31.55 7.63 -49.57
N ALA D 41 30.88 7.01 -48.60
CA ALA D 41 31.46 5.87 -47.89
C ALA D 41 31.09 4.56 -48.56
N ARG D 42 31.96 3.57 -48.37
CA ARG D 42 31.68 2.18 -48.72
C ARG D 42 31.20 1.48 -47.46
N VAL D 43 29.98 0.94 -47.52
CA VAL D 43 29.23 0.57 -46.31
C VAL D 43 29.18 -0.94 -46.18
N VAL D 44 29.45 -1.43 -44.98
CA VAL D 44 29.23 -2.83 -44.63
C VAL D 44 27.86 -2.93 -43.98
N ILE D 45 26.92 -3.59 -44.66
CA ILE D 45 25.53 -3.66 -44.21
C ILE D 45 25.40 -4.93 -43.35
N GLY D 46 25.60 -4.78 -42.04
CA GLY D 46 25.46 -5.91 -41.15
C GLY D 46 24.00 -6.21 -40.83
N HIS D 47 23.70 -7.50 -40.71
CA HIS D 47 22.36 -7.94 -40.36
C HIS D 47 22.46 -9.17 -39.47
N SER D 48 21.28 -9.68 -39.05
CA SER D 48 21.22 -10.71 -38.03
C SER D 48 21.59 -12.11 -38.54
N GLY D 49 21.54 -12.34 -39.85
CA GLY D 49 21.74 -13.65 -40.41
C GLY D 49 20.45 -14.37 -40.75
N SER D 50 19.31 -13.87 -40.28
CA SER D 50 18.03 -14.43 -40.65
C SER D 50 17.80 -14.25 -42.15
N ASP D 51 16.78 -14.96 -42.65
CA ASP D 51 16.41 -14.83 -44.06
C ASP D 51 15.67 -13.53 -44.35
N GLU D 52 15.05 -12.92 -43.35
CA GLU D 52 14.48 -11.60 -43.53
C GLU D 52 15.54 -10.52 -43.59
N GLY D 53 16.52 -10.57 -42.67
CA GLY D 53 17.58 -9.59 -42.66
C GLY D 53 18.51 -9.69 -43.85
N ARG D 54 18.63 -10.89 -44.44
CA ARG D 54 19.38 -11.02 -45.68
C ARG D 54 18.63 -10.41 -46.84
N ALA D 55 17.30 -10.49 -46.84
CA ALA D 55 16.51 -9.88 -47.90
C ALA D 55 16.57 -8.37 -47.83
N GLY D 56 16.63 -7.80 -46.63
CA GLY D 56 16.68 -6.36 -46.46
C GLY D 56 18.06 -5.79 -46.74
N ALA D 57 19.10 -6.46 -46.25
CA ALA D 57 20.45 -5.97 -46.47
C ALA D 57 20.82 -5.99 -47.95
N LEU D 58 20.41 -7.04 -48.66
CA LEU D 58 20.66 -7.10 -50.10
C LEU D 58 19.74 -6.18 -50.88
N SER D 59 18.59 -5.82 -50.32
CA SER D 59 17.73 -4.83 -50.97
C SER D 59 18.33 -3.44 -50.86
N LEU D 60 18.87 -3.08 -49.70
CA LEU D 60 19.54 -1.79 -49.55
C LEU D 60 20.77 -1.71 -50.44
N ALA D 61 21.48 -2.82 -50.62
CA ALA D 61 22.66 -2.83 -51.49
C ALA D 61 22.27 -2.51 -52.92
N GLU D 62 21.13 -3.03 -53.39
CA GLU D 62 20.65 -2.68 -54.73
C GLU D 62 20.35 -1.20 -54.83
N GLU D 63 19.81 -0.60 -53.77
CA GLU D 63 19.51 0.82 -53.79
C GLU D 63 20.77 1.67 -53.71
N ILE D 64 21.79 1.20 -52.97
CA ILE D 64 23.01 1.97 -52.82
C ILE D 64 23.81 1.98 -54.12
N ALA D 65 23.90 0.83 -54.78
CA ALA D 65 24.53 0.78 -56.09
C ALA D 65 23.74 1.56 -57.13
N ALA D 66 22.43 1.73 -56.93
CA ALA D 66 21.60 2.41 -57.91
C ALA D 66 21.97 3.88 -58.06
N PHE D 67 22.54 4.50 -57.03
CA PHE D 67 23.02 5.87 -57.14
C PHE D 67 24.55 5.93 -57.11
N GLY D 68 25.22 4.86 -57.56
CA GLY D 68 26.66 4.87 -57.70
C GLY D 68 27.44 4.60 -56.43
N GLY D 69 26.79 4.13 -55.38
CA GLY D 69 27.48 3.76 -54.16
C GLY D 69 28.08 2.38 -54.25
N THR D 70 28.61 1.92 -53.13
CA THR D 70 29.20 0.59 -53.04
C THR D 70 29.03 0.07 -51.63
N ALA D 71 28.53 -1.16 -51.51
CA ALA D 71 28.23 -1.71 -50.19
C ALA D 71 28.19 -3.23 -50.29
N ILE D 72 28.35 -3.88 -49.14
CA ILE D 72 28.32 -5.33 -49.03
C ILE D 72 27.42 -5.72 -47.86
N ALA D 73 26.81 -6.89 -47.97
CA ALA D 73 25.95 -7.44 -46.93
C ALA D 73 26.71 -8.49 -46.15
N VAL D 74 26.70 -8.37 -44.82
CA VAL D 74 27.41 -9.29 -43.95
C VAL D 74 26.45 -9.76 -42.86
N GLY D 75 26.29 -11.07 -42.75
CA GLY D 75 25.47 -11.65 -41.70
C GLY D 75 26.29 -11.85 -40.44
N ALA D 76 25.78 -11.34 -39.32
CA ALA D 76 26.51 -11.41 -38.05
C ALA D 76 25.50 -11.17 -36.93
N ASP D 77 25.12 -12.25 -36.24
CA ASP D 77 24.25 -12.13 -35.08
C ASP D 77 24.96 -11.35 -33.98
N ALA D 78 24.32 -10.28 -33.51
CA ALA D 78 24.94 -9.43 -32.50
C ALA D 78 25.17 -10.18 -31.19
N ALA D 79 24.24 -11.05 -30.81
CA ALA D 79 24.40 -11.82 -29.58
C ALA D 79 25.64 -12.70 -29.64
N ASP D 80 25.99 -13.20 -30.83
CA ASP D 80 27.22 -13.96 -31.01
C ASP D 80 28.42 -13.02 -30.84
N LEU D 81 29.23 -13.26 -29.81
CA LEU D 81 30.35 -12.39 -29.52
C LEU D 81 31.48 -12.49 -30.54
N ASP D 82 31.44 -13.50 -31.43
CA ASP D 82 32.39 -13.55 -32.53
C ASP D 82 32.08 -12.54 -33.61
N SER D 83 30.84 -12.03 -33.66
CA SER D 83 30.41 -11.24 -34.81
C SER D 83 31.23 -9.98 -35.00
N GLY D 84 31.83 -9.47 -33.92
CA GLY D 84 32.64 -8.27 -34.04
C GLY D 84 33.83 -8.46 -34.96
N GLU D 85 34.59 -9.55 -34.76
CA GLU D 85 35.73 -9.81 -35.61
C GLU D 85 35.30 -10.22 -37.02
N LYS D 86 34.11 -10.80 -37.15
CA LYS D 86 33.62 -11.18 -38.46
C LYS D 86 33.33 -9.96 -39.32
N LEU D 87 32.75 -8.91 -38.73
CA LEU D 87 32.45 -7.71 -39.49
C LEU D 87 33.71 -6.95 -39.87
N VAL D 88 34.69 -6.90 -38.95
CA VAL D 88 35.94 -6.19 -39.23
C VAL D 88 36.69 -6.88 -40.37
N ALA D 89 36.80 -8.21 -40.29
CA ALA D 89 37.51 -8.98 -41.30
C ALA D 89 36.89 -8.77 -42.68
N ALA D 90 35.56 -8.89 -42.77
CA ALA D 90 34.90 -8.71 -44.05
C ALA D 90 34.95 -7.26 -44.54
N ALA D 91 35.18 -6.30 -43.64
CA ALA D 91 35.28 -4.91 -44.06
C ALA D 91 36.67 -4.60 -44.60
N VAL D 92 37.71 -5.08 -43.92
CA VAL D 92 39.07 -4.90 -44.40
C VAL D 92 39.26 -5.62 -45.74
N GLU D 93 38.67 -6.81 -45.88
CA GLU D 93 38.89 -7.60 -47.07
C GLU D 93 38.23 -6.99 -48.30
N ALA D 94 37.09 -6.34 -48.14
CA ALA D 94 36.38 -5.79 -49.28
C ALA D 94 36.75 -4.35 -49.60
N PHE D 95 37.11 -3.56 -48.58
CA PHE D 95 37.32 -2.13 -48.76
C PHE D 95 38.64 -1.61 -48.22
N GLY D 96 39.40 -2.41 -47.48
CA GLY D 96 40.75 -2.07 -47.10
C GLY D 96 40.92 -1.49 -45.72
N SER D 97 39.83 -1.16 -45.02
CA SER D 97 39.95 -0.49 -43.74
C SER D 97 38.63 -0.56 -42.98
N VAL D 98 38.67 -0.07 -41.74
CA VAL D 98 37.47 0.20 -40.95
C VAL D 98 37.64 1.58 -40.35
N ASP D 99 36.77 2.51 -40.74
CA ASP D 99 36.91 3.90 -40.32
C ASP D 99 35.78 4.39 -39.42
N VAL D 100 34.56 3.88 -39.59
CA VAL D 100 33.41 4.28 -38.78
C VAL D 100 32.60 3.03 -38.42
N LEU D 101 32.22 2.92 -37.16
CA LEU D 101 31.30 1.88 -36.69
C LEU D 101 30.03 2.54 -36.18
N VAL D 102 28.91 2.25 -36.82
CA VAL D 102 27.60 2.69 -36.35
C VAL D 102 26.93 1.49 -35.71
N ASN D 103 27.00 1.40 -34.38
CA ASN D 103 26.40 0.30 -33.64
C ASN D 103 24.92 0.56 -33.45
N ASN D 104 24.07 -0.16 -34.19
CA ASN D 104 22.63 0.07 -34.19
C ASN D 104 21.81 -1.16 -33.82
N ALA D 105 22.35 -2.37 -33.96
CA ALA D 105 21.56 -3.58 -33.73
C ALA D 105 21.05 -3.65 -32.29
N GLY D 106 19.79 -4.04 -32.15
CA GLY D 106 19.20 -4.18 -30.83
C GLY D 106 17.77 -4.66 -30.93
N ILE D 107 17.29 -5.23 -29.82
CA ILE D 107 15.93 -5.71 -29.72
C ILE D 107 15.24 -4.93 -28.61
N CYS D 108 13.91 -5.01 -28.60
CA CYS D 108 13.10 -4.41 -27.52
C CYS D 108 11.82 -5.22 -27.36
N PRO D 109 11.91 -6.38 -26.71
CA PRO D 109 10.69 -7.15 -26.42
C PRO D 109 10.01 -6.67 -25.14
N PHE D 110 8.98 -5.83 -25.29
CA PHE D 110 8.26 -5.30 -24.13
C PHE D 110 7.72 -6.43 -23.27
N HIS D 111 7.85 -6.28 -21.95
CA HIS D 111 7.41 -7.30 -21.02
C HIS D 111 7.38 -6.72 -19.62
N SER D 112 6.44 -7.19 -18.81
CA SER D 112 6.31 -6.71 -17.44
C SER D 112 7.47 -7.23 -16.59
N PHE D 113 7.76 -6.50 -15.51
CA PHE D 113 8.96 -6.75 -14.72
C PHE D 113 8.82 -7.99 -13.84
N LEU D 114 7.75 -8.07 -13.05
CA LEU D 114 7.69 -9.08 -11.99
C LEU D 114 7.64 -10.50 -12.53
N ASP D 115 7.19 -10.70 -13.77
CA ASP D 115 7.15 -12.02 -14.39
C ASP D 115 8.07 -12.10 -15.60
N MET D 116 9.15 -11.32 -15.60
CA MET D 116 10.08 -11.30 -16.73
C MET D 116 10.86 -12.60 -16.78
N PRO D 117 10.69 -13.41 -17.83
CA PRO D 117 11.48 -14.65 -17.92
C PRO D 117 12.98 -14.34 -18.00
N ARG D 118 13.77 -15.21 -17.38
CA ARG D 118 15.21 -15.01 -17.33
C ARG D 118 15.81 -14.97 -18.73
N GLU D 119 15.40 -15.88 -19.60
CA GLU D 119 16.02 -15.99 -20.92
C GLU D 119 15.73 -14.78 -21.80
N LEU D 120 14.60 -14.10 -21.57
CA LEU D 120 14.34 -12.87 -22.32
C LEU D 120 15.27 -11.75 -21.89
N TYR D 121 15.55 -11.66 -20.58
CA TYR D 121 16.46 -10.63 -20.08
C TYR D 121 17.85 -10.80 -20.67
N LEU D 122 18.42 -12.00 -20.52
CA LEU D 122 19.78 -12.24 -21.02
C LEU D 122 19.85 -12.06 -22.54
N LYS D 123 18.80 -12.45 -23.25
CA LYS D 123 18.77 -12.25 -24.69
C LYS D 123 18.82 -10.76 -25.05
N THR D 124 18.13 -9.93 -24.25
CA THR D 124 18.15 -8.50 -24.50
C THR D 124 19.50 -7.88 -24.10
N VAL D 125 20.07 -8.32 -22.98
CA VAL D 125 21.36 -7.79 -22.55
C VAL D 125 22.47 -8.28 -23.47
N GLY D 126 22.45 -9.57 -23.82
CA GLY D 126 23.49 -10.11 -24.67
C GLY D 126 23.52 -9.49 -26.05
N THR D 127 22.36 -9.10 -26.57
CA THR D 127 22.26 -8.49 -27.89
C THR D 127 22.49 -6.99 -27.86
N ASN D 128 21.92 -6.28 -26.88
CA ASN D 128 21.96 -4.82 -26.88
C ASN D 128 23.27 -4.27 -26.31
N LEU D 129 23.87 -4.97 -25.36
CA LEU D 129 25.07 -4.45 -24.70
C LEU D 129 26.29 -5.33 -24.88
N ASN D 130 26.17 -6.63 -24.62
CA ASN D 130 27.33 -7.53 -24.69
C ASN D 130 27.91 -7.59 -26.09
N GLY D 131 27.08 -7.89 -27.08
CA GLY D 131 27.58 -7.96 -28.45
C GLY D 131 28.10 -6.62 -28.94
N ALA D 132 27.45 -5.53 -28.51
CA ALA D 132 27.93 -4.20 -28.90
C ALA D 132 29.32 -3.94 -28.34
N TYR D 133 29.57 -4.36 -27.10
CA TYR D 133 30.88 -4.13 -26.49
C TYR D 133 32.00 -4.70 -27.35
N PHE D 134 31.93 -6.00 -27.65
CA PHE D 134 32.97 -6.64 -28.42
C PHE D 134 32.90 -6.34 -29.91
N THR D 135 31.77 -5.81 -30.39
CA THR D 135 31.75 -5.26 -31.74
C THR D 135 32.47 -3.92 -31.79
N VAL D 136 32.33 -3.11 -30.73
CA VAL D 136 33.08 -1.87 -30.64
C VAL D 136 34.57 -2.14 -30.46
N GLN D 137 34.90 -3.15 -29.65
CA GLN D 137 36.30 -3.46 -29.39
C GLN D 137 37.01 -3.91 -30.66
N ALA D 138 36.36 -4.77 -31.45
CA ALA D 138 37.00 -5.27 -32.66
C ALA D 138 37.16 -4.17 -33.71
N ALA D 139 36.19 -3.25 -33.78
CA ALA D 139 36.32 -2.12 -34.69
C ALA D 139 37.39 -1.15 -34.22
N ALA D 140 37.44 -0.90 -32.90
CA ALA D 140 38.44 0.02 -32.36
C ALA D 140 39.84 -0.54 -32.53
N ARG D 141 40.01 -1.85 -32.36
CA ARG D 141 41.33 -2.45 -32.52
C ARG D 141 41.87 -2.22 -33.93
N ARG D 142 41.00 -2.32 -34.94
CA ARG D 142 41.43 -2.06 -36.30
C ARG D 142 41.73 -0.58 -36.51
N MET D 143 40.94 0.30 -35.90
CA MET D 143 41.16 1.73 -36.06
C MET D 143 42.50 2.16 -35.46
N LYS D 144 42.84 1.63 -34.29
CA LYS D 144 44.11 2.00 -33.65
C LYS D 144 45.31 1.52 -34.47
N GLU D 145 45.22 0.32 -35.04
CA GLU D 145 46.33 -0.21 -35.83
C GLU D 145 46.59 0.66 -37.04
N GLN D 146 45.53 1.18 -37.66
CA GLN D 146 45.70 2.01 -38.86
C GLN D 146 46.34 3.35 -38.53
N GLY D 147 46.13 3.87 -37.33
CA GLY D 147 46.72 5.13 -36.93
C GLY D 147 46.08 6.36 -37.54
N ARG D 148 44.93 6.22 -38.18
CA ARG D 148 44.27 7.34 -38.85
C ARG D 148 43.01 7.80 -38.12
N GLY D 149 42.82 7.39 -36.87
CA GLY D 149 41.63 7.77 -36.12
C GLY D 149 40.38 7.08 -36.64
N GLY D 150 39.26 7.46 -36.05
CA GLY D 150 37.98 6.86 -36.42
C GLY D 150 36.88 7.41 -35.56
N ALA D 151 35.65 7.02 -35.91
CA ALA D 151 34.45 7.45 -35.20
C ALA D 151 33.59 6.25 -34.87
N ILE D 152 33.04 6.24 -33.66
CA ILE D 152 32.14 5.19 -33.20
C ILE D 152 30.87 5.85 -32.68
N ILE D 153 29.73 5.53 -33.28
CA ILE D 153 28.44 6.06 -32.86
C ILE D 153 27.54 4.89 -32.46
N ALA D 154 26.98 4.96 -31.26
CA ALA D 154 26.09 3.94 -30.73
C ALA D 154 24.66 4.50 -30.70
N VAL D 155 23.75 3.85 -31.41
CA VAL D 155 22.34 4.23 -31.37
C VAL D 155 21.76 3.79 -30.04
N SER D 156 21.66 4.72 -29.09
CA SER D 156 21.06 4.38 -27.79
C SER D 156 19.57 4.65 -27.84
N SER D 157 19.05 5.41 -26.88
CA SER D 157 17.64 5.77 -26.86
C SER D 157 17.43 6.87 -25.83
N ILE D 158 16.31 7.59 -25.98
CA ILE D 158 15.87 8.50 -24.92
C ILE D 158 15.67 7.72 -23.62
N SER D 159 15.31 6.45 -23.72
CA SER D 159 15.13 5.59 -22.55
C SER D 159 16.41 5.39 -21.75
N ALA D 160 17.56 5.90 -22.22
CA ALA D 160 18.80 5.92 -21.44
C ALA D 160 18.79 6.99 -20.37
N LEU D 161 17.85 7.93 -20.41
CA LEU D 161 17.75 8.98 -19.41
C LEU D 161 16.51 8.87 -18.54
N VAL D 162 15.49 8.14 -19.00
CA VAL D 162 14.22 8.01 -18.28
C VAL D 162 13.90 6.53 -18.16
N GLY D 163 12.76 6.24 -17.51
CA GLY D 163 12.35 4.88 -17.27
C GLY D 163 11.25 4.40 -18.22
N GLY D 164 11.01 3.09 -18.16
CA GLY D 164 9.93 2.46 -18.90
C GLY D 164 9.45 1.22 -18.18
N ALA D 165 8.18 1.21 -17.78
CA ALA D 165 7.65 0.12 -16.96
C ALA D 165 7.80 -1.23 -17.66
N MET D 166 7.49 -1.29 -18.94
CA MET D 166 7.63 -2.52 -19.73
C MET D 166 9.02 -2.68 -20.29
N GLN D 167 10.02 -2.00 -19.73
CA GLN D 167 11.37 -1.99 -20.26
C GLN D 167 12.43 -2.04 -19.16
N THR D 168 12.14 -2.74 -18.07
CA THR D 168 13.14 -2.91 -17.02
C THR D 168 14.36 -3.67 -17.51
N HIS D 169 14.20 -4.48 -18.56
CA HIS D 169 15.29 -5.22 -19.16
C HIS D 169 15.96 -4.49 -20.32
N TYR D 170 15.31 -3.45 -20.84
CA TYR D 170 15.77 -2.76 -22.05
C TYR D 170 16.54 -1.48 -21.76
N THR D 171 15.99 -0.62 -20.91
CA THR D 171 16.66 0.65 -20.64
C THR D 171 18.04 0.52 -19.98
N PRO D 172 18.33 -0.49 -19.14
CA PRO D 172 19.71 -0.61 -18.65
C PRO D 172 20.72 -0.90 -19.74
N THR D 173 20.29 -1.53 -20.84
CA THR D 173 21.21 -1.74 -21.95
C THR D 173 21.42 -0.47 -22.77
N LYS D 174 20.39 0.38 -22.86
CA LYS D 174 20.57 1.66 -23.54
C LYS D 174 21.40 2.62 -22.69
N ALA D 175 21.15 2.67 -21.39
CA ALA D 175 21.97 3.49 -20.51
C ALA D 175 23.40 2.96 -20.45
N GLY D 176 23.57 1.64 -20.48
CA GLY D 176 24.90 1.09 -20.52
C GLY D 176 25.62 1.39 -21.82
N LEU D 177 24.88 1.41 -22.93
CA LEU D 177 25.47 1.75 -24.22
C LEU D 177 25.99 3.18 -24.23
N LEU D 178 25.24 4.10 -23.62
CA LEU D 178 25.71 5.49 -23.49
C LEU D 178 26.96 5.56 -22.62
N SER D 179 26.96 4.85 -21.49
CA SER D 179 28.11 4.90 -20.59
C SER D 179 29.34 4.26 -21.21
N LEU D 180 29.15 3.32 -22.14
CA LEU D 180 30.30 2.70 -22.79
C LEU D 180 31.02 3.69 -23.69
N MET D 181 30.26 4.54 -24.38
CA MET D 181 30.88 5.57 -25.22
C MET D 181 31.67 6.57 -24.39
N GLN D 182 31.23 6.85 -23.16
CA GLN D 182 31.94 7.79 -22.31
C GLN D 182 33.29 7.23 -21.90
N SER D 183 33.31 5.99 -21.40
CA SER D 183 34.57 5.39 -20.98
C SER D 183 35.46 5.05 -22.17
N CYS D 184 34.87 4.66 -23.30
CA CYS D 184 35.66 4.39 -24.50
C CYS D 184 36.28 5.65 -25.05
N ALA D 185 35.61 6.79 -24.91
CA ALA D 185 36.17 8.06 -25.37
C ALA D 185 37.48 8.37 -24.65
N ILE D 186 37.56 8.05 -23.35
CA ILE D 186 38.79 8.27 -22.61
C ILE D 186 39.87 7.28 -23.04
N ALA D 187 39.49 6.03 -23.28
CA ALA D 187 40.48 5.02 -23.64
C ALA D 187 40.97 5.19 -25.06
N LEU D 188 40.07 5.49 -26.00
CA LEU D 188 40.44 5.60 -27.41
C LEU D 188 40.81 7.02 -27.82
N GLY D 189 40.61 8.00 -26.93
CA GLY D 189 40.98 9.37 -27.19
C GLY D 189 42.42 9.55 -27.66
N PRO D 190 43.39 8.97 -26.95
CA PRO D 190 44.79 9.09 -27.38
C PRO D 190 45.08 8.53 -28.76
N TYR D 191 44.13 7.81 -29.37
CA TYR D 191 44.29 7.32 -30.73
C TYR D 191 43.39 8.04 -31.72
N GLY D 192 42.81 9.18 -31.34
CA GLY D 192 41.98 9.93 -32.24
C GLY D 192 40.69 9.25 -32.64
N ILE D 193 40.13 8.41 -31.77
CA ILE D 193 38.88 7.71 -32.03
C ILE D 193 37.80 8.37 -31.18
N ARG D 194 36.79 8.93 -31.84
CA ARG D 194 35.69 9.60 -31.15
C ARG D 194 34.53 8.65 -30.99
N CYS D 195 33.90 8.70 -29.82
CA CYS D 195 32.81 7.79 -29.46
C CYS D 195 31.66 8.59 -28.89
N ASN D 196 30.52 8.59 -29.58
CA ASN D 196 29.35 9.34 -29.16
C ASN D 196 28.10 8.48 -29.35
N ALA D 197 26.99 8.97 -28.81
CA ALA D 197 25.73 8.26 -28.87
C ALA D 197 24.62 9.21 -29.31
N VAL D 198 23.73 8.71 -30.15
CA VAL D 198 22.48 9.40 -30.48
C VAL D 198 21.36 8.74 -29.68
N LEU D 199 20.45 9.55 -29.15
CA LEU D 199 19.33 9.07 -28.34
C LEU D 199 18.04 9.33 -29.10
N PRO D 200 17.59 8.41 -29.95
CA PRO D 200 16.33 8.62 -30.68
C PRO D 200 15.13 8.60 -29.76
N GLY D 201 14.15 9.44 -30.08
CA GLY D 201 12.90 9.45 -29.36
C GLY D 201 11.95 8.39 -29.87
N THR D 202 10.73 8.80 -30.24
CA THR D 202 9.72 7.88 -30.76
C THR D 202 9.81 7.88 -32.28
N ILE D 203 10.39 6.83 -32.84
CA ILE D 203 10.55 6.67 -34.27
C ILE D 203 9.57 5.61 -34.76
N ALA D 204 8.83 5.93 -35.82
CA ALA D 204 7.92 4.96 -36.43
C ALA D 204 8.75 3.95 -37.22
N THR D 205 8.79 2.70 -36.74
CA THR D 205 9.58 1.65 -37.38
C THR D 205 8.86 0.32 -37.21
N ASP D 206 9.51 -0.76 -37.66
CA ASP D 206 8.88 -2.07 -37.70
C ASP D 206 8.56 -2.62 -36.32
N ILE D 207 9.19 -2.10 -35.27
CA ILE D 207 8.84 -2.53 -33.92
C ILE D 207 7.48 -1.97 -33.50
N ASN D 208 7.08 -0.83 -34.08
CA ASN D 208 5.88 -0.10 -33.68
C ASN D 208 4.69 -0.40 -34.59
N LYS D 209 4.70 -1.52 -35.30
CA LYS D 209 3.69 -1.77 -36.33
C LYS D 209 2.29 -1.84 -35.71
N GLU D 210 2.13 -2.64 -34.66
CA GLU D 210 0.80 -2.84 -34.07
C GLU D 210 0.31 -1.59 -33.35
N ASP D 211 1.19 -0.83 -32.72
CA ASP D 211 0.77 0.34 -31.96
C ASP D 211 0.39 1.52 -32.87
N LEU D 212 0.99 1.62 -34.04
CA LEU D 212 0.77 2.78 -34.91
C LEU D 212 -0.60 2.76 -35.58
N SER D 213 -1.13 1.56 -35.88
CA SER D 213 -2.39 1.47 -36.60
C SER D 213 -3.54 2.05 -35.77
N ASP D 214 -3.51 1.86 -34.46
CA ASP D 214 -4.47 2.52 -33.58
C ASP D 214 -4.29 4.03 -33.69
N LEU D 215 -5.28 4.72 -34.23
CA LEU D 215 -5.18 6.17 -34.38
C LEU D 215 -5.19 6.88 -33.04
N GLU D 216 -5.93 6.36 -32.07
CA GLU D 216 -6.04 7.02 -30.77
C GLU D 216 -4.71 7.06 -30.05
N LYS D 217 -4.00 5.91 -30.01
CA LYS D 217 -2.69 5.89 -29.37
C LYS D 217 -1.71 6.78 -30.12
N ARG D 218 -1.79 6.79 -31.45
CA ARG D 218 -0.82 7.56 -32.24
C ARG D 218 -0.98 9.06 -32.02
N GLU D 219 -2.21 9.53 -31.86
CA GLU D 219 -2.41 10.94 -31.54
C GLU D 219 -1.88 11.26 -30.16
N ARG D 220 -2.06 10.36 -29.19
CA ARG D 220 -1.52 10.58 -27.86
C ARG D 220 0.00 10.60 -27.89
N MET D 221 0.61 9.74 -28.70
CA MET D 221 2.06 9.77 -28.84
C MET D 221 2.51 11.04 -29.55
N THR D 222 1.79 11.43 -30.62
CA THR D 222 2.17 12.62 -31.37
C THR D 222 2.02 13.88 -30.53
N SER D 223 0.98 13.93 -29.69
CA SER D 223 0.74 15.10 -28.87
C SER D 223 1.89 15.38 -27.90
N ARG D 224 2.68 14.37 -27.54
CA ARG D 224 3.79 14.56 -26.61
C ARG D 224 5.01 15.18 -27.24
N VAL D 225 5.07 15.28 -28.57
CA VAL D 225 6.27 15.72 -29.29
C VAL D 225 6.05 17.17 -29.73
N PRO D 226 6.83 18.13 -29.21
CA PRO D 226 6.62 19.54 -29.59
C PRO D 226 6.70 19.80 -31.08
N LEU D 227 7.55 19.07 -31.82
CA LEU D 227 7.61 19.27 -33.26
C LEU D 227 6.33 18.81 -33.95
N GLY D 228 5.50 18.03 -33.27
CA GLY D 228 4.19 17.68 -33.80
C GLY D 228 4.14 16.46 -34.67
N ARG D 229 5.18 15.63 -34.68
CA ARG D 229 5.17 14.43 -35.49
C ARG D 229 6.06 13.37 -34.86
N LEU D 230 5.81 12.12 -35.23
CA LEU D 230 6.70 11.04 -34.81
C LEU D 230 7.93 11.02 -35.72
N GLY D 231 8.99 10.40 -35.22
CA GLY D 231 10.23 10.35 -35.96
C GLY D 231 10.22 9.29 -37.06
N GLU D 232 11.05 9.53 -38.06
CA GLU D 232 11.30 8.61 -39.16
C GLU D 232 12.76 8.20 -39.16
N PRO D 233 13.11 7.05 -39.75
CA PRO D 233 14.52 6.64 -39.80
C PRO D 233 15.45 7.70 -40.39
N ASP D 234 14.98 8.44 -41.40
CA ASP D 234 15.81 9.48 -42.00
C ASP D 234 16.17 10.58 -41.00
N ASP D 235 15.38 10.77 -39.95
CA ASP D 235 15.67 11.81 -38.97
C ASP D 235 16.93 11.52 -38.17
N LEU D 236 17.33 10.26 -38.08
CA LEU D 236 18.57 9.90 -37.38
C LEU D 236 19.79 9.90 -38.30
N ALA D 237 19.58 9.81 -39.61
CA ALA D 237 20.69 9.64 -40.54
C ALA D 237 21.63 10.84 -40.51
N GLY D 238 21.08 12.05 -40.46
CA GLY D 238 21.85 13.26 -40.43
C GLY D 238 22.79 13.36 -39.23
N PRO D 239 22.25 13.23 -38.01
CA PRO D 239 23.12 13.30 -36.83
C PRO D 239 24.14 12.18 -36.74
N ILE D 240 23.92 11.04 -37.40
CA ILE D 240 24.93 9.99 -37.38
C ILE D 240 26.06 10.32 -38.35
N VAL D 241 25.70 10.82 -39.53
CA VAL D 241 26.72 11.28 -40.49
C VAL D 241 27.48 12.48 -39.92
N PHE D 242 26.79 13.36 -39.19
CA PHE D 242 27.47 14.48 -38.55
C PHE D 242 28.50 14.00 -37.53
N LEU D 243 28.09 13.14 -36.60
CA LEU D 243 28.99 12.69 -35.55
C LEU D 243 30.15 11.85 -36.10
N ALA D 244 30.02 11.32 -37.30
CA ALA D 244 31.09 10.55 -37.94
C ALA D 244 32.01 11.42 -38.78
N SER D 245 31.73 12.71 -38.90
CA SER D 245 32.38 13.60 -39.87
C SER D 245 33.43 14.49 -39.22
N ASP D 246 34.14 15.25 -40.06
CA ASP D 246 35.05 16.27 -39.59
C ASP D 246 34.32 17.46 -38.98
N MET D 247 33.02 17.62 -39.27
CA MET D 247 32.23 18.65 -38.59
C MET D 247 32.20 18.46 -37.08
N ALA D 248 32.40 17.24 -36.60
CA ALA D 248 32.38 16.92 -35.17
C ALA D 248 33.76 16.51 -34.66
N ARG D 249 34.82 17.08 -35.25
CA ARG D 249 36.19 16.62 -34.97
C ARG D 249 36.59 16.79 -33.52
N TYR D 250 35.87 17.61 -32.74
CA TYR D 250 36.16 17.81 -31.33
C TYR D 250 35.04 17.29 -30.44
N VAL D 251 34.16 16.45 -30.98
CA VAL D 251 33.03 15.90 -30.25
C VAL D 251 33.33 14.44 -29.94
N THR D 252 33.62 14.14 -28.68
CA THR D 252 33.75 12.77 -28.23
C THR D 252 33.24 12.67 -26.80
N GLY D 253 32.75 11.49 -26.44
CA GLY D 253 32.15 11.29 -25.13
C GLY D 253 30.90 12.12 -24.90
N ALA D 254 30.06 12.27 -25.91
CA ALA D 254 28.88 13.12 -25.84
C ALA D 254 27.65 12.35 -26.25
N SER D 255 26.49 12.87 -25.85
CA SER D 255 25.20 12.34 -26.25
C SER D 255 24.42 13.42 -26.99
N LEU D 256 23.52 12.99 -27.86
CA LEU D 256 22.74 13.92 -28.69
C LEU D 256 21.31 13.39 -28.81
N LEU D 257 20.36 14.11 -28.23
CA LEU D 257 18.96 13.73 -28.34
C LEU D 257 18.45 14.00 -29.75
N VAL D 258 17.78 13.01 -30.34
CA VAL D 258 17.05 13.20 -31.58
C VAL D 258 15.63 12.72 -31.36
N ASP D 259 14.80 13.58 -30.75
CA ASP D 259 13.48 13.15 -30.30
C ASP D 259 12.37 14.15 -30.57
N GLY D 260 12.64 15.22 -31.32
CA GLY D 260 11.62 16.22 -31.56
C GLY D 260 11.21 16.99 -30.32
N GLY D 261 12.07 17.02 -29.30
CA GLY D 261 11.72 17.68 -28.05
C GLY D 261 10.95 16.83 -27.08
N LEU D 262 10.96 15.50 -27.24
CA LEU D 262 10.15 14.64 -26.40
C LEU D 262 10.62 14.65 -24.95
N PHE D 263 11.94 14.58 -24.73
CA PHE D 263 12.46 14.47 -23.38
C PHE D 263 12.10 15.67 -22.51
N VAL D 264 12.21 16.88 -23.06
CA VAL D 264 12.03 18.08 -22.24
C VAL D 264 10.57 18.46 -22.03
N ASN D 265 9.64 17.80 -22.71
CA ASN D 265 8.23 18.20 -22.67
C ASN D 265 7.51 17.51 -21.51
N LEU D 266 7.83 17.97 -20.31
CA LEU D 266 7.16 17.48 -19.12
C LEU D 266 5.72 18.00 -19.08
N GLN D 267 4.77 17.08 -18.90
CA GLN D 267 3.37 17.47 -18.81
C GLN D 267 3.00 17.90 -17.39
N SER E 12 -55.09 -21.34 11.33
CA SER E 12 -55.67 -20.89 12.59
C SER E 12 -54.61 -20.36 13.55
N LEU E 13 -53.41 -20.11 13.06
CA LEU E 13 -52.32 -19.67 13.92
C LEU E 13 -52.51 -18.24 14.41
N LEU E 14 -53.41 -17.47 13.78
CA LEU E 14 -53.63 -16.08 14.14
C LEU E 14 -55.12 -15.72 14.02
N ILE E 15 -55.96 -16.44 14.75
CA ILE E 15 -57.40 -16.22 14.65
C ILE E 15 -57.79 -14.91 15.30
N ASP E 16 -58.56 -14.10 14.57
CA ASP E 16 -59.15 -12.86 15.11
C ASP E 16 -58.10 -11.95 15.74
N LYS E 17 -56.88 -11.97 15.22
CA LYS E 17 -55.84 -11.06 15.67
C LYS E 17 -55.64 -9.95 14.65
N THR E 18 -55.17 -8.80 15.12
CA THR E 18 -54.88 -7.65 14.27
C THR E 18 -53.37 -7.57 14.06
N VAL E 19 -52.95 -7.62 12.81
CA VAL E 19 -51.54 -7.62 12.43
C VAL E 19 -51.26 -6.39 11.58
N ILE E 20 -50.26 -5.61 11.98
CA ILE E 20 -49.81 -4.45 11.22
C ILE E 20 -48.52 -4.83 10.50
N VAL E 21 -48.52 -4.73 9.18
CA VAL E 21 -47.36 -5.07 8.37
C VAL E 21 -46.97 -3.83 7.58
N THR E 22 -45.90 -3.17 8.00
CA THR E 22 -45.35 -2.06 7.23
C THR E 22 -44.62 -2.58 6.00
N GLY E 23 -44.57 -1.75 4.96
CA GLY E 23 -43.96 -2.13 3.71
C GLY E 23 -44.57 -3.39 3.12
N ALA E 24 -45.89 -3.46 3.10
CA ALA E 24 -46.62 -4.67 2.75
C ALA E 24 -47.19 -4.65 1.34
N SER E 25 -46.83 -3.67 0.52
CA SER E 25 -47.37 -3.62 -0.83
C SER E 25 -46.63 -4.57 -1.78
N ARG E 26 -45.38 -4.91 -1.51
CA ARG E 26 -44.60 -5.72 -2.41
C ARG E 26 -43.61 -6.58 -1.63
N GLY E 27 -43.13 -7.63 -2.28
CA GLY E 27 -42.02 -8.40 -1.74
C GLY E 27 -42.40 -9.17 -0.49
N ILE E 28 -41.47 -9.19 0.47
CA ILE E 28 -41.62 -9.99 1.67
C ILE E 28 -42.83 -9.53 2.48
N GLY E 29 -43.00 -8.22 2.63
CA GLY E 29 -44.12 -7.71 3.40
C GLY E 29 -45.46 -8.08 2.79
N ARG E 30 -45.55 -8.09 1.47
CA ARG E 30 -46.80 -8.45 0.81
C ARG E 30 -47.14 -9.92 1.04
N ALA E 31 -46.15 -10.81 0.85
CA ALA E 31 -46.39 -12.23 1.10
C ALA E 31 -46.64 -12.51 2.57
N ALA E 32 -46.04 -11.73 3.47
CA ALA E 32 -46.28 -11.93 4.90
C ALA E 32 -47.70 -11.52 5.27
N ALA E 33 -48.13 -10.33 4.82
CA ALA E 33 -49.49 -9.89 5.11
C ALA E 33 -50.53 -10.86 4.56
N ARG E 34 -50.26 -11.44 3.39
CA ARG E 34 -51.22 -12.38 2.81
C ARG E 34 -51.37 -13.63 3.67
N GLU E 35 -50.24 -14.17 4.15
CA GLU E 35 -50.30 -15.43 4.90
C GLU E 35 -50.97 -15.26 6.26
N CYS E 36 -50.71 -14.12 6.91
CA CYS E 36 -51.35 -13.84 8.20
C CYS E 36 -52.87 -13.81 8.06
N ALA E 37 -53.36 -13.26 6.96
CA ALA E 37 -54.79 -13.32 6.66
C ALA E 37 -55.24 -14.77 6.49
N ARG E 38 -54.45 -15.58 5.77
CA ARG E 38 -54.79 -17.00 5.62
C ARG E 38 -54.75 -17.73 6.96
N GLN E 39 -53.99 -17.23 7.93
CA GLN E 39 -54.02 -17.75 9.30
C GLN E 39 -55.14 -17.14 10.14
N GLY E 40 -56.10 -16.46 9.52
CA GLY E 40 -57.26 -15.95 10.20
C GLY E 40 -57.15 -14.53 10.73
N ALA E 41 -56.00 -13.88 10.58
CA ALA E 41 -55.83 -12.55 11.14
C ALA E 41 -56.45 -11.50 10.23
N ARG E 42 -56.79 -10.36 10.84
CA ARG E 42 -57.19 -9.17 10.11
C ARG E 42 -55.98 -8.25 9.99
N VAL E 43 -55.67 -7.85 8.76
CA VAL E 43 -54.38 -7.28 8.41
C VAL E 43 -54.51 -5.78 8.17
N VAL E 44 -53.55 -5.02 8.67
CA VAL E 44 -53.37 -3.62 8.31
C VAL E 44 -52.19 -3.56 7.36
N ILE E 45 -52.46 -3.20 6.10
CA ILE E 45 -51.45 -3.23 5.04
C ILE E 45 -50.86 -1.82 4.93
N GLY E 46 -49.65 -1.64 5.48
CA GLY E 46 -48.99 -0.35 5.44
C GLY E 46 -48.14 -0.18 4.19
N HIS E 47 -48.13 1.05 3.67
CA HIS E 47 -47.32 1.40 2.50
C HIS E 47 -46.78 2.80 2.68
N SER E 48 -46.07 3.29 1.65
CA SER E 48 -45.32 4.54 1.75
C SER E 48 -46.16 5.77 1.46
N GLY E 49 -47.24 5.65 0.71
CA GLY E 49 -48.03 6.79 0.28
C GLY E 49 -47.87 7.12 -1.18
N SER E 50 -46.86 6.55 -1.84
CA SER E 50 -46.74 6.69 -3.29
C SER E 50 -47.96 6.10 -3.98
N ASP E 51 -48.22 6.57 -5.19
CA ASP E 51 -49.34 6.03 -5.96
C ASP E 51 -49.11 4.57 -6.32
N GLU E 52 -47.86 4.15 -6.42
CA GLU E 52 -47.55 2.75 -6.72
C GLU E 52 -47.80 1.85 -5.51
N GLY E 53 -47.40 2.31 -4.32
CA GLY E 53 -47.62 1.52 -3.12
C GLY E 53 -49.09 1.38 -2.78
N ARG E 54 -49.86 2.48 -2.89
CA ARG E 54 -51.28 2.40 -2.62
C ARG E 54 -52.00 1.51 -3.62
N ALA E 55 -51.51 1.45 -4.86
CA ALA E 55 -52.09 0.54 -5.84
C ALA E 55 -51.82 -0.90 -5.47
N GLY E 56 -50.62 -1.20 -4.98
CA GLY E 56 -50.31 -2.55 -4.53
C GLY E 56 -50.96 -2.90 -3.21
N ALA E 57 -51.07 -1.92 -2.29
CA ALA E 57 -51.75 -2.17 -1.03
C ALA E 57 -53.22 -2.52 -1.26
N LEU E 58 -53.89 -1.77 -2.14
CA LEU E 58 -55.28 -2.08 -2.45
C LEU E 58 -55.40 -3.37 -3.25
N SER E 59 -54.38 -3.70 -4.05
CA SER E 59 -54.39 -4.96 -4.79
C SER E 59 -54.37 -6.16 -3.85
N LEU E 60 -53.56 -6.10 -2.80
CA LEU E 60 -53.50 -7.20 -1.85
C LEU E 60 -54.78 -7.29 -1.02
N ALA E 61 -55.37 -6.15 -0.69
CA ALA E 61 -56.62 -6.15 0.07
C ALA E 61 -57.73 -6.81 -0.72
N GLU E 62 -57.76 -6.58 -2.04
CA GLU E 62 -58.76 -7.25 -2.87
C GLU E 62 -58.50 -8.75 -2.93
N GLU E 63 -57.24 -9.16 -3.00
CA GLU E 63 -56.91 -10.58 -3.00
C GLU E 63 -57.30 -11.23 -1.69
N ILE E 64 -57.02 -10.57 -0.57
CA ILE E 64 -57.30 -11.16 0.74
C ILE E 64 -58.81 -11.34 0.94
N ALA E 65 -59.60 -10.35 0.56
CA ALA E 65 -61.04 -10.49 0.64
C ALA E 65 -61.57 -11.53 -0.34
N ALA E 66 -60.84 -11.81 -1.42
CA ALA E 66 -61.26 -12.81 -2.38
C ALA E 66 -61.25 -14.22 -1.82
N PHE E 67 -60.65 -14.45 -0.65
CA PHE E 67 -60.78 -15.73 0.03
C PHE E 67 -61.35 -15.58 1.45
N GLY E 68 -62.07 -14.50 1.71
CA GLY E 68 -62.81 -14.34 2.95
C GLY E 68 -62.15 -13.54 4.04
N GLY E 69 -60.92 -13.06 3.83
CA GLY E 69 -60.23 -12.33 4.87
C GLY E 69 -60.57 -10.85 4.90
N THR E 70 -60.13 -10.19 5.96
CA THR E 70 -60.29 -8.76 6.13
C THR E 70 -58.93 -8.07 6.09
N ALA E 71 -58.89 -6.89 5.49
CA ALA E 71 -57.66 -6.12 5.41
C ALA E 71 -57.99 -4.69 4.96
N ILE E 72 -57.26 -3.72 5.51
CA ILE E 72 -57.35 -2.34 5.07
C ILE E 72 -55.96 -1.87 4.68
N ALA E 73 -55.93 -0.84 3.83
CA ALA E 73 -54.69 -0.25 3.34
C ALA E 73 -54.46 1.09 4.03
N VAL E 74 -53.30 1.26 4.63
CA VAL E 74 -52.92 2.48 5.33
C VAL E 74 -51.58 2.96 4.79
N GLY E 75 -51.53 4.23 4.38
CA GLY E 75 -50.29 4.82 3.90
C GLY E 75 -49.59 5.55 5.04
N ALA E 76 -48.33 5.20 5.26
CA ALA E 76 -47.56 5.79 6.35
C ALA E 76 -46.08 5.74 5.98
N ASP E 77 -45.49 6.91 5.75
CA ASP E 77 -44.06 7.00 5.43
C ASP E 77 -43.24 6.57 6.65
N ALA E 78 -42.47 5.50 6.49
CA ALA E 78 -41.70 4.95 7.60
C ALA E 78 -40.68 5.95 8.13
N ALA E 79 -40.14 6.81 7.26
CA ALA E 79 -39.22 7.85 7.72
C ALA E 79 -39.92 8.91 8.54
N ASP E 80 -41.23 9.07 8.38
CA ASP E 80 -42.01 10.00 9.18
C ASP E 80 -42.28 9.34 10.53
N LEU E 81 -41.67 9.88 11.59
CA LEU E 81 -41.76 9.24 12.90
C LEU E 81 -43.17 9.26 13.47
N ASP E 82 -44.05 10.13 12.95
CA ASP E 82 -45.44 10.10 13.37
C ASP E 82 -46.20 8.93 12.78
N SER E 83 -45.63 8.22 11.80
CA SER E 83 -46.35 7.14 11.13
C SER E 83 -46.68 5.99 12.06
N GLY E 84 -45.89 5.81 13.12
CA GLY E 84 -46.16 4.72 14.04
C GLY E 84 -47.53 4.84 14.69
N GLU E 85 -47.83 6.01 15.23
CA GLU E 85 -49.12 6.21 15.88
C GLU E 85 -50.27 6.28 14.87
N LYS E 86 -49.98 6.61 13.61
CA LYS E 86 -51.03 6.61 12.60
C LYS E 86 -51.47 5.19 12.29
N LEU E 87 -50.52 4.26 12.11
CA LEU E 87 -50.87 2.87 11.85
C LEU E 87 -51.63 2.26 13.02
N VAL E 88 -51.18 2.54 14.25
CA VAL E 88 -51.86 2.01 15.43
C VAL E 88 -53.28 2.55 15.52
N ALA E 89 -53.47 3.83 15.19
CA ALA E 89 -54.79 4.43 15.27
C ALA E 89 -55.74 3.79 14.26
N ALA E 90 -55.27 3.58 13.02
CA ALA E 90 -56.11 2.98 12.00
C ALA E 90 -56.42 1.51 12.32
N ALA E 91 -55.51 0.83 13.02
CA ALA E 91 -55.74 -0.57 13.35
C ALA E 91 -56.81 -0.72 14.42
N VAL E 92 -56.72 0.08 15.48
CA VAL E 92 -57.69 -0.01 16.57
C VAL E 92 -59.08 0.38 16.09
N GLU E 93 -59.16 1.46 15.29
CA GLU E 93 -60.46 1.95 14.87
C GLU E 93 -61.16 1.00 13.90
N ALA E 94 -60.40 0.24 13.12
CA ALA E 94 -61.01 -0.68 12.17
C ALA E 94 -61.24 -2.07 12.76
N PHE E 95 -60.32 -2.54 13.61
CA PHE E 95 -60.32 -3.93 14.05
C PHE E 95 -60.31 -4.13 15.56
N GLY E 96 -60.14 -3.07 16.35
CA GLY E 96 -60.31 -3.14 17.78
C GLY E 96 -59.03 -3.27 18.59
N SER E 97 -57.96 -3.77 18.00
CA SER E 97 -56.76 -4.06 18.79
C SER E 97 -55.51 -3.99 17.90
N VAL E 98 -54.36 -4.15 18.54
CA VAL E 98 -53.08 -4.37 17.87
C VAL E 98 -52.42 -5.56 18.56
N ASP E 99 -52.24 -6.65 17.81
CA ASP E 99 -51.71 -7.89 18.38
C ASP E 99 -50.34 -8.29 17.84
N VAL E 100 -50.08 -8.08 16.56
CA VAL E 100 -48.79 -8.40 15.94
C VAL E 100 -48.35 -7.22 15.09
N LEU E 101 -47.05 -6.89 15.15
CA LEU E 101 -46.44 -5.92 14.27
C LEU E 101 -45.31 -6.60 13.50
N VAL E 102 -45.41 -6.60 12.18
CA VAL E 102 -44.36 -7.08 11.29
C VAL E 102 -43.73 -5.85 10.65
N ASN E 103 -42.61 -5.40 11.21
CA ASN E 103 -41.90 -4.24 10.67
C ASN E 103 -41.04 -4.70 9.50
N ASN E 104 -41.47 -4.36 8.28
CA ASN E 104 -40.80 -4.81 7.06
C ASN E 104 -40.32 -3.67 6.16
N ALA E 105 -40.86 -2.46 6.29
CA ALA E 105 -40.50 -1.37 5.40
C ALA E 105 -39.01 -1.03 5.50
N GLY E 106 -38.37 -0.88 4.35
CA GLY E 106 -36.96 -0.54 4.31
C GLY E 106 -36.51 -0.25 2.88
N ILE E 107 -35.32 0.33 2.77
CA ILE E 107 -34.73 0.64 1.48
C ILE E 107 -33.28 0.17 1.49
N CYS E 108 -32.78 -0.21 0.31
CA CYS E 108 -31.38 -0.62 0.14
C CYS E 108 -30.86 -0.09 -1.18
N PRO E 109 -30.44 1.17 -1.22
CA PRO E 109 -29.79 1.69 -2.43
C PRO E 109 -28.28 1.50 -2.37
N PHE E 110 -27.75 0.61 -3.20
CA PHE E 110 -26.32 0.31 -3.17
C PHE E 110 -25.51 1.53 -3.57
N HIS E 111 -24.45 1.81 -2.81
CA HIS E 111 -23.61 2.98 -3.03
C HIS E 111 -22.28 2.76 -2.33
N SER E 112 -21.20 3.27 -2.93
CA SER E 112 -19.88 3.07 -2.37
C SER E 112 -19.66 3.99 -1.16
N PHE E 113 -18.68 3.63 -0.34
CA PHE E 113 -18.53 4.25 0.97
C PHE E 113 -17.97 5.67 0.86
N LEU E 114 -16.84 5.82 0.15
CA LEU E 114 -16.04 7.04 0.28
C LEU E 114 -16.72 8.27 -0.30
N ASP E 115 -17.64 8.09 -1.24
CA ASP E 115 -18.36 9.21 -1.84
C ASP E 115 -19.81 9.29 -1.38
N MET E 116 -20.17 8.56 -0.33
CA MET E 116 -21.56 8.47 0.12
C MET E 116 -22.10 9.83 0.55
N PRO E 117 -23.13 10.36 -0.11
CA PRO E 117 -23.73 11.62 0.33
C PRO E 117 -24.37 11.48 1.70
N ARG E 118 -24.50 12.62 2.38
CA ARG E 118 -25.13 12.63 3.69
C ARG E 118 -26.62 12.29 3.59
N GLU E 119 -27.31 12.85 2.60
CA GLU E 119 -28.76 12.71 2.53
C GLU E 119 -29.18 11.27 2.24
N LEU E 120 -28.40 10.55 1.43
CA LEU E 120 -28.73 9.15 1.17
C LEU E 120 -28.44 8.28 2.39
N TYR E 121 -27.36 8.57 3.12
CA TYR E 121 -27.11 7.86 4.36
C TYR E 121 -28.22 8.11 5.37
N LEU E 122 -28.61 9.38 5.55
CA LEU E 122 -29.62 9.72 6.53
C LEU E 122 -31.00 9.19 6.13
N LYS E 123 -31.26 9.10 4.83
CA LYS E 123 -32.52 8.52 4.38
C LYS E 123 -32.57 7.02 4.71
N THR E 124 -31.44 6.33 4.64
CA THR E 124 -31.41 4.90 4.91
C THR E 124 -31.65 4.62 6.39
N VAL E 125 -30.97 5.34 7.27
CA VAL E 125 -31.10 5.10 8.70
C VAL E 125 -32.47 5.57 9.19
N GLY E 126 -32.91 6.74 8.73
CA GLY E 126 -34.20 7.24 9.17
C GLY E 126 -35.35 6.31 8.80
N THR E 127 -35.27 5.68 7.63
CA THR E 127 -36.32 4.75 7.21
C THR E 127 -36.19 3.40 7.88
N ASN E 128 -34.99 2.81 7.87
CA ASN E 128 -34.82 1.43 8.30
C ASN E 128 -34.78 1.28 9.82
N LEU E 129 -34.20 2.25 10.53
CA LEU E 129 -33.99 2.13 11.97
C LEU E 129 -34.85 3.12 12.77
N ASN E 130 -34.70 4.41 12.52
CA ASN E 130 -35.40 5.41 13.32
C ASN E 130 -36.91 5.25 13.21
N GLY E 131 -37.42 5.03 11.99
CA GLY E 131 -38.85 4.81 11.83
C GLY E 131 -39.31 3.51 12.45
N ALA E 132 -38.48 2.47 12.38
CA ALA E 132 -38.83 1.21 13.02
C ALA E 132 -38.93 1.38 14.53
N TYR E 133 -38.09 2.22 15.11
CA TYR E 133 -38.06 2.39 16.55
C TYR E 133 -39.41 2.86 17.08
N PHE E 134 -39.95 3.92 16.50
CA PHE E 134 -41.19 4.48 17.00
C PHE E 134 -42.43 3.83 16.41
N THR E 135 -42.28 3.02 15.36
CA THR E 135 -43.35 2.12 14.97
C THR E 135 -43.47 0.97 15.98
N VAL E 136 -42.34 0.45 16.44
CA VAL E 136 -42.36 -0.55 17.50
C VAL E 136 -42.89 0.07 18.79
N GLN E 137 -42.48 1.30 19.09
CA GLN E 137 -42.92 1.96 20.32
C GLN E 137 -44.42 2.17 20.34
N ALA E 138 -44.99 2.60 19.20
CA ALA E 138 -46.43 2.84 19.15
C ALA E 138 -47.22 1.56 19.32
N ALA E 139 -46.82 0.50 18.60
CA ALA E 139 -47.51 -0.77 18.72
C ALA E 139 -47.31 -1.39 20.10
N ALA E 140 -46.09 -1.27 20.65
CA ALA E 140 -45.84 -1.82 21.98
C ALA E 140 -46.72 -1.14 23.03
N ARG E 141 -46.87 0.18 22.93
CA ARG E 141 -47.76 0.90 23.85
C ARG E 141 -49.15 0.30 23.84
N ARG E 142 -49.71 0.07 22.65
CA ARG E 142 -51.04 -0.50 22.55
C ARG E 142 -51.08 -1.93 23.06
N MET E 143 -50.07 -2.73 22.75
CA MET E 143 -50.04 -4.11 23.22
C MET E 143 -49.96 -4.17 24.74
N LYS E 144 -49.19 -3.28 25.36
CA LYS E 144 -49.13 -3.24 26.81
C LYS E 144 -50.46 -2.79 27.40
N GLU E 145 -51.08 -1.78 26.80
CA GLU E 145 -52.36 -1.29 27.30
C GLU E 145 -53.42 -2.39 27.32
N GLN E 146 -53.40 -3.26 26.31
CA GLN E 146 -54.44 -4.28 26.21
C GLN E 146 -54.28 -5.35 27.29
N GLY E 147 -53.05 -5.68 27.65
CA GLY E 147 -52.79 -6.67 28.68
C GLY E 147 -52.90 -8.11 28.24
N ARG E 148 -52.91 -8.38 26.94
CA ARG E 148 -53.00 -9.74 26.42
C ARG E 148 -51.75 -10.15 25.66
N GLY E 149 -50.63 -9.47 25.89
CA GLY E 149 -49.39 -9.80 25.24
C GLY E 149 -49.40 -9.46 23.75
N GLY E 150 -48.39 -9.96 23.07
CA GLY E 150 -48.25 -9.69 21.65
C GLY E 150 -46.93 -10.20 21.12
N ALA E 151 -46.72 -9.98 19.83
CA ALA E 151 -45.51 -10.40 19.14
C ALA E 151 -45.09 -9.30 18.17
N ILE E 152 -43.78 -9.03 18.13
CA ILE E 152 -43.21 -8.04 17.23
C ILE E 152 -42.05 -8.71 16.49
N ILE E 153 -42.12 -8.71 15.16
CA ILE E 153 -41.12 -9.35 14.31
C ILE E 153 -40.55 -8.31 13.37
N ALA E 154 -39.23 -8.14 13.41
CA ALA E 154 -38.54 -7.23 12.51
C ALA E 154 -37.89 -8.01 11.38
N VAL E 155 -38.10 -7.53 10.14
CA VAL E 155 -37.48 -8.15 8.98
C VAL E 155 -36.13 -7.47 8.80
N SER E 156 -35.09 -8.09 9.37
CA SER E 156 -33.71 -7.63 9.17
C SER E 156 -33.14 -8.30 7.93
N SER E 157 -31.96 -8.91 8.04
CA SER E 157 -31.34 -9.58 6.90
C SER E 157 -30.08 -10.31 7.37
N ILE E 158 -29.62 -11.23 6.51
CA ILE E 158 -28.32 -11.87 6.71
C ILE E 158 -27.20 -10.84 6.81
N SER E 159 -27.35 -9.68 6.15
CA SER E 159 -26.34 -8.63 6.23
C SER E 159 -26.20 -8.05 7.63
N ALA E 160 -27.07 -8.43 8.57
CA ALA E 160 -26.90 -8.01 9.95
C ALA E 160 -25.76 -8.75 10.64
N LEU E 161 -25.28 -9.84 10.05
CA LEU E 161 -24.21 -10.63 10.64
C LEU E 161 -22.89 -10.50 9.90
N VAL E 162 -22.91 -10.14 8.62
CA VAL E 162 -21.69 -10.01 7.82
C VAL E 162 -21.64 -8.63 7.20
N GLY E 163 -20.68 -8.40 6.31
CA GLY E 163 -20.45 -7.11 5.71
C GLY E 163 -20.86 -7.08 4.25
N GLY E 164 -20.77 -5.87 3.68
CA GLY E 164 -21.07 -5.64 2.28
C GLY E 164 -20.48 -4.32 1.82
N ALA E 165 -19.69 -4.36 0.74
CA ALA E 165 -18.93 -3.17 0.33
C ALA E 165 -19.85 -2.02 -0.03
N MET E 166 -20.89 -2.28 -0.82
CA MET E 166 -21.83 -1.26 -1.26
C MET E 166 -22.96 -1.04 -0.26
N GLN E 167 -22.78 -1.44 1.01
CA GLN E 167 -23.84 -1.34 2.00
C GLN E 167 -23.31 -0.85 3.34
N THR E 168 -22.26 -0.03 3.34
CA THR E 168 -21.77 0.54 4.59
C THR E 168 -22.84 1.37 5.29
N HIS E 169 -23.82 1.87 4.53
CA HIS E 169 -24.93 2.63 5.08
C HIS E 169 -26.15 1.78 5.37
N TYR E 170 -26.15 0.52 4.95
CA TYR E 170 -27.33 -0.34 5.03
C TYR E 170 -27.20 -1.43 6.10
N THR E 171 -26.07 -2.13 6.14
CA THR E 171 -25.91 -3.18 7.15
C THR E 171 -25.96 -2.67 8.59
N PRO E 172 -25.51 -1.47 8.95
CA PRO E 172 -25.69 -1.03 10.35
C PRO E 172 -27.15 -0.91 10.75
N THR E 173 -28.05 -0.65 9.79
CA THR E 173 -29.47 -0.61 10.13
C THR E 173 -30.02 -2.01 10.32
N LYS E 174 -29.59 -2.97 9.50
CA LYS E 174 -30.00 -4.36 9.68
C LYS E 174 -29.49 -4.91 11.00
N ALA E 175 -28.22 -4.65 11.32
CA ALA E 175 -27.72 -4.97 12.65
C ALA E 175 -28.45 -4.16 13.72
N GLY E 176 -28.91 -2.96 13.38
CA GLY E 176 -29.67 -2.16 14.33
C GLY E 176 -31.02 -2.76 14.65
N LEU E 177 -31.74 -3.24 13.62
CA LEU E 177 -33.02 -3.90 13.84
C LEU E 177 -32.87 -5.11 14.76
N LEU E 178 -31.85 -5.94 14.51
CA LEU E 178 -31.63 -7.12 15.34
C LEU E 178 -31.37 -6.73 16.79
N SER E 179 -30.46 -5.77 17.00
CA SER E 179 -30.16 -5.33 18.36
C SER E 179 -31.40 -4.75 19.04
N LEU E 180 -32.28 -4.11 18.28
CA LEU E 180 -33.49 -3.53 18.87
C LEU E 180 -34.41 -4.62 19.39
N MET E 181 -34.55 -5.72 18.65
CA MET E 181 -35.37 -6.83 19.12
C MET E 181 -34.78 -7.49 20.36
N GLN E 182 -33.46 -7.45 20.51
CA GLN E 182 -32.84 -7.99 21.71
C GLN E 182 -33.16 -7.14 22.93
N SER E 183 -33.02 -5.82 22.78
CA SER E 183 -33.22 -4.92 23.93
C SER E 183 -34.70 -4.80 24.29
N CYS E 184 -35.58 -4.76 23.28
CA CYS E 184 -37.01 -4.66 23.53
C CYS E 184 -37.59 -5.95 24.08
N ALA E 185 -36.98 -7.10 23.74
CA ALA E 185 -37.42 -8.36 24.34
C ALA E 185 -37.29 -8.33 25.86
N ILE E 186 -36.26 -7.64 26.36
CA ILE E 186 -36.12 -7.48 27.80
C ILE E 186 -37.18 -6.52 28.33
N ALA E 187 -37.29 -5.33 27.73
CA ALA E 187 -38.15 -4.29 28.26
C ALA E 187 -39.62 -4.67 28.18
N LEU E 188 -40.02 -5.36 27.11
CA LEU E 188 -41.42 -5.72 26.90
C LEU E 188 -41.75 -7.13 27.38
N GLY E 189 -40.75 -7.92 27.76
CA GLY E 189 -40.96 -9.24 28.29
C GLY E 189 -42.04 -9.33 29.36
N PRO E 190 -41.93 -8.54 30.43
CA PRO E 190 -42.94 -8.61 31.50
C PRO E 190 -44.38 -8.39 31.05
N TYR E 191 -44.61 -7.90 29.83
CA TYR E 191 -45.96 -7.68 29.32
C TYR E 191 -46.37 -8.72 28.29
N GLY E 192 -45.61 -9.81 28.16
CA GLY E 192 -45.96 -10.85 27.22
C GLY E 192 -45.77 -10.47 25.76
N ILE E 193 -44.91 -9.50 25.49
CA ILE E 193 -44.62 -9.07 24.13
C ILE E 193 -43.28 -9.66 23.73
N ARG E 194 -43.30 -10.57 22.75
CA ARG E 194 -42.08 -11.22 22.28
C ARG E 194 -41.55 -10.48 21.05
N CYS E 195 -40.24 -10.20 21.05
CA CYS E 195 -39.61 -9.43 19.98
C CYS E 195 -38.50 -10.27 19.34
N ASN E 196 -38.68 -10.62 18.07
CA ASN E 196 -37.74 -11.46 17.33
C ASN E 196 -37.46 -10.83 15.97
N ALA E 197 -36.52 -11.45 15.25
CA ALA E 197 -36.08 -10.96 13.96
C ALA E 197 -35.81 -12.10 13.00
N VAL E 198 -36.28 -11.95 11.76
CA VAL E 198 -35.96 -12.86 10.67
C VAL E 198 -34.86 -12.23 9.83
N LEU E 199 -33.92 -13.05 9.36
CA LEU E 199 -32.79 -12.59 8.55
C LEU E 199 -32.83 -13.33 7.22
N PRO E 200 -33.58 -12.82 6.24
CA PRO E 200 -33.63 -13.49 4.95
C PRO E 200 -32.32 -13.33 4.18
N GLY E 201 -32.04 -14.31 3.32
CA GLY E 201 -30.87 -14.24 2.47
C GLY E 201 -31.12 -13.51 1.17
N THR E 202 -30.84 -14.16 0.05
CA THR E 202 -31.05 -13.58 -1.27
C THR E 202 -32.46 -13.95 -1.73
N ILE E 203 -33.37 -12.98 -1.68
CA ILE E 203 -34.77 -13.20 -2.05
C ILE E 203 -35.01 -12.56 -3.41
N ALA E 204 -35.42 -13.38 -4.37
CA ALA E 204 -35.72 -12.92 -5.72
C ALA E 204 -37.11 -12.30 -5.80
N ASP E 214 -29.50 -10.75 -17.05
CA ASP E 214 -28.24 -11.49 -16.99
C ASP E 214 -28.45 -12.90 -16.43
N LEU E 215 -28.33 -13.89 -17.31
CA LEU E 215 -28.48 -15.29 -16.89
C LEU E 215 -27.25 -15.81 -16.17
N GLU E 216 -26.11 -15.13 -16.29
CA GLU E 216 -24.90 -15.58 -15.61
C GLU E 216 -24.84 -15.11 -14.17
N LYS E 217 -25.33 -13.90 -13.90
CA LYS E 217 -25.30 -13.37 -12.54
C LYS E 217 -26.25 -14.13 -11.62
N ARG E 218 -27.34 -14.66 -12.16
CA ARG E 218 -28.27 -15.46 -11.35
C ARG E 218 -27.71 -16.83 -11.03
N GLU E 219 -26.94 -17.41 -11.95
CA GLU E 219 -26.34 -18.73 -11.70
C GLU E 219 -25.22 -18.64 -10.68
N ARG E 220 -24.50 -17.53 -10.64
CA ARG E 220 -23.43 -17.37 -9.65
C ARG E 220 -24.00 -17.21 -8.25
N MET E 221 -25.07 -16.43 -8.10
CA MET E 221 -25.71 -16.29 -6.80
C MET E 221 -26.36 -17.59 -6.37
N THR E 222 -26.99 -18.30 -7.32
CA THR E 222 -27.67 -19.55 -6.98
C THR E 222 -26.67 -20.63 -6.57
N SER E 223 -25.52 -20.70 -7.24
CA SER E 223 -24.52 -21.71 -6.91
C SER E 223 -23.92 -21.53 -5.52
N ARG E 224 -24.15 -20.38 -4.88
CA ARG E 224 -23.62 -20.12 -3.55
C ARG E 224 -24.61 -20.45 -2.45
N VAL E 225 -25.82 -20.90 -2.78
CA VAL E 225 -26.85 -21.24 -1.82
C VAL E 225 -26.96 -22.75 -1.73
N PRO E 226 -26.66 -23.36 -0.59
CA PRO E 226 -26.61 -24.84 -0.50
C PRO E 226 -27.87 -25.56 -0.98
N LEU E 227 -29.06 -24.99 -0.77
CA LEU E 227 -30.28 -25.60 -1.26
C LEU E 227 -30.50 -25.38 -2.75
N GLY E 228 -29.63 -24.60 -3.40
CA GLY E 228 -29.59 -24.53 -4.85
C GLY E 228 -30.70 -23.71 -5.50
N ARG E 229 -31.20 -22.69 -4.83
CA ARG E 229 -32.20 -21.81 -5.43
C ARG E 229 -32.24 -20.52 -4.64
N LEU E 230 -32.58 -19.43 -5.32
CA LEU E 230 -32.78 -18.17 -4.62
C LEU E 230 -34.10 -18.20 -3.84
N GLY E 231 -34.27 -17.23 -2.96
CA GLY E 231 -35.45 -17.16 -2.14
C GLY E 231 -36.59 -16.41 -2.82
N GLU E 232 -37.81 -16.81 -2.47
CA GLU E 232 -39.03 -16.13 -2.88
C GLU E 232 -39.66 -15.45 -1.67
N PRO E 233 -40.51 -14.45 -1.89
CA PRO E 233 -41.19 -13.82 -0.73
C PRO E 233 -41.97 -14.81 0.11
N ASP E 234 -42.58 -15.82 -0.51
CA ASP E 234 -43.33 -16.82 0.26
C ASP E 234 -42.44 -17.58 1.24
N ASP E 235 -41.14 -17.67 0.95
CA ASP E 235 -40.24 -18.40 1.85
C ASP E 235 -40.16 -17.75 3.22
N LEU E 236 -40.44 -16.45 3.31
CA LEU E 236 -40.39 -15.75 4.59
C LEU E 236 -41.72 -15.80 5.33
N ALA E 237 -42.81 -16.12 4.64
CA ALA E 237 -44.14 -16.06 5.26
C ALA E 237 -44.27 -17.07 6.39
N GLY E 238 -43.80 -18.30 6.17
CA GLY E 238 -43.80 -19.34 7.18
C GLY E 238 -43.12 -18.93 8.48
N PRO E 239 -41.84 -18.55 8.41
CA PRO E 239 -41.14 -18.15 9.63
C PRO E 239 -41.76 -16.96 10.34
N ILE E 240 -42.27 -15.98 9.61
CA ILE E 240 -42.90 -14.82 10.25
C ILE E 240 -44.16 -15.25 10.99
N VAL E 241 -45.03 -16.00 10.31
CA VAL E 241 -46.27 -16.49 10.92
C VAL E 241 -45.96 -17.36 12.13
N PHE E 242 -44.93 -18.20 12.03
CA PHE E 242 -44.57 -19.05 13.16
C PHE E 242 -44.12 -18.22 14.37
N LEU E 243 -43.32 -17.18 14.12
CA LEU E 243 -42.85 -16.34 15.22
C LEU E 243 -43.98 -15.54 15.87
N ALA E 244 -45.06 -15.30 15.15
CA ALA E 244 -46.18 -14.52 15.66
C ALA E 244 -47.22 -15.38 16.38
N SER E 245 -47.06 -16.70 16.39
CA SER E 245 -48.07 -17.64 16.85
C SER E 245 -47.68 -18.27 18.18
N ASP E 246 -48.58 -19.10 18.70
CA ASP E 246 -48.35 -19.84 19.93
C ASP E 246 -47.29 -20.93 19.78
N MET E 247 -46.92 -21.30 18.54
CA MET E 247 -45.81 -22.24 18.36
C MET E 247 -44.49 -21.68 18.87
N ALA E 248 -44.38 -20.36 18.98
CA ALA E 248 -43.14 -19.69 19.38
C ALA E 248 -43.31 -18.98 20.72
N ARG E 249 -44.09 -19.58 21.62
CA ARG E 249 -44.53 -18.88 22.83
C ARG E 249 -43.41 -18.65 23.84
N TYR E 250 -42.33 -19.43 23.78
CA TYR E 250 -41.17 -19.19 24.63
C TYR E 250 -40.03 -18.52 23.87
N VAL E 251 -40.26 -18.13 22.63
CA VAL E 251 -39.23 -17.60 21.75
C VAL E 251 -39.33 -16.08 21.76
N THR E 252 -38.36 -15.42 22.38
CA THR E 252 -38.23 -13.96 22.30
C THR E 252 -36.76 -13.59 22.33
N GLY E 253 -36.43 -12.49 21.65
CA GLY E 253 -35.04 -12.07 21.56
C GLY E 253 -34.19 -12.94 20.67
N ALA E 254 -34.81 -13.66 19.73
CA ALA E 254 -34.11 -14.60 18.88
C ALA E 254 -34.00 -14.08 17.45
N SER E 255 -33.05 -14.65 16.72
CA SER E 255 -32.90 -14.42 15.29
C SER E 255 -33.08 -15.73 14.55
N LEU E 256 -33.52 -15.65 13.31
CA LEU E 256 -33.71 -16.85 12.48
C LEU E 256 -33.30 -16.52 11.06
N LEU E 257 -32.28 -17.23 10.57
CA LEU E 257 -31.85 -17.11 9.19
C LEU E 257 -32.83 -17.85 8.28
N VAL E 258 -33.28 -17.18 7.23
CA VAL E 258 -34.00 -17.84 6.15
C VAL E 258 -33.23 -17.57 4.86
N ASP E 259 -32.18 -18.35 4.61
CA ASP E 259 -31.27 -18.04 3.52
C ASP E 259 -30.83 -19.26 2.72
N GLY E 260 -31.41 -20.43 2.96
CA GLY E 260 -30.98 -21.63 2.27
C GLY E 260 -29.55 -22.03 2.55
N GLY E 261 -28.98 -21.58 3.66
CA GLY E 261 -27.61 -21.92 4.01
C GLY E 261 -26.56 -20.97 3.49
N LEU E 262 -26.95 -19.78 3.04
CA LEU E 262 -25.99 -18.84 2.46
C LEU E 262 -24.92 -18.45 3.46
N PHE E 263 -25.34 -18.07 4.68
CA PHE E 263 -24.40 -17.59 5.69
C PHE E 263 -23.32 -18.63 5.99
N VAL E 264 -23.72 -19.89 6.21
CA VAL E 264 -22.77 -20.89 6.68
C VAL E 264 -21.83 -21.40 5.60
N ASN E 265 -22.08 -21.07 4.33
CA ASN E 265 -21.36 -21.69 3.22
C ASN E 265 -20.17 -20.81 2.82
N LEU E 266 -19.06 -21.00 3.54
CA LEU E 266 -17.84 -20.26 3.25
C LEU E 266 -17.34 -20.59 1.84
N GLN E 267 -16.61 -19.64 1.26
CA GLN E 267 -16.13 -19.73 -0.12
C GLN E 267 -17.32 -19.81 -1.09
N SER F 12 7.02 3.32 20.36
CA SER F 12 7.37 1.94 20.05
C SER F 12 6.51 1.38 18.92
N LEU F 13 5.32 0.89 19.29
CA LEU F 13 4.47 0.19 18.34
C LEU F 13 3.76 1.12 17.36
N LEU F 14 3.71 2.42 17.65
CA LEU F 14 3.01 3.39 16.81
C LEU F 14 3.93 4.53 16.44
N ILE F 15 5.16 4.21 16.05
CA ILE F 15 6.19 5.23 15.87
C ILE F 15 5.83 6.12 14.68
N ASP F 16 5.98 7.43 14.89
CA ASP F 16 5.82 8.42 13.82
C ASP F 16 4.51 8.26 13.05
N LYS F 17 3.45 7.89 13.77
CA LYS F 17 2.12 7.76 13.19
C LYS F 17 1.18 8.77 13.84
N THR F 18 0.24 9.29 13.06
CA THR F 18 -0.75 10.23 13.54
C THR F 18 -2.04 9.49 13.86
N VAL F 19 -2.45 9.53 15.13
CA VAL F 19 -3.67 8.87 15.60
C VAL F 19 -4.67 9.94 16.00
N ILE F 20 -5.89 9.84 15.49
CA ILE F 20 -7.00 10.70 15.89
C ILE F 20 -7.90 9.90 16.82
N VAL F 21 -8.14 10.42 18.02
CA VAL F 21 -9.03 9.79 19.00
C VAL F 21 -10.16 10.77 19.29
N THR F 22 -11.35 10.48 18.75
CA THR F 22 -12.52 11.28 19.09
C THR F 22 -12.98 10.94 20.51
N GLY F 23 -13.50 11.97 21.20
CA GLY F 23 -13.91 11.82 22.58
C GLY F 23 -12.77 11.31 23.45
N ALA F 24 -11.70 12.11 23.57
CA ALA F 24 -10.47 11.65 24.19
C ALA F 24 -10.09 12.43 25.44
N SER F 25 -10.98 13.26 25.98
CA SER F 25 -10.67 13.95 27.22
C SER F 25 -11.12 13.20 28.46
N ARG F 26 -12.05 12.26 28.33
CA ARG F 26 -12.55 11.49 29.46
C ARG F 26 -12.46 10.00 29.18
N GLY F 27 -12.26 9.24 30.26
CA GLY F 27 -12.53 7.80 30.24
C GLY F 27 -11.65 7.03 29.27
N ILE F 28 -12.29 6.14 28.51
CA ILE F 28 -11.58 5.20 27.65
C ILE F 28 -10.80 5.94 26.58
N GLY F 29 -11.42 6.94 25.95
CA GLY F 29 -10.73 7.70 24.92
C GLY F 29 -9.49 8.40 25.47
N ARG F 30 -9.57 8.90 26.70
CA ARG F 30 -8.42 9.56 27.31
C ARG F 30 -7.29 8.57 27.54
N ALA F 31 -7.61 7.36 28.01
CA ALA F 31 -6.58 6.37 28.30
C ALA F 31 -5.94 5.83 27.02
N ALA F 32 -6.72 5.72 25.94
CA ALA F 32 -6.17 5.21 24.69
C ALA F 32 -5.25 6.25 24.04
N ALA F 33 -5.68 7.50 24.00
CA ALA F 33 -4.86 8.56 23.40
C ALA F 33 -3.53 8.68 24.12
N ARG F 34 -3.53 8.57 25.45
CA ARG F 34 -2.27 8.65 26.19
C ARG F 34 -1.35 7.48 25.85
N GLU F 35 -1.91 6.26 25.80
CA GLU F 35 -1.08 5.09 25.51
C GLU F 35 -0.55 5.11 24.08
N CYS F 36 -1.27 5.75 23.15
CA CYS F 36 -0.74 5.90 21.81
C CYS F 36 0.45 6.84 21.79
N ALA F 37 0.43 7.89 22.61
CA ALA F 37 1.58 8.78 22.71
C ALA F 37 2.76 8.05 23.34
N ARG F 38 2.50 7.21 24.35
CA ARG F 38 3.57 6.41 24.94
C ARG F 38 4.18 5.48 23.91
N GLN F 39 3.38 4.98 22.97
CA GLN F 39 3.87 4.14 21.89
C GLN F 39 4.50 4.95 20.75
N GLY F 40 4.70 6.25 20.93
CA GLY F 40 5.41 7.05 19.95
C GLY F 40 4.54 7.68 18.89
N ALA F 41 3.24 7.76 19.09
CA ALA F 41 2.36 8.39 18.11
C ALA F 41 2.23 9.88 18.39
N ARG F 42 1.72 10.59 17.39
CA ARG F 42 1.37 12.00 17.51
C ARG F 42 -0.15 12.09 17.46
N VAL F 43 -0.77 12.46 18.58
CA VAL F 43 -2.19 12.20 18.80
C VAL F 43 -2.98 13.49 18.67
N VAL F 44 -4.10 13.41 17.96
CA VAL F 44 -5.11 14.45 17.93
C VAL F 44 -6.13 14.13 19.02
N ILE F 45 -6.18 14.94 20.07
CA ILE F 45 -7.07 14.71 21.19
C ILE F 45 -8.40 15.37 20.87
N GLY F 46 -9.36 14.59 20.39
CA GLY F 46 -10.67 15.12 20.06
C GLY F 46 -11.56 15.24 21.29
N HIS F 47 -12.33 16.32 21.34
CA HIS F 47 -13.28 16.53 22.41
C HIS F 47 -14.53 17.18 21.83
N SER F 48 -15.59 17.25 22.64
CA SER F 48 -16.88 17.74 22.16
C SER F 48 -16.88 19.24 21.91
N GLY F 49 -15.82 19.95 22.28
CA GLY F 49 -15.83 21.40 22.26
C GLY F 49 -16.46 22.03 23.47
N SER F 50 -17.01 21.24 24.38
CA SER F 50 -17.52 21.76 25.64
C SER F 50 -16.40 22.41 26.44
N ASP F 51 -16.77 23.26 27.38
CA ASP F 51 -15.77 23.91 28.23
C ASP F 51 -15.00 22.87 29.03
N GLU F 52 -15.69 21.85 29.55
CA GLU F 52 -15.01 20.79 30.30
C GLU F 52 -14.19 19.91 29.37
N GLY F 53 -14.68 19.67 28.15
CA GLY F 53 -13.96 18.83 27.22
C GLY F 53 -12.63 19.44 26.80
N ARG F 54 -12.65 20.75 26.45
CA ARG F 54 -11.41 21.43 26.11
C ARG F 54 -10.44 21.45 27.28
N ALA F 55 -10.95 21.53 28.51
CA ALA F 55 -10.09 21.47 29.68
C ALA F 55 -9.49 20.10 29.87
N GLY F 56 -10.28 19.04 29.61
CA GLY F 56 -9.75 17.70 29.74
C GLY F 56 -8.78 17.34 28.64
N ALA F 57 -9.07 17.79 27.41
CA ALA F 57 -8.16 17.53 26.31
C ALA F 57 -6.82 18.23 26.52
N LEU F 58 -6.85 19.48 26.99
CA LEU F 58 -5.60 20.23 27.17
C LEU F 58 -4.78 19.69 28.33
N SER F 59 -5.45 19.17 29.37
CA SER F 59 -4.72 18.56 30.48
C SER F 59 -4.06 17.25 30.04
N LEU F 60 -4.72 16.50 29.17
CA LEU F 60 -4.10 15.30 28.62
C LEU F 60 -2.89 15.65 27.78
N ALA F 61 -2.98 16.71 26.97
CA ALA F 61 -1.82 17.18 26.21
C ALA F 61 -0.70 17.60 27.14
N GLU F 62 -1.03 18.16 28.31
CA GLU F 62 0.00 18.49 29.28
C GLU F 62 0.73 17.24 29.76
N GLU F 63 -0.03 16.19 30.08
CA GLU F 63 0.59 14.92 30.50
C GLU F 63 1.45 14.35 29.38
N ILE F 64 0.90 14.30 28.16
CA ILE F 64 1.61 13.70 27.04
C ILE F 64 2.93 14.44 26.78
N ALA F 65 2.90 15.77 26.85
CA ALA F 65 4.13 16.54 26.66
C ALA F 65 5.11 16.32 27.81
N ALA F 66 4.61 15.97 29.00
CA ALA F 66 5.48 15.82 30.15
C ALA F 66 6.38 14.59 30.06
N PHE F 67 5.94 13.53 29.36
CA PHE F 67 6.79 12.37 29.18
C PHE F 67 7.42 12.32 27.79
N GLY F 68 7.41 13.44 27.06
CA GLY F 68 8.12 13.54 25.81
C GLY F 68 7.32 13.31 24.55
N GLY F 69 6.00 13.13 24.65
CA GLY F 69 5.17 12.90 23.49
C GLY F 69 4.69 14.20 22.86
N THR F 70 3.96 14.04 21.76
CA THR F 70 3.40 15.16 21.02
C THR F 70 1.91 14.95 20.84
N ALA F 71 1.12 16.00 21.11
CA ALA F 71 -0.32 15.92 20.96
C ALA F 71 -0.91 17.32 20.91
N ILE F 72 -1.98 17.46 20.12
CA ILE F 72 -2.79 18.67 20.09
C ILE F 72 -4.21 18.30 20.50
N ALA F 73 -5.01 19.34 20.76
CA ALA F 73 -6.41 19.18 21.14
C ALA F 73 -7.29 19.87 20.12
N VAL F 74 -8.35 19.20 19.67
CA VAL F 74 -9.27 19.74 18.68
C VAL F 74 -10.69 19.45 19.13
N GLY F 75 -11.49 20.50 19.27
CA GLY F 75 -12.90 20.34 19.63
C GLY F 75 -13.75 20.06 18.40
N ALA F 76 -14.64 19.09 18.53
CA ALA F 76 -15.46 18.66 17.39
C ALA F 76 -16.69 17.92 17.92
N ASP F 77 -17.85 18.54 17.79
CA ASP F 77 -19.11 17.88 18.14
C ASP F 77 -19.33 16.70 17.19
N ALA F 78 -19.32 15.49 17.74
CA ALA F 78 -19.51 14.30 16.92
C ALA F 78 -20.87 14.29 16.24
N ALA F 79 -21.90 14.82 16.89
CA ALA F 79 -23.21 14.90 16.26
C ALA F 79 -23.20 15.85 15.07
N ASP F 80 -22.32 16.84 15.07
CA ASP F 80 -22.10 17.67 13.89
C ASP F 80 -21.37 16.82 12.84
N LEU F 81 -22.04 16.57 11.70
CA LEU F 81 -21.46 15.73 10.68
C LEU F 81 -20.30 16.38 9.93
N ASP F 82 -20.01 17.65 10.21
CA ASP F 82 -18.84 18.31 9.65
C ASP F 82 -17.58 18.06 10.48
N SER F 83 -17.70 17.39 11.62
CA SER F 83 -16.57 17.27 12.53
C SER F 83 -15.48 16.34 11.98
N GLY F 84 -15.88 15.31 11.23
CA GLY F 84 -14.89 14.40 10.69
C GLY F 84 -13.85 15.11 9.84
N GLU F 85 -14.31 15.95 8.91
CA GLU F 85 -13.37 16.66 8.05
C GLU F 85 -12.54 17.68 8.83
N LYS F 86 -13.12 18.27 9.89
CA LYS F 86 -12.35 19.19 10.72
C LYS F 86 -11.21 18.48 11.43
N LEU F 87 -11.47 17.27 11.94
CA LEU F 87 -10.42 16.53 12.64
C LEU F 87 -9.31 16.10 11.70
N VAL F 88 -9.66 15.68 10.49
CA VAL F 88 -8.63 15.25 9.53
C VAL F 88 -7.79 16.45 9.10
N ALA F 89 -8.44 17.59 8.81
CA ALA F 89 -7.70 18.77 8.42
C ALA F 89 -6.80 19.27 9.54
N ALA F 90 -7.28 19.21 10.78
CA ALA F 90 -6.44 19.58 11.91
C ALA F 90 -5.25 18.64 12.06
N ALA F 91 -5.44 17.36 11.73
CA ALA F 91 -4.36 16.39 11.87
C ALA F 91 -3.32 16.53 10.76
N VAL F 92 -3.77 16.74 9.53
CA VAL F 92 -2.84 16.89 8.41
C VAL F 92 -2.07 18.21 8.53
N GLU F 93 -2.74 19.28 8.98
CA GLU F 93 -2.08 20.58 9.06
C GLU F 93 -0.98 20.59 10.12
N ALA F 94 -1.13 19.81 11.19
CA ALA F 94 -0.18 19.83 12.28
C ALA F 94 0.83 18.69 12.23
N PHE F 95 0.49 17.57 11.59
CA PHE F 95 1.34 16.39 11.61
C PHE F 95 1.59 15.77 10.24
N GLY F 96 0.92 16.24 9.18
CA GLY F 96 1.22 15.82 7.83
C GLY F 96 0.45 14.63 7.33
N SER F 97 -0.18 13.87 8.22
CA SER F 97 -0.82 12.62 7.80
C SER F 97 -1.89 12.23 8.81
N VAL F 98 -2.76 11.31 8.39
CA VAL F 98 -3.68 10.61 9.26
C VAL F 98 -3.48 9.12 9.03
N ASP F 99 -3.10 8.39 10.07
CA ASP F 99 -2.77 6.99 9.95
C ASP F 99 -3.65 6.06 10.79
N VAL F 100 -4.18 6.54 11.92
CA VAL F 100 -5.06 5.73 12.76
C VAL F 100 -6.23 6.58 13.22
N LEU F 101 -7.43 5.99 13.20
CA LEU F 101 -8.62 6.61 13.76
C LEU F 101 -9.18 5.71 14.83
N VAL F 102 -9.23 6.21 16.06
CA VAL F 102 -9.92 5.52 17.15
C VAL F 102 -11.22 6.26 17.40
N ASN F 103 -12.31 5.79 16.78
CA ASN F 103 -13.61 6.40 16.99
C ASN F 103 -14.15 5.96 18.35
N ASN F 104 -14.19 6.89 19.29
CA ASN F 104 -14.58 6.59 20.67
C ASN F 104 -15.70 7.46 21.21
N ALA F 105 -15.94 8.64 20.64
CA ALA F 105 -16.97 9.53 21.16
C ALA F 105 -18.34 8.85 21.11
N GLY F 106 -19.03 8.85 22.25
CA GLY F 106 -20.34 8.23 22.32
C GLY F 106 -21.01 8.58 23.63
N ILE F 107 -22.34 8.51 23.60
CA ILE F 107 -23.16 8.74 24.77
C ILE F 107 -24.06 7.53 25.00
N CYS F 108 -24.62 7.48 26.20
CA CYS F 108 -25.58 6.45 26.55
C CYS F 108 -26.46 6.93 27.69
N PRO F 109 -27.50 7.71 27.41
CA PRO F 109 -28.46 8.09 28.47
C PRO F 109 -29.43 6.96 28.73
N PHE F 110 -29.25 6.28 29.86
CA PHE F 110 -30.14 5.19 30.23
C PHE F 110 -31.56 5.72 30.40
N HIS F 111 -32.52 5.06 29.73
CA HIS F 111 -33.89 5.51 29.73
C HIS F 111 -34.78 4.35 29.30
N SER F 112 -36.04 4.39 29.75
CA SER F 112 -36.97 3.32 29.42
C SER F 112 -37.47 3.47 27.98
N PHE F 113 -37.99 2.36 27.44
CA PHE F 113 -38.33 2.32 26.03
C PHE F 113 -39.67 3.01 25.74
N LEU F 114 -40.71 2.67 26.50
CA LEU F 114 -42.06 3.08 26.12
C LEU F 114 -42.25 4.59 26.19
N ASP F 115 -41.56 5.27 27.10
CA ASP F 115 -41.63 6.72 27.23
C ASP F 115 -40.35 7.41 26.75
N MET F 116 -39.76 6.87 25.69
CA MET F 116 -38.52 7.44 25.17
C MET F 116 -38.79 8.73 24.41
N PRO F 117 -38.27 9.88 24.85
CA PRO F 117 -38.45 11.10 24.07
C PRO F 117 -37.75 11.00 22.73
N ARG F 118 -38.38 11.57 21.70
CA ARG F 118 -37.81 11.48 20.36
C ARG F 118 -36.42 12.11 20.31
N GLU F 119 -36.24 13.25 20.98
CA GLU F 119 -34.95 13.95 20.91
C GLU F 119 -33.85 13.12 21.56
N LEU F 120 -34.17 12.39 22.63
CA LEU F 120 -33.16 11.57 23.29
C LEU F 120 -32.69 10.45 22.38
N TYR F 121 -33.61 9.81 21.66
CA TYR F 121 -33.23 8.78 20.70
C TYR F 121 -32.39 9.38 19.58
N LEU F 122 -32.86 10.49 19.00
CA LEU F 122 -32.18 11.07 17.84
C LEU F 122 -30.78 11.53 18.19
N LYS F 123 -30.58 12.05 19.40
CA LYS F 123 -29.25 12.46 19.82
C LYS F 123 -28.32 11.27 19.94
N THR F 124 -28.83 10.13 20.46
CA THR F 124 -27.99 8.96 20.62
C THR F 124 -27.52 8.41 19.28
N VAL F 125 -28.44 8.25 18.33
CA VAL F 125 -28.08 7.76 17.00
C VAL F 125 -27.12 8.72 16.33
N GLY F 126 -27.45 10.02 16.37
CA GLY F 126 -26.62 11.01 15.68
C GLY F 126 -25.20 11.06 16.23
N THR F 127 -25.05 10.99 17.55
CA THR F 127 -23.72 11.02 18.15
C THR F 127 -23.00 9.69 17.96
N ASN F 128 -23.62 8.59 18.40
CA ASN F 128 -22.90 7.32 18.50
C ASN F 128 -22.68 6.66 17.15
N LEU F 129 -23.57 6.86 16.19
CA LEU F 129 -23.49 6.15 14.92
C LEU F 129 -23.34 7.08 13.72
N ASN F 130 -24.21 8.07 13.59
CA ASN F 130 -24.17 8.95 12.42
C ASN F 130 -22.87 9.75 12.38
N GLY F 131 -22.48 10.32 13.52
CA GLY F 131 -21.20 11.02 13.58
C GLY F 131 -20.03 10.11 13.33
N ALA F 132 -20.12 8.85 13.76
CA ALA F 132 -19.05 7.88 13.50
C ALA F 132 -18.90 7.61 12.01
N TYR F 133 -20.02 7.51 11.29
CA TYR F 133 -19.98 7.14 9.88
C TYR F 133 -19.11 8.09 9.08
N PHE F 134 -19.35 9.39 9.20
CA PHE F 134 -18.64 10.38 8.43
C PHE F 134 -17.33 10.81 9.07
N THR F 135 -17.11 10.47 10.35
CA THR F 135 -15.77 10.59 10.90
C THR F 135 -14.86 9.50 10.37
N VAL F 136 -15.40 8.29 10.21
CA VAL F 136 -14.64 7.23 9.55
C VAL F 136 -14.41 7.59 8.08
N GLN F 137 -15.41 8.19 7.44
CA GLN F 137 -15.32 8.50 6.01
C GLN F 137 -14.17 9.46 5.75
N ALA F 138 -14.12 10.58 6.48
CA ALA F 138 -13.05 11.56 6.27
C ALA F 138 -11.68 10.96 6.55
N ALA F 139 -11.59 10.10 7.57
CA ALA F 139 -10.30 9.46 7.86
C ALA F 139 -9.96 8.43 6.80
N ALA F 140 -10.96 7.69 6.31
CA ALA F 140 -10.71 6.71 5.26
C ALA F 140 -10.30 7.40 3.97
N ARG F 141 -10.90 8.55 3.66
CA ARG F 141 -10.55 9.26 2.44
C ARG F 141 -9.10 9.73 2.47
N ARG F 142 -8.64 10.23 3.61
CA ARG F 142 -7.25 10.68 3.73
C ARG F 142 -6.28 9.51 3.63
N MET F 143 -6.62 8.37 4.26
CA MET F 143 -5.73 7.22 4.22
C MET F 143 -5.55 6.70 2.79
N LYS F 144 -6.64 6.64 2.02
CA LYS F 144 -6.53 6.21 0.63
C LYS F 144 -5.69 7.19 -0.16
N GLU F 145 -5.90 8.49 0.05
CA GLU F 145 -5.13 9.50 -0.69
C GLU F 145 -3.64 9.40 -0.38
N GLN F 146 -3.29 9.02 0.85
CA GLN F 146 -1.88 8.87 1.19
C GLN F 146 -1.27 7.64 0.52
N GLY F 147 -2.03 6.56 0.43
CA GLY F 147 -1.55 5.35 -0.22
C GLY F 147 -0.62 4.49 0.59
N ARG F 148 -0.49 4.74 1.89
CA ARG F 148 0.39 3.97 2.75
C ARG F 148 -0.38 3.19 3.82
N GLY F 149 -1.63 2.81 3.51
CA GLY F 149 -2.42 2.04 4.45
C GLY F 149 -2.91 2.85 5.63
N GLY F 150 -3.55 2.14 6.56
CA GLY F 150 -4.11 2.77 7.74
C GLY F 150 -4.82 1.73 8.60
N ALA F 151 -5.31 2.21 9.74
CA ALA F 151 -6.04 1.37 10.68
C ALA F 151 -7.13 2.18 11.35
N ILE F 152 -8.33 1.59 11.47
CA ILE F 152 -9.48 2.23 12.08
C ILE F 152 -10.03 1.31 13.16
N ILE F 153 -10.32 1.87 14.33
CA ILE F 153 -10.83 1.12 15.46
C ILE F 153 -12.05 1.86 16.01
N ALA F 154 -13.20 1.20 15.99
CA ALA F 154 -14.43 1.75 16.55
C ALA F 154 -14.67 1.13 17.92
N VAL F 155 -14.93 1.99 18.92
CA VAL F 155 -15.19 1.53 20.27
C VAL F 155 -16.68 1.28 20.37
N SER F 156 -17.08 0.00 20.28
CA SER F 156 -18.46 -0.39 20.48
C SER F 156 -18.67 -0.91 21.90
N SER F 157 -19.49 -1.94 22.06
CA SER F 157 -19.84 -2.40 23.41
C SER F 157 -20.17 -3.88 23.37
N ILE F 158 -20.13 -4.50 24.55
CA ILE F 158 -20.66 -5.84 24.71
C ILE F 158 -22.14 -5.87 24.36
N SER F 159 -22.86 -4.77 24.61
CA SER F 159 -24.25 -4.63 24.23
C SER F 159 -24.47 -4.63 22.71
N ALA F 160 -23.41 -4.69 21.90
CA ALA F 160 -23.58 -5.00 20.49
C ALA F 160 -23.99 -6.45 20.26
N LEU F 161 -23.85 -7.30 21.28
CA LEU F 161 -24.21 -8.71 21.18
C LEU F 161 -25.45 -9.06 22.00
N VAL F 162 -25.73 -8.34 23.08
CA VAL F 162 -26.84 -8.62 23.96
C VAL F 162 -27.70 -7.35 24.07
N GLY F 163 -28.75 -7.43 24.90
CA GLY F 163 -29.73 -6.37 25.01
C GLY F 163 -29.59 -5.55 26.29
N GLY F 164 -30.36 -4.47 26.33
CA GLY F 164 -30.46 -3.61 27.50
C GLY F 164 -31.81 -2.94 27.58
N ALA F 165 -32.62 -3.30 28.58
CA ALA F 165 -33.99 -2.78 28.66
C ALA F 165 -34.00 -1.26 28.70
N MET F 166 -33.02 -0.66 29.38
CA MET F 166 -32.87 0.79 29.40
C MET F 166 -31.93 1.29 28.31
N GLN F 167 -31.67 0.47 27.29
CA GLN F 167 -30.74 0.83 26.22
C GLN F 167 -31.29 0.45 24.86
N THR F 168 -32.62 0.41 24.71
CA THR F 168 -33.20 0.08 23.41
C THR F 168 -32.79 1.08 22.34
N HIS F 169 -32.42 2.30 22.74
CA HIS F 169 -31.91 3.31 21.82
C HIS F 169 -30.40 3.26 21.67
N TYR F 170 -29.69 2.66 22.63
CA TYR F 170 -28.23 2.68 22.66
C TYR F 170 -27.62 1.47 21.96
N THR F 171 -28.08 0.25 22.29
CA THR F 171 -27.49 -0.93 21.70
C THR F 171 -27.58 -0.99 20.17
N PRO F 172 -28.60 -0.44 19.50
CA PRO F 172 -28.52 -0.40 18.03
C PRO F 172 -27.35 0.41 17.50
N THR F 173 -26.89 1.44 18.21
CA THR F 173 -25.73 2.19 17.72
C THR F 173 -24.45 1.40 17.93
N LYS F 174 -24.35 0.62 19.01
CA LYS F 174 -23.17 -0.20 19.23
C LYS F 174 -23.12 -1.36 18.24
N ALA F 175 -24.26 -2.02 18.02
CA ALA F 175 -24.32 -3.05 16.99
C ALA F 175 -24.08 -2.47 15.61
N GLY F 176 -24.59 -1.25 15.37
CA GLY F 176 -24.35 -0.60 14.10
C GLY F 176 -22.89 -0.20 13.89
N LEU F 177 -22.19 0.09 14.98
CA LEU F 177 -20.76 0.42 14.86
C LEU F 177 -19.95 -0.81 14.44
N LEU F 178 -20.26 -1.97 15.04
CA LEU F 178 -19.51 -3.19 14.71
C LEU F 178 -19.77 -3.60 13.26
N SER F 179 -21.03 -3.55 12.82
CA SER F 179 -21.38 -3.87 11.44
C SER F 179 -20.77 -2.88 10.47
N LEU F 180 -20.58 -1.64 10.91
CA LEU F 180 -19.91 -0.65 10.09
C LEU F 180 -18.45 -1.05 9.84
N MET F 181 -17.81 -1.66 10.84
CA MET F 181 -16.43 -2.07 10.65
C MET F 181 -16.32 -3.28 9.72
N GLN F 182 -17.35 -4.13 9.67
CA GLN F 182 -17.27 -5.32 8.83
C GLN F 182 -17.41 -4.96 7.35
N SER F 183 -18.31 -4.04 7.02
CA SER F 183 -18.54 -3.66 5.63
C SER F 183 -17.43 -2.76 5.11
N CYS F 184 -16.95 -1.85 5.96
CA CYS F 184 -15.83 -1.00 5.61
C CYS F 184 -14.55 -1.83 5.47
N ALA F 185 -14.47 -2.96 6.19
CA ALA F 185 -13.35 -3.86 6.01
C ALA F 185 -13.29 -4.36 4.56
N ILE F 186 -14.45 -4.64 3.97
CA ILE F 186 -14.49 -5.04 2.57
C ILE F 186 -14.15 -3.86 1.66
N ALA F 187 -14.72 -2.69 1.94
CA ALA F 187 -14.56 -1.55 1.04
C ALA F 187 -13.13 -1.00 1.07
N LEU F 188 -12.52 -0.95 2.25
CA LEU F 188 -11.20 -0.35 2.41
C LEU F 188 -10.06 -1.35 2.38
N GLY F 189 -10.37 -2.65 2.38
CA GLY F 189 -9.38 -3.69 2.25
C GLY F 189 -8.36 -3.47 1.16
N PRO F 190 -8.80 -3.20 -0.08
CA PRO F 190 -7.84 -3.01 -1.18
C PRO F 190 -6.86 -1.88 -0.95
N TYR F 191 -7.12 -0.96 -0.03
CA TYR F 191 -6.23 0.16 0.24
C TYR F 191 -5.40 -0.05 1.49
N GLY F 192 -5.32 -1.27 2.00
CA GLY F 192 -4.52 -1.54 3.18
C GLY F 192 -5.03 -0.89 4.43
N ILE F 193 -6.34 -0.71 4.55
CA ILE F 193 -6.96 -0.14 5.73
C ILE F 193 -7.67 -1.28 6.47
N ARG F 194 -7.22 -1.55 7.70
CA ARG F 194 -7.83 -2.57 8.53
C ARG F 194 -8.89 -1.95 9.42
N CYS F 195 -10.06 -2.58 9.49
CA CYS F 195 -11.22 -2.05 10.21
C CYS F 195 -11.65 -3.07 11.26
N ASN F 196 -11.61 -2.67 12.53
CA ASN F 196 -11.94 -3.57 13.62
C ASN F 196 -12.71 -2.81 14.69
N ALA F 197 -13.40 -3.57 15.53
CA ALA F 197 -14.18 -3.03 16.64
C ALA F 197 -13.74 -3.66 17.94
N VAL F 198 -13.72 -2.88 19.00
CA VAL F 198 -13.43 -3.37 20.34
C VAL F 198 -14.69 -3.24 21.17
N LEU F 199 -14.98 -4.27 21.97
CA LEU F 199 -16.24 -4.37 22.72
C LEU F 199 -15.93 -4.41 24.21
N PRO F 200 -15.79 -3.26 24.87
CA PRO F 200 -15.60 -3.26 26.32
C PRO F 200 -16.87 -3.70 27.04
N GLY F 201 -16.67 -4.26 28.24
CA GLY F 201 -17.78 -4.67 29.07
C GLY F 201 -18.20 -3.60 30.06
N THR F 202 -17.96 -3.86 31.34
CA THR F 202 -18.30 -2.91 32.40
C THR F 202 -17.01 -2.21 32.83
N ILE F 203 -16.84 -0.97 32.41
CA ILE F 203 -15.69 -0.16 32.75
C ILE F 203 -16.13 0.91 33.74
N ALA F 204 -15.33 1.12 34.78
CA ALA F 204 -15.64 2.11 35.81
C ALA F 204 -15.65 3.53 35.23
N LEU F 215 -21.70 0.91 47.10
CA LEU F 215 -20.65 -0.09 47.27
C LEU F 215 -21.22 -1.51 47.18
N GLU F 216 -22.52 -1.64 47.45
CA GLU F 216 -23.17 -2.93 47.33
C GLU F 216 -23.53 -3.24 45.88
N LYS F 217 -23.92 -2.22 45.11
CA LYS F 217 -24.18 -2.43 43.69
C LYS F 217 -22.90 -2.66 42.92
N ARG F 218 -21.77 -2.12 43.40
CA ARG F 218 -20.48 -2.46 42.81
C ARG F 218 -20.09 -3.90 43.13
N GLU F 219 -20.46 -4.39 44.32
CA GLU F 219 -20.15 -5.77 44.66
C GLU F 219 -20.94 -6.75 43.80
N ARG F 220 -22.24 -6.49 43.61
CA ARG F 220 -23.04 -7.36 42.75
C ARG F 220 -22.63 -7.25 41.30
N MET F 221 -22.22 -6.05 40.86
CA MET F 221 -21.72 -5.89 39.49
C MET F 221 -20.41 -6.64 39.30
N THR F 222 -19.46 -6.44 40.22
CA THR F 222 -18.17 -7.12 40.14
C THR F 222 -18.32 -8.64 40.23
N SER F 223 -19.33 -9.11 40.98
CA SER F 223 -19.49 -10.54 41.19
C SER F 223 -19.81 -11.29 39.90
N ARG F 224 -20.32 -10.60 38.89
CA ARG F 224 -20.69 -11.25 37.63
C ARG F 224 -19.55 -11.32 36.63
N VAL F 225 -18.37 -10.82 36.98
CA VAL F 225 -17.21 -10.79 36.09
C VAL F 225 -16.24 -11.87 36.58
N PRO F 226 -15.92 -12.87 35.75
CA PRO F 226 -15.03 -13.95 36.21
C PRO F 226 -13.68 -13.48 36.71
N LEU F 227 -13.09 -12.47 36.05
CA LEU F 227 -11.82 -11.92 36.53
C LEU F 227 -11.98 -11.22 37.87
N GLY F 228 -13.20 -10.90 38.27
CA GLY F 228 -13.45 -10.42 39.63
C GLY F 228 -13.21 -8.95 39.88
N ARG F 229 -13.39 -8.11 38.86
CA ARG F 229 -13.23 -6.67 39.04
C ARG F 229 -13.85 -5.94 37.86
N LEU F 230 -14.35 -4.74 38.12
CA LEU F 230 -14.79 -3.88 37.04
C LEU F 230 -13.58 -3.34 36.30
N GLY F 231 -13.78 -3.03 35.01
CA GLY F 231 -12.68 -2.60 34.18
C GLY F 231 -12.25 -1.17 34.44
N GLU F 232 -11.00 -0.90 34.10
CA GLU F 232 -10.39 0.41 34.10
C GLU F 232 -10.34 0.99 32.70
N PRO F 233 -10.24 2.31 32.56
CA PRO F 233 -10.01 2.87 31.22
C PRO F 233 -8.75 2.34 30.55
N ASP F 234 -7.69 2.09 31.33
CA ASP F 234 -6.45 1.57 30.76
C ASP F 234 -6.64 0.19 30.13
N ASP F 235 -7.54 -0.62 30.68
CA ASP F 235 -7.74 -1.99 30.20
C ASP F 235 -8.09 -2.02 28.71
N LEU F 236 -8.56 -0.93 28.15
CA LEU F 236 -8.88 -0.84 26.73
C LEU F 236 -7.74 -0.30 25.89
N ALA F 237 -6.71 0.29 26.53
CA ALA F 237 -5.63 0.92 25.78
C ALA F 237 -4.75 -0.13 25.10
N GLY F 238 -4.45 -1.23 25.79
CA GLY F 238 -3.70 -2.32 25.22
C GLY F 238 -4.36 -2.89 23.98
N PRO F 239 -5.61 -3.35 24.10
CA PRO F 239 -6.30 -3.90 22.92
C PRO F 239 -6.43 -2.91 21.78
N ILE F 240 -6.64 -1.62 22.08
CA ILE F 240 -6.77 -0.63 21.03
C ILE F 240 -5.42 -0.40 20.35
N VAL F 241 -4.36 -0.27 21.15
CA VAL F 241 -3.02 -0.13 20.59
C VAL F 241 -2.68 -1.33 19.71
N PHE F 242 -3.03 -2.53 20.17
CA PHE F 242 -2.70 -3.75 19.41
C PHE F 242 -3.38 -3.76 18.05
N LEU F 243 -4.64 -3.34 17.98
CA LEU F 243 -5.36 -3.36 16.71
C LEU F 243 -4.88 -2.26 15.76
N ALA F 244 -4.18 -1.25 16.26
CA ALA F 244 -3.67 -0.16 15.44
C ALA F 244 -2.21 -0.37 15.03
N SER F 245 -1.65 -1.54 15.33
CA SER F 245 -0.22 -1.80 15.18
C SER F 245 0.02 -2.91 14.18
N ASP F 246 1.30 -3.12 13.87
CA ASP F 246 1.69 -4.21 12.98
C ASP F 246 1.42 -5.57 13.59
N MET F 247 1.31 -5.67 14.92
CA MET F 247 0.95 -6.93 15.55
C MET F 247 -0.34 -7.51 14.97
N ALA F 248 -1.25 -6.65 14.50
CA ALA F 248 -2.52 -7.05 13.93
C ALA F 248 -2.55 -6.89 12.42
N ARG F 249 -1.42 -7.20 11.76
CA ARG F 249 -1.28 -6.92 10.33
C ARG F 249 -2.30 -7.69 9.50
N TYR F 250 -2.77 -8.84 9.98
CA TYR F 250 -3.74 -9.65 9.25
C TYR F 250 -5.13 -9.62 9.90
N VAL F 251 -5.39 -8.63 10.75
CA VAL F 251 -6.64 -8.54 11.50
C VAL F 251 -7.47 -7.40 10.90
N THR F 252 -8.56 -7.74 10.24
CA THR F 252 -9.50 -6.72 9.76
C THR F 252 -10.90 -7.33 9.72
N GLY F 253 -11.90 -6.52 10.02
CA GLY F 253 -13.26 -7.02 10.11
C GLY F 253 -13.52 -7.90 11.31
N ALA F 254 -12.85 -7.66 12.42
CA ALA F 254 -12.93 -8.51 13.59
C ALA F 254 -13.47 -7.71 14.78
N SER F 255 -13.90 -8.45 15.80
CA SER F 255 -14.34 -7.87 17.06
C SER F 255 -13.56 -8.50 18.20
N LEU F 256 -13.49 -7.77 19.31
CA LEU F 256 -12.72 -8.23 20.47
C LEU F 256 -13.40 -7.78 21.75
N LEU F 257 -13.86 -8.75 22.55
CA LEU F 257 -14.45 -8.46 23.84
C LEU F 257 -13.36 -8.14 24.86
N VAL F 258 -13.54 -7.04 25.58
CA VAL F 258 -12.68 -6.70 26.72
C VAL F 258 -13.58 -6.51 27.92
N ASP F 259 -14.16 -7.61 28.41
CA ASP F 259 -15.18 -7.57 29.46
C ASP F 259 -14.77 -8.35 30.70
N GLY F 260 -13.55 -8.87 30.75
CA GLY F 260 -13.17 -9.73 31.85
C GLY F 260 -13.97 -11.00 31.96
N GLY F 261 -14.58 -11.45 30.87
CA GLY F 261 -15.40 -12.64 30.88
C GLY F 261 -16.87 -12.41 31.15
N LEU F 262 -17.36 -11.18 31.02
CA LEU F 262 -18.74 -10.88 31.38
C LEU F 262 -19.72 -11.56 30.42
N PHE F 263 -19.44 -11.47 29.11
CA PHE F 263 -20.38 -11.97 28.12
C PHE F 263 -20.60 -13.47 28.24
N VAL F 264 -19.53 -14.24 28.39
CA VAL F 264 -19.67 -15.70 28.41
C VAL F 264 -20.30 -16.16 29.72
N ASN F 265 -20.10 -15.43 30.80
CA ASN F 265 -20.54 -15.87 32.12
C ASN F 265 -22.06 -15.93 32.19
N LEU F 266 -22.63 -17.10 31.89
CA LEU F 266 -24.08 -17.26 31.89
C LEU F 266 -24.59 -17.34 33.33
N GLN F 267 -25.38 -16.35 33.72
CA GLN F 267 -25.97 -16.29 35.05
C GLN F 267 -27.05 -15.22 35.07
N SER G 12 10.95 -7.76 26.42
CA SER G 12 9.68 -7.55 25.73
C SER G 12 8.49 -8.09 26.53
N LEU G 13 7.51 -8.65 25.81
CA LEU G 13 6.17 -8.86 26.38
C LEU G 13 6.07 -10.07 27.31
N LEU G 14 6.98 -11.04 27.22
CA LEU G 14 6.82 -12.30 27.94
C LEU G 14 8.10 -12.69 28.66
N ILE G 15 8.84 -11.71 29.19
CA ILE G 15 10.11 -12.01 29.85
C ILE G 15 9.87 -12.86 31.10
N ASP G 16 10.68 -13.89 31.27
CA ASP G 16 10.69 -14.80 32.41
C ASP G 16 9.43 -15.65 32.51
N LYS G 17 8.62 -15.68 31.46
CA LYS G 17 7.42 -16.51 31.43
C LYS G 17 7.72 -17.81 30.68
N THR G 18 7.23 -18.92 31.19
CA THR G 18 7.36 -20.20 30.52
C THR G 18 6.15 -20.42 29.62
N VAL G 19 6.39 -20.78 28.37
CA VAL G 19 5.34 -20.93 27.37
C VAL G 19 5.37 -22.37 26.85
N ILE G 20 4.23 -23.03 26.89
CA ILE G 20 4.04 -24.34 26.28
C ILE G 20 3.26 -24.13 24.98
N VAL G 21 3.82 -24.58 23.87
CA VAL G 21 3.16 -24.54 22.57
C VAL G 21 3.13 -25.96 22.04
N THR G 22 1.93 -26.49 21.84
CA THR G 22 1.75 -27.81 21.24
C THR G 22 1.67 -27.68 19.73
N GLY G 23 2.14 -28.72 19.04
CA GLY G 23 2.23 -28.65 17.59
C GLY G 23 3.12 -27.54 17.10
N ALA G 24 4.24 -27.31 17.79
CA ALA G 24 5.06 -26.13 17.58
C ALA G 24 6.23 -26.36 16.63
N SER G 25 6.22 -27.44 15.86
CA SER G 25 7.34 -27.72 14.96
C SER G 25 7.10 -27.25 13.54
N ARG G 26 5.87 -26.93 13.17
CA ARG G 26 5.57 -26.48 11.83
C ARG G 26 4.37 -25.54 11.86
N GLY G 27 4.19 -24.79 10.78
CA GLY G 27 3.00 -23.99 10.59
C GLY G 27 2.84 -22.91 11.64
N ILE G 28 1.60 -22.73 12.10
CA ILE G 28 1.27 -21.65 13.02
C ILE G 28 2.01 -21.81 14.33
N GLY G 29 1.99 -23.03 14.89
CA GLY G 29 2.58 -23.25 16.20
C GLY G 29 4.07 -22.99 16.25
N ARG G 30 4.76 -23.21 15.13
CA ARG G 30 6.19 -22.94 15.10
C ARG G 30 6.47 -21.44 15.11
N ALA G 31 5.68 -20.66 14.37
CA ALA G 31 5.88 -19.21 14.35
C ALA G 31 5.58 -18.60 15.70
N ALA G 32 4.53 -19.07 16.39
CA ALA G 32 4.21 -18.54 17.69
C ALA G 32 5.34 -18.80 18.69
N ALA G 33 5.82 -20.04 18.76
CA ALA G 33 6.88 -20.40 19.68
C ALA G 33 8.12 -19.53 19.47
N ARG G 34 8.50 -19.31 18.21
CA ARG G 34 9.63 -18.42 17.94
C ARG G 34 9.34 -17.00 18.41
N GLU G 35 8.11 -16.53 18.19
CA GLU G 35 7.76 -15.16 18.55
C GLU G 35 7.70 -14.98 20.06
N CYS G 36 7.22 -15.98 20.80
CA CYS G 36 7.25 -15.87 22.27
C CYS G 36 8.67 -15.81 22.80
N ALA G 37 9.57 -16.61 22.26
CA ALA G 37 10.96 -16.58 22.72
C ALA G 37 11.60 -15.22 22.41
N ARG G 38 11.32 -14.67 21.24
CA ARG G 38 11.79 -13.33 20.91
C ARG G 38 11.19 -12.27 21.84
N GLN G 39 10.08 -12.56 22.50
CA GLN G 39 9.51 -11.66 23.49
C GLN G 39 10.05 -11.89 24.90
N GLY G 40 10.98 -12.84 25.06
CA GLY G 40 11.63 -13.08 26.32
C GLY G 40 11.18 -14.33 27.06
N ALA G 41 10.45 -15.23 26.42
CA ALA G 41 9.86 -16.37 27.09
C ALA G 41 10.67 -17.64 26.85
N ARG G 42 10.66 -18.52 27.84
CA ARG G 42 11.27 -19.85 27.72
C ARG G 42 10.20 -20.82 27.22
N VAL G 43 10.42 -21.36 26.02
CA VAL G 43 9.38 -22.06 25.27
C VAL G 43 9.58 -23.56 25.37
N VAL G 44 8.47 -24.28 25.59
CA VAL G 44 8.42 -25.73 25.51
C VAL G 44 7.85 -26.08 24.14
N ILE G 45 8.68 -26.64 23.27
CA ILE G 45 8.30 -26.91 21.88
C ILE G 45 7.72 -28.32 21.84
N GLY G 46 6.39 -28.41 21.90
CA GLY G 46 5.73 -29.70 21.83
C GLY G 46 5.56 -30.17 20.40
N HIS G 47 5.80 -31.46 20.18
CA HIS G 47 5.64 -32.07 18.86
C HIS G 47 4.97 -33.42 19.03
N SER G 48 4.54 -33.99 17.90
CA SER G 48 3.76 -35.22 17.90
C SER G 48 4.58 -36.45 18.27
N GLY G 49 5.91 -36.34 18.34
CA GLY G 49 6.75 -37.49 18.58
C GLY G 49 7.16 -38.24 17.33
N SER G 50 6.63 -37.88 16.17
CA SER G 50 7.03 -38.50 14.92
C SER G 50 8.45 -38.10 14.57
N ASP G 51 9.02 -38.79 13.58
CA ASP G 51 10.35 -38.44 13.10
C ASP G 51 10.37 -37.05 12.48
N GLU G 52 9.36 -36.74 11.67
CA GLU G 52 9.26 -35.40 11.09
C GLU G 52 9.06 -34.34 12.16
N GLY G 53 8.17 -34.61 13.12
CA GLY G 53 7.91 -33.63 14.16
C GLY G 53 9.10 -33.41 15.08
N ARG G 54 9.86 -34.48 15.37
CA ARG G 54 11.03 -34.33 16.22
C ARG G 54 12.12 -33.51 15.54
N ALA G 55 12.23 -33.61 14.22
CA ALA G 55 13.25 -32.85 13.51
C ALA G 55 12.88 -31.37 13.44
N GLY G 56 11.60 -31.06 13.20
CA GLY G 56 11.19 -29.67 13.17
C GLY G 56 11.29 -29.00 14.53
N ALA G 57 10.95 -29.73 15.59
CA ALA G 57 11.02 -29.16 16.93
C ALA G 57 12.46 -28.92 17.35
N LEU G 58 13.36 -29.87 17.04
CA LEU G 58 14.75 -29.71 17.43
C LEU G 58 15.46 -28.66 16.60
N SER G 59 15.06 -28.50 15.34
CA SER G 59 15.66 -27.45 14.51
C SER G 59 15.23 -26.06 14.99
N LEU G 60 13.96 -25.92 15.39
CA LEU G 60 13.51 -24.63 15.92
C LEU G 60 14.20 -24.28 17.23
N ALA G 61 14.43 -25.28 18.08
CA ALA G 61 15.13 -25.04 19.33
C ALA G 61 16.55 -24.50 19.07
N GLU G 62 17.21 -25.01 18.03
CA GLU G 62 18.51 -24.47 17.66
C GLU G 62 18.39 -23.05 17.14
N GLU G 63 17.35 -22.78 16.35
CA GLU G 63 17.14 -21.42 15.85
C GLU G 63 16.86 -20.46 16.98
N ILE G 64 16.06 -20.88 17.96
CA ILE G 64 15.79 -20.03 19.12
C ILE G 64 17.07 -19.81 19.91
N ALA G 65 17.91 -20.84 20.04
CA ALA G 65 19.22 -20.67 20.65
C ALA G 65 20.16 -19.88 19.75
N ALA G 66 19.90 -19.83 18.45
CA ALA G 66 20.79 -19.10 17.55
C ALA G 66 20.71 -17.60 17.80
N PHE G 67 19.53 -17.08 18.13
CA PHE G 67 19.39 -15.66 18.42
C PHE G 67 19.36 -15.36 19.91
N GLY G 68 19.79 -16.29 20.75
CA GLY G 68 19.99 -16.03 22.16
C GLY G 68 18.84 -16.39 23.09
N GLY G 69 17.89 -17.21 22.64
CA GLY G 69 16.76 -17.59 23.47
C GLY G 69 16.97 -18.91 24.17
N THR G 70 15.93 -19.34 24.89
CA THR G 70 15.93 -20.60 25.62
C THR G 70 14.69 -21.41 25.23
N ALA G 71 14.89 -22.69 24.98
CA ALA G 71 13.79 -23.55 24.57
C ALA G 71 14.20 -25.02 24.70
N ILE G 72 13.22 -25.86 24.99
CA ILE G 72 13.39 -27.32 24.96
C ILE G 72 12.29 -27.91 24.09
N ALA G 73 12.54 -29.14 23.61
CA ALA G 73 11.62 -29.84 22.73
C ALA G 73 11.11 -31.08 23.44
N VAL G 74 9.78 -31.23 23.46
CA VAL G 74 9.12 -32.35 24.15
C VAL G 74 8.12 -32.97 23.20
N GLY G 75 8.26 -34.28 22.97
CA GLY G 75 7.27 -35.00 22.17
C GLY G 75 6.08 -35.39 23.03
N ALA G 76 4.88 -35.17 22.49
CA ALA G 76 3.65 -35.45 23.24
C ALA G 76 2.49 -35.50 22.24
N ASP G 77 2.08 -36.72 21.90
CA ASP G 77 0.95 -36.92 20.99
C ASP G 77 -0.32 -36.32 21.59
N ALA G 78 -0.94 -35.40 20.84
CA ALA G 78 -2.14 -34.72 21.32
C ALA G 78 -3.31 -35.67 21.49
N ALA G 79 -3.34 -36.80 20.77
CA ALA G 79 -4.40 -37.77 20.95
C ALA G 79 -4.22 -38.63 22.20
N ASP G 80 -3.02 -38.65 22.77
CA ASP G 80 -2.76 -39.37 24.00
C ASP G 80 -3.05 -38.44 25.17
N LEU G 81 -4.05 -38.80 25.98
CA LEU G 81 -4.49 -37.95 27.07
C LEU G 81 -3.47 -37.83 28.20
N ASP G 82 -2.34 -38.55 28.12
CA ASP G 82 -1.26 -38.38 29.08
C ASP G 82 -0.36 -37.20 28.76
N SER G 83 -0.46 -36.65 27.53
CA SER G 83 0.51 -35.67 27.08
C SER G 83 0.54 -34.43 27.97
N GLY G 84 -0.63 -33.98 28.42
CA GLY G 84 -0.71 -32.71 29.15
C GLY G 84 0.17 -32.68 30.38
N GLU G 85 0.14 -33.75 31.17
CA GLU G 85 0.99 -33.79 32.35
C GLU G 85 2.45 -33.98 31.97
N LYS G 86 2.72 -34.63 30.84
CA LYS G 86 4.10 -34.75 30.37
C LYS G 86 4.65 -33.40 29.96
N LEU G 87 3.83 -32.59 29.27
CA LEU G 87 4.27 -31.26 28.87
C LEU G 87 4.48 -30.36 30.08
N VAL G 88 3.58 -30.42 31.07
CA VAL G 88 3.73 -29.60 32.25
C VAL G 88 4.94 -30.04 33.08
N ALA G 89 5.12 -31.35 33.24
CA ALA G 89 6.27 -31.85 34.00
C ALA G 89 7.58 -31.46 33.32
N ALA G 90 7.62 -31.54 31.99
CA ALA G 90 8.84 -31.16 31.28
C ALA G 90 9.11 -29.67 31.39
N ALA G 91 8.07 -28.85 31.57
CA ALA G 91 8.26 -27.42 31.70
C ALA G 91 8.70 -27.04 33.10
N VAL G 92 8.09 -27.63 34.13
CA VAL G 92 8.47 -27.33 35.50
C VAL G 92 9.88 -27.84 35.78
N GLU G 93 10.25 -28.98 35.20
CA GLU G 93 11.61 -29.49 35.38
C GLU G 93 12.63 -28.57 34.71
N ALA G 94 12.34 -28.14 33.49
CA ALA G 94 13.30 -27.34 32.74
C ALA G 94 13.30 -25.88 33.21
N PHE G 95 12.12 -25.30 33.42
CA PHE G 95 12.02 -23.86 33.62
C PHE G 95 11.31 -23.45 34.91
N GLY G 96 10.86 -24.39 35.73
CA GLY G 96 10.38 -24.09 37.06
C GLY G 96 8.97 -23.53 37.16
N SER G 97 8.26 -23.38 36.04
CA SER G 97 6.90 -22.85 36.09
C SER G 97 6.20 -23.14 34.78
N VAL G 98 4.88 -22.95 34.79
CA VAL G 98 4.04 -22.96 33.59
C VAL G 98 3.18 -21.71 33.67
N ASP G 99 3.46 -20.75 32.77
CA ASP G 99 2.80 -19.45 32.80
C ASP G 99 1.83 -19.22 31.66
N VAL G 100 2.07 -19.82 30.49
CA VAL G 100 1.24 -19.58 29.31
C VAL G 100 1.16 -20.87 28.52
N LEU G 101 -0.04 -21.25 28.10
CA LEU G 101 -0.26 -22.41 27.25
C LEU G 101 -0.91 -21.96 25.95
N VAL G 102 -0.25 -22.26 24.83
CA VAL G 102 -0.78 -22.00 23.51
C VAL G 102 -1.12 -23.36 22.91
N ASN G 103 -2.41 -23.69 22.86
CA ASN G 103 -2.86 -24.98 22.35
C ASN G 103 -3.11 -24.86 20.85
N ASN G 104 -2.18 -25.38 20.05
CA ASN G 104 -2.25 -25.29 18.61
C ASN G 104 -2.34 -26.65 17.91
N ALA G 105 -1.91 -27.73 18.55
CA ALA G 105 -1.90 -29.04 17.91
C ALA G 105 -3.28 -29.41 17.39
N GLY G 106 -3.32 -29.95 16.18
CA GLY G 106 -4.58 -30.31 15.55
C GLY G 106 -4.43 -30.77 14.12
N ILE G 107 -5.38 -31.58 13.66
CA ILE G 107 -5.41 -32.10 12.31
C ILE G 107 -6.72 -31.67 11.65
N CYS G 108 -6.80 -31.91 10.34
CA CYS G 108 -8.00 -31.66 9.55
C CYS G 108 -7.90 -32.43 8.25
N PRO G 109 -8.22 -33.72 8.24
CA PRO G 109 -8.22 -34.48 6.99
C PRO G 109 -9.56 -34.35 6.29
N PHE G 110 -9.57 -33.65 5.16
CA PHE G 110 -10.80 -33.43 4.42
C PHE G 110 -11.41 -34.76 3.97
N HIS G 111 -12.72 -34.87 4.11
CA HIS G 111 -13.43 -36.10 3.81
C HIS G 111 -14.93 -35.80 3.78
N SER G 112 -15.63 -36.41 2.83
CA SER G 112 -17.06 -36.20 2.71
C SER G 112 -17.79 -36.81 3.92
N PHE G 113 -19.05 -36.43 4.08
CA PHE G 113 -19.81 -36.74 5.28
C PHE G 113 -20.44 -38.13 5.25
N LEU G 114 -21.14 -38.47 4.17
CA LEU G 114 -21.96 -39.68 4.17
C LEU G 114 -21.15 -40.94 4.33
N ASP G 115 -19.91 -40.98 3.84
CA ASP G 115 -19.05 -42.14 4.01
C ASP G 115 -17.88 -41.85 4.95
N MET G 116 -18.10 -41.01 5.96
CA MET G 116 -17.04 -40.73 6.93
C MET G 116 -16.72 -41.98 7.73
N PRO G 117 -15.48 -42.48 7.70
CA PRO G 117 -15.13 -43.63 8.56
C PRO G 117 -15.14 -43.22 10.02
N ARG G 118 -15.56 -44.16 10.88
CA ARG G 118 -15.69 -43.86 12.30
C ARG G 118 -14.36 -43.49 12.91
N GLU G 119 -13.29 -44.19 12.55
CA GLU G 119 -11.99 -43.92 13.17
C GLU G 119 -11.38 -42.60 12.68
N LEU G 120 -11.74 -42.15 11.47
CA LEU G 120 -11.29 -40.85 11.03
C LEU G 120 -11.93 -39.73 11.83
N TYR G 121 -13.24 -39.85 12.11
CA TYR G 121 -13.91 -38.86 12.94
C TYR G 121 -13.37 -38.86 14.37
N LEU G 122 -13.17 -40.06 14.93
CA LEU G 122 -12.76 -40.15 16.33
C LEU G 122 -11.34 -39.63 16.52
N LYS G 123 -10.45 -39.86 15.56
CA LYS G 123 -9.10 -39.31 15.65
C LYS G 123 -9.12 -37.79 15.57
N THR G 124 -9.95 -37.24 14.67
CA THR G 124 -10.04 -35.79 14.54
C THR G 124 -10.52 -35.15 15.84
N VAL G 125 -11.60 -35.71 16.43
CA VAL G 125 -12.11 -35.18 17.69
C VAL G 125 -11.13 -35.43 18.82
N GLY G 126 -10.47 -36.60 18.82
CA GLY G 126 -9.56 -36.92 19.89
C GLY G 126 -8.36 -35.99 19.95
N THR G 127 -7.81 -35.64 18.79
CA THR G 127 -6.66 -34.74 18.75
C THR G 127 -7.08 -33.29 18.95
N ASN G 128 -8.12 -32.85 18.25
CA ASN G 128 -8.44 -31.43 18.23
C ASN G 128 -9.12 -30.98 19.52
N LEU G 129 -10.06 -31.76 20.03
CA LEU G 129 -10.85 -31.36 21.20
C LEU G 129 -10.43 -32.11 22.46
N ASN G 130 -10.55 -33.45 22.46
CA ASN G 130 -10.30 -34.22 23.68
C ASN G 130 -8.88 -34.01 24.19
N GLY G 131 -7.90 -34.03 23.29
CA GLY G 131 -6.52 -33.83 23.71
C GLY G 131 -6.27 -32.44 24.25
N ALA G 132 -6.86 -31.42 23.61
CA ALA G 132 -6.70 -30.05 24.10
C ALA G 132 -7.31 -29.87 25.48
N TYR G 133 -8.41 -30.58 25.77
CA TYR G 133 -9.10 -30.41 27.04
C TYR G 133 -8.20 -30.76 28.22
N PHE G 134 -7.57 -31.93 28.17
CA PHE G 134 -6.74 -32.35 29.29
C PHE G 134 -5.34 -31.76 29.25
N THR G 135 -4.89 -31.29 28.08
CA THR G 135 -3.71 -30.43 28.05
C THR G 135 -4.00 -29.10 28.73
N VAL G 136 -5.17 -28.50 28.46
CA VAL G 136 -5.57 -27.29 29.16
C VAL G 136 -5.67 -27.55 30.66
N GLN G 137 -6.30 -28.66 31.03
CA GLN G 137 -6.47 -29.01 32.44
C GLN G 137 -5.13 -29.08 33.16
N ALA G 138 -4.15 -29.75 32.54
CA ALA G 138 -2.85 -29.93 33.20
C ALA G 138 -2.14 -28.61 33.41
N ALA G 139 -2.13 -27.74 32.39
CA ALA G 139 -1.49 -26.44 32.56
C ALA G 139 -2.29 -25.56 33.51
N ALA G 140 -3.63 -25.63 33.46
CA ALA G 140 -4.44 -24.82 34.35
C ALA G 140 -4.23 -25.22 35.81
N ARG G 141 -4.03 -26.51 36.07
CA ARG G 141 -3.77 -26.96 37.44
C ARG G 141 -2.46 -26.39 37.97
N ARG G 142 -1.42 -26.40 37.14
CA ARG G 142 -0.13 -25.86 37.57
C ARG G 142 -0.22 -24.35 37.77
N MET G 143 -0.95 -23.65 36.90
CA MET G 143 -1.10 -22.21 37.06
C MET G 143 -1.85 -21.87 38.34
N LYS G 144 -2.81 -22.71 38.75
CA LYS G 144 -3.54 -22.45 39.98
C LYS G 144 -2.65 -22.63 41.20
N GLU G 145 -1.78 -23.64 41.17
CA GLU G 145 -0.92 -23.91 42.32
C GLU G 145 0.10 -22.79 42.52
N GLN G 146 0.70 -22.31 41.43
CA GLN G 146 1.66 -21.22 41.55
C GLN G 146 1.02 -19.97 42.15
N GLY G 147 -0.23 -19.70 41.78
CA GLY G 147 -0.92 -18.54 42.31
C GLY G 147 -0.41 -17.22 41.78
N ARG G 148 0.00 -17.18 40.51
CA ARG G 148 0.48 -15.96 39.89
C ARG G 148 -0.24 -15.65 38.58
N GLY G 149 -1.30 -16.38 38.26
CA GLY G 149 -2.04 -16.16 37.04
C GLY G 149 -1.41 -16.84 35.83
N GLY G 150 -2.20 -16.93 34.77
CA GLY G 150 -1.73 -17.54 33.54
C GLY G 150 -2.62 -17.14 32.38
N ALA G 151 -2.24 -17.61 31.19
CA ALA G 151 -2.99 -17.30 29.98
C ALA G 151 -3.03 -18.53 29.08
N ILE G 152 -4.19 -18.78 28.50
CA ILE G 152 -4.41 -19.94 27.65
C ILE G 152 -5.04 -19.45 26.35
N ILE G 153 -4.41 -19.76 25.22
CA ILE G 153 -4.93 -19.43 23.91
C ILE G 153 -5.13 -20.74 23.16
N ALA G 154 -6.31 -20.87 22.54
CA ALA G 154 -6.65 -22.05 21.76
C ALA G 154 -6.72 -21.64 20.29
N VAL G 155 -5.88 -22.26 19.46
CA VAL G 155 -5.87 -21.99 18.03
C VAL G 155 -7.03 -22.73 17.40
N SER G 156 -8.19 -22.07 17.32
CA SER G 156 -9.35 -22.68 16.68
C SER G 156 -9.32 -22.38 15.18
N SER G 157 -10.43 -21.90 14.63
CA SER G 157 -10.51 -21.68 13.20
C SER G 157 -11.67 -20.76 12.87
N ILE G 158 -11.62 -20.17 11.67
CA ILE G 158 -12.79 -19.50 11.12
C ILE G 158 -13.92 -20.48 10.91
N SER G 159 -13.60 -21.78 10.77
CA SER G 159 -14.59 -22.84 10.64
C SER G 159 -15.40 -23.04 11.91
N ALA G 160 -15.06 -22.35 13.01
CA ALA G 160 -15.89 -22.40 14.20
C ALA G 160 -17.16 -21.57 14.05
N LEU G 161 -17.17 -20.61 13.12
CA LEU G 161 -18.31 -19.74 12.92
C LEU G 161 -19.19 -20.15 11.74
N VAL G 162 -18.67 -20.95 10.82
CA VAL G 162 -19.39 -21.33 9.61
C VAL G 162 -19.19 -22.82 9.36
N GLY G 163 -19.88 -23.33 8.34
CA GLY G 163 -19.81 -24.73 7.99
C GLY G 163 -18.78 -25.03 6.91
N GLY G 164 -18.54 -26.33 6.70
CA GLY G 164 -17.69 -26.81 5.64
C GLY G 164 -18.08 -28.22 5.25
N ALA G 165 -18.54 -28.41 4.01
CA ALA G 165 -19.10 -29.70 3.60
C ALA G 165 -18.09 -30.84 3.76
N MET G 166 -16.81 -30.58 3.53
CA MET G 166 -15.78 -31.58 3.72
C MET G 166 -15.17 -31.54 5.12
N GLN G 167 -15.78 -30.79 6.04
CA GLN G 167 -15.22 -30.63 7.39
C GLN G 167 -16.27 -30.89 8.46
N THR G 168 -17.30 -31.69 8.16
CA THR G 168 -18.34 -31.96 9.14
C THR G 168 -17.80 -32.61 10.40
N HIS G 169 -16.70 -33.36 10.27
CA HIS G 169 -16.01 -33.91 11.43
C HIS G 169 -15.03 -32.91 12.04
N TYR G 170 -14.72 -31.82 11.34
CA TYR G 170 -13.67 -30.89 11.74
C TYR G 170 -14.20 -29.65 12.45
N THR G 171 -15.26 -29.03 11.93
CA THR G 171 -15.74 -27.77 12.49
C THR G 171 -16.32 -27.91 13.91
N PRO G 172 -16.97 -29.03 14.29
CA PRO G 172 -17.40 -29.14 15.69
C PRO G 172 -16.24 -29.14 16.67
N THR G 173 -15.05 -29.60 16.25
CA THR G 173 -13.89 -29.50 17.13
C THR G 173 -13.43 -28.05 17.30
N LYS G 174 -13.56 -27.24 16.25
CA LYS G 174 -13.14 -25.84 16.35
C LYS G 174 -14.19 -25.00 17.06
N ALA G 175 -15.47 -25.22 16.74
CA ALA G 175 -16.54 -24.61 17.52
C ALA G 175 -16.49 -25.08 18.97
N GLY G 176 -16.12 -26.36 19.18
CA GLY G 176 -15.99 -26.88 20.53
C GLY G 176 -14.80 -26.33 21.27
N LEU G 177 -13.69 -26.06 20.55
CA LEU G 177 -12.53 -25.47 21.18
C LEU G 177 -12.79 -24.04 21.63
N LEU G 178 -13.56 -23.29 20.84
CA LEU G 178 -13.96 -21.95 21.27
C LEU G 178 -14.84 -22.03 22.51
N SER G 179 -15.87 -22.87 22.47
CA SER G 179 -16.76 -23.04 23.62
C SER G 179 -15.97 -23.47 24.86
N LEU G 180 -14.94 -24.29 24.67
CA LEU G 180 -14.11 -24.71 25.79
C LEU G 180 -13.42 -23.52 26.45
N MET G 181 -13.00 -22.53 25.65
CA MET G 181 -12.35 -21.35 26.23
C MET G 181 -13.35 -20.50 27.00
N GLN G 182 -14.58 -20.35 26.49
CA GLN G 182 -15.60 -19.59 27.20
C GLN G 182 -15.90 -20.20 28.56
N SER G 183 -16.11 -21.53 28.60
CA SER G 183 -16.41 -22.19 29.87
C SER G 183 -15.21 -22.18 30.80
N CYS G 184 -14.00 -22.37 30.25
CA CYS G 184 -12.80 -22.33 31.08
C CYS G 184 -12.56 -20.94 31.65
N ALA G 185 -12.94 -19.89 30.90
CA ALA G 185 -12.75 -18.52 31.37
C ALA G 185 -13.50 -18.28 32.68
N ILE G 186 -14.70 -18.82 32.79
CA ILE G 186 -15.46 -18.68 34.03
C ILE G 186 -14.82 -19.46 35.16
N ALA G 187 -14.44 -20.71 34.89
CA ALA G 187 -13.92 -21.58 35.94
C ALA G 187 -12.57 -21.09 36.45
N LEU G 188 -11.72 -20.58 35.56
CA LEU G 188 -10.36 -20.19 35.91
C LEU G 188 -10.22 -18.69 36.14
N GLY G 189 -11.28 -17.92 35.91
CA GLY G 189 -11.28 -16.50 36.17
C GLY G 189 -10.80 -16.11 37.55
N PRO G 190 -11.36 -16.72 38.60
CA PRO G 190 -10.93 -16.37 39.96
C PRO G 190 -9.44 -16.53 40.20
N TYR G 191 -8.82 -17.56 39.63
CA TYR G 191 -7.40 -17.81 39.85
C TYR G 191 -6.50 -16.94 39.01
N GLY G 192 -7.05 -16.02 38.22
CA GLY G 192 -6.24 -15.15 37.38
C GLY G 192 -5.80 -15.75 36.07
N ILE G 193 -6.48 -16.78 35.58
CA ILE G 193 -6.12 -17.45 34.34
C ILE G 193 -7.07 -16.99 33.24
N ARG G 194 -6.52 -16.29 32.24
CA ARG G 194 -7.29 -15.84 31.08
C ARG G 194 -7.27 -16.89 29.98
N CYS G 195 -8.42 -17.09 29.34
CA CYS G 195 -8.58 -18.11 28.29
C CYS G 195 -9.26 -17.46 27.09
N ASN G 196 -8.62 -17.55 25.92
CA ASN G 196 -9.16 -16.95 24.70
C ASN G 196 -8.86 -17.87 23.51
N ALA G 197 -9.41 -17.52 22.36
CA ALA G 197 -9.27 -18.34 21.16
C ALA G 197 -9.05 -17.44 19.94
N VAL G 198 -7.95 -17.65 19.23
CA VAL G 198 -7.76 -17.02 17.92
C VAL G 198 -8.48 -17.86 16.88
N LEU G 199 -8.96 -17.20 15.82
CA LEU G 199 -9.69 -17.86 14.75
C LEU G 199 -9.00 -17.51 13.43
N PRO G 200 -7.95 -18.24 13.07
CA PRO G 200 -7.24 -17.92 11.83
C PRO G 200 -8.05 -18.30 10.60
N GLY G 201 -7.79 -17.56 9.52
CA GLY G 201 -8.44 -17.81 8.25
C GLY G 201 -7.65 -18.77 7.38
N THR G 202 -7.50 -18.46 6.09
CA THR G 202 -6.76 -19.31 5.17
C THR G 202 -5.28 -19.00 5.33
N ILE G 203 -4.58 -19.82 6.10
CA ILE G 203 -3.15 -19.68 6.33
C ILE G 203 -2.43 -20.66 5.43
N ALA G 204 -1.63 -20.13 4.49
CA ALA G 204 -0.88 -20.98 3.58
C ALA G 204 0.20 -21.73 4.36
N THR G 205 0.10 -23.06 4.35
CA THR G 205 1.05 -23.90 5.09
C THR G 205 1.87 -24.77 4.15
N ASP G 214 -2.04 -26.02 -6.91
CA ASP G 214 -2.81 -25.33 -7.94
C ASP G 214 -2.73 -23.81 -7.74
N LEU G 215 -2.40 -23.09 -8.82
CA LEU G 215 -2.34 -21.64 -8.76
C LEU G 215 -3.64 -20.98 -9.22
N GLU G 216 -4.40 -21.63 -10.10
CA GLU G 216 -5.67 -21.06 -10.56
C GLU G 216 -6.73 -21.09 -9.48
N LYS G 217 -6.63 -22.00 -8.51
CA LYS G 217 -7.51 -21.98 -7.36
C LYS G 217 -6.98 -21.12 -6.23
N ARG G 218 -5.64 -21.00 -6.12
CA ARG G 218 -5.05 -20.22 -5.04
C ARG G 218 -5.49 -18.76 -5.10
N GLU G 219 -5.54 -18.18 -6.29
CA GLU G 219 -5.99 -16.80 -6.42
C GLU G 219 -7.51 -16.68 -6.45
N ARG G 220 -8.23 -17.77 -6.70
CA ARG G 220 -9.66 -17.78 -6.41
C ARG G 220 -9.89 -17.69 -4.91
N MET G 221 -9.05 -18.36 -4.12
CA MET G 221 -9.08 -18.20 -2.68
C MET G 221 -8.60 -16.81 -2.27
N THR G 222 -7.61 -16.27 -2.98
CA THR G 222 -7.07 -14.96 -2.64
C THR G 222 -8.08 -13.85 -2.90
N SER G 223 -8.83 -13.95 -3.99
CA SER G 223 -9.80 -12.91 -4.36
C SER G 223 -11.00 -12.86 -3.44
N ARG G 224 -11.07 -13.72 -2.42
CA ARG G 224 -12.11 -13.67 -1.41
C ARG G 224 -11.65 -12.97 -0.13
N VAL G 225 -10.38 -12.61 -0.02
CA VAL G 225 -9.81 -12.00 1.17
C VAL G 225 -9.71 -10.49 0.93
N PRO G 226 -10.40 -9.66 1.71
CA PRO G 226 -10.30 -8.20 1.52
C PRO G 226 -8.88 -7.66 1.61
N LEU G 227 -8.02 -8.25 2.44
CA LEU G 227 -6.63 -7.82 2.46
C LEU G 227 -5.86 -8.25 1.21
N GLY G 228 -6.48 -9.03 0.32
CA GLY G 228 -5.87 -9.35 -0.95
C GLY G 228 -4.73 -10.34 -0.91
N ARG G 229 -4.49 -11.01 0.21
CA ARG G 229 -3.44 -12.02 0.28
C ARG G 229 -3.86 -13.12 1.23
N LEU G 230 -3.35 -14.32 0.99
CA LEU G 230 -3.53 -15.41 1.94
C LEU G 230 -2.66 -15.17 3.17
N GLY G 231 -2.94 -15.94 4.22
CA GLY G 231 -2.20 -15.79 5.47
C GLY G 231 -0.89 -16.55 5.50
N GLU G 232 -0.11 -16.27 6.53
CA GLU G 232 1.17 -16.91 6.79
C GLU G 232 1.27 -17.18 8.28
N PRO G 233 2.07 -18.16 8.70
CA PRO G 233 2.19 -18.45 10.15
C PRO G 233 2.46 -17.23 11.01
N ASP G 234 3.29 -16.29 10.54
CA ASP G 234 3.60 -15.11 11.34
C ASP G 234 2.41 -14.18 11.51
N ASP G 235 1.40 -14.29 10.65
CA ASP G 235 0.20 -13.47 10.82
C ASP G 235 -0.53 -13.78 12.12
N LEU G 236 -0.30 -14.96 12.69
CA LEU G 236 -0.92 -15.36 13.95
C LEU G 236 -0.01 -15.16 15.15
N ALA G 237 1.27 -14.86 14.94
CA ALA G 237 2.21 -14.71 16.05
C ALA G 237 1.87 -13.48 16.89
N GLY G 238 1.55 -12.37 16.23
CA GLY G 238 1.19 -11.14 16.90
C GLY G 238 -0.04 -11.27 17.78
N PRO G 239 -1.17 -11.72 17.22
CA PRO G 239 -2.37 -11.93 18.06
C PRO G 239 -2.15 -12.87 19.23
N ILE G 240 -1.54 -14.03 19.00
CA ILE G 240 -1.29 -14.97 20.09
C ILE G 240 -0.45 -14.33 21.19
N VAL G 241 0.60 -13.61 20.79
CA VAL G 241 1.47 -12.97 21.77
C VAL G 241 0.73 -11.86 22.50
N PHE G 242 -0.17 -11.16 21.81
CA PHE G 242 -0.98 -10.16 22.46
C PHE G 242 -1.89 -10.78 23.51
N LEU G 243 -2.60 -11.84 23.15
CA LEU G 243 -3.53 -12.48 24.08
C LEU G 243 -2.82 -13.10 25.27
N ALA G 244 -1.52 -13.34 25.16
CA ALA G 244 -0.74 -13.94 26.24
C ALA G 244 -0.01 -12.91 27.09
N SER G 245 -0.10 -11.62 26.74
CA SER G 245 0.68 -10.57 27.38
C SER G 245 -0.21 -9.73 28.30
N ASP G 246 0.43 -8.80 29.00
CA ASP G 246 -0.30 -7.87 29.86
C ASP G 246 -1.16 -6.90 29.07
N MET G 247 -0.90 -6.74 27.77
CA MET G 247 -1.73 -5.87 26.94
C MET G 247 -3.20 -6.29 26.98
N ALA G 248 -3.46 -7.58 27.22
CA ALA G 248 -4.81 -8.12 27.30
C ALA G 248 -5.13 -8.58 28.72
N ARG G 249 -4.74 -7.78 29.72
CA ARG G 249 -4.94 -8.17 31.11
C ARG G 249 -6.41 -8.34 31.46
N TYR G 250 -7.30 -7.67 30.73
CA TYR G 250 -8.74 -7.72 30.98
C TYR G 250 -9.49 -8.44 29.86
N VAL G 251 -8.83 -9.37 29.18
CA VAL G 251 -9.43 -10.09 28.05
C VAL G 251 -9.46 -11.57 28.40
N THR G 252 -10.67 -12.13 28.50
CA THR G 252 -10.84 -13.55 28.73
C THR G 252 -12.22 -13.96 28.24
N GLY G 253 -12.30 -15.19 27.74
CA GLY G 253 -13.53 -15.65 27.11
C GLY G 253 -13.83 -15.00 25.79
N ALA G 254 -12.83 -14.41 25.13
CA ALA G 254 -13.01 -13.69 23.88
C ALA G 254 -12.43 -14.48 22.72
N SER G 255 -12.92 -14.18 21.52
CA SER G 255 -12.42 -14.76 20.29
C SER G 255 -11.95 -13.64 19.37
N LEU G 256 -10.95 -13.94 18.54
CA LEU G 256 -10.33 -12.95 17.66
C LEU G 256 -10.12 -13.57 16.29
N LEU G 257 -10.82 -13.04 15.29
CA LEU G 257 -10.59 -13.47 13.92
C LEU G 257 -9.26 -12.94 13.42
N VAL G 258 -8.46 -13.81 12.81
CA VAL G 258 -7.24 -13.40 12.12
C VAL G 258 -7.31 -13.96 10.71
N ASP G 259 -8.06 -13.27 9.84
CA ASP G 259 -8.50 -13.87 8.59
C ASP G 259 -8.46 -12.93 7.40
N GLY G 260 -7.83 -11.76 7.52
CA GLY G 260 -7.83 -10.80 6.43
C GLY G 260 -9.20 -10.36 5.98
N GLY G 261 -10.21 -10.44 6.85
CA GLY G 261 -11.57 -10.04 6.50
C GLY G 261 -12.38 -11.06 5.74
N LEU G 262 -11.92 -12.32 5.68
CA LEU G 262 -12.60 -13.31 4.85
C LEU G 262 -13.98 -13.67 5.40
N PHE G 263 -14.15 -13.65 6.72
CA PHE G 263 -15.44 -14.01 7.31
C PHE G 263 -16.54 -13.04 6.88
N VAL G 264 -16.25 -11.74 6.94
CA VAL G 264 -17.28 -10.73 6.70
C VAL G 264 -17.57 -10.50 5.22
N ASN G 265 -16.72 -11.00 4.32
CA ASN G 265 -16.88 -10.73 2.90
C ASN G 265 -17.86 -11.74 2.31
N LEU G 266 -19.15 -11.47 2.52
CA LEU G 266 -20.19 -12.35 2.00
C LEU G 266 -20.16 -12.38 0.48
N GLN G 267 -19.92 -13.55 -0.08
CA GLN G 267 -19.87 -13.72 -1.53
C GLN G 267 -21.25 -14.07 -2.08
N SER H 12 -52.41 -30.76 9.33
CA SER H 12 -51.31 -31.22 10.17
C SER H 12 -49.98 -31.19 9.39
N LEU H 13 -48.92 -30.75 10.07
CA LEU H 13 -47.71 -30.31 9.37
C LEU H 13 -46.78 -31.44 8.97
N LEU H 14 -46.96 -32.64 9.52
CA LEU H 14 -46.01 -33.73 9.30
C LEU H 14 -46.72 -35.01 8.89
N ILE H 15 -47.72 -34.88 8.01
CA ILE H 15 -48.51 -36.05 7.63
C ILE H 15 -47.70 -36.93 6.69
N ASP H 16 -47.71 -38.23 6.95
CA ASP H 16 -47.06 -39.28 6.17
C ASP H 16 -45.54 -39.26 6.26
N LYS H 17 -44.96 -38.45 7.14
CA LYS H 17 -43.52 -38.38 7.31
C LYS H 17 -43.10 -39.27 8.48
N THR H 18 -42.01 -40.02 8.28
CA THR H 18 -41.45 -40.85 9.34
C THR H 18 -40.42 -40.05 10.12
N VAL H 19 -40.62 -39.93 11.42
CA VAL H 19 -39.81 -39.09 12.30
C VAL H 19 -39.12 -39.99 13.33
N ILE H 20 -37.81 -39.80 13.48
CA ILE H 20 -37.04 -40.45 14.54
C ILE H 20 -36.66 -39.38 15.56
N VAL H 21 -36.92 -39.67 16.83
CA VAL H 21 -36.56 -38.78 17.92
C VAL H 21 -35.74 -39.58 18.92
N THR H 22 -34.43 -39.34 18.96
CA THR H 22 -33.60 -40.00 19.96
C THR H 22 -33.83 -39.34 21.32
N GLY H 23 -33.81 -40.16 22.37
CA GLY H 23 -34.09 -39.64 23.69
C GLY H 23 -35.52 -39.15 23.86
N ALA H 24 -36.48 -39.89 23.30
CA ALA H 24 -37.87 -39.47 23.28
C ALA H 24 -38.68 -40.02 24.45
N SER H 25 -38.02 -40.59 25.45
CA SER H 25 -38.76 -41.17 26.57
C SER H 25 -39.10 -40.13 27.63
N ARG H 26 -38.27 -39.09 27.76
CA ARG H 26 -38.46 -38.09 28.80
C ARG H 26 -38.17 -36.70 28.25
N GLY H 27 -38.63 -35.70 28.99
CA GLY H 27 -38.19 -34.31 28.75
C GLY H 27 -38.59 -33.77 27.40
N ILE H 28 -37.65 -33.04 26.79
CA ILE H 28 -37.90 -32.36 25.53
C ILE H 28 -38.28 -33.35 24.43
N GLY H 29 -37.48 -34.42 24.30
CA GLY H 29 -37.72 -35.39 23.24
C GLY H 29 -39.06 -36.09 23.35
N ARG H 30 -39.55 -36.28 24.58
CA ARG H 30 -40.89 -36.83 24.75
C ARG H 30 -41.95 -35.89 24.20
N ALA H 31 -41.88 -34.61 24.56
CA ALA H 31 -42.89 -33.65 24.11
C ALA H 31 -42.81 -33.41 22.61
N ALA H 32 -41.63 -33.57 22.01
CA ALA H 32 -41.49 -33.37 20.57
C ALA H 32 -42.05 -34.56 19.79
N ALA H 33 -41.80 -35.78 20.28
CA ALA H 33 -42.30 -36.98 19.59
C ALA H 33 -43.82 -37.04 19.64
N ARG H 34 -44.41 -36.70 20.79
CA ARG H 34 -45.87 -36.68 20.87
C ARG H 34 -46.47 -35.66 19.93
N GLU H 35 -45.88 -34.45 19.87
CA GLU H 35 -46.44 -33.41 19.01
C GLU H 35 -46.34 -33.79 17.54
N CYS H 36 -45.21 -34.40 17.14
CA CYS H 36 -45.09 -34.91 15.77
C CYS H 36 -46.19 -35.90 15.45
N ALA H 37 -46.48 -36.80 16.39
CA ALA H 37 -47.59 -37.74 16.22
C ALA H 37 -48.91 -37.00 16.03
N ARG H 38 -49.17 -36.00 16.88
CA ARG H 38 -50.35 -35.18 16.70
C ARG H 38 -50.35 -34.45 15.36
N GLN H 39 -49.19 -34.27 14.74
CA GLN H 39 -49.07 -33.60 13.45
C GLN H 39 -49.17 -34.58 12.27
N GLY H 40 -49.48 -35.84 12.53
CA GLY H 40 -49.70 -36.80 11.47
C GLY H 40 -48.52 -37.68 11.10
N ALA H 41 -47.48 -37.71 11.92
CA ALA H 41 -46.26 -38.43 11.62
C ALA H 41 -46.23 -39.79 12.30
N ARG H 42 -45.48 -40.72 11.70
CA ARG H 42 -45.19 -42.01 12.29
C ARG H 42 -43.83 -41.90 12.99
N VAL H 43 -43.84 -42.04 14.31
CA VAL H 43 -42.72 -41.64 15.15
C VAL H 43 -42.00 -42.88 15.68
N VAL H 44 -40.67 -42.84 15.65
CA VAL H 44 -39.84 -43.85 16.28
C VAL H 44 -39.35 -43.25 17.60
N ILE H 45 -39.88 -43.76 18.70
CA ILE H 45 -39.53 -43.26 20.03
C ILE H 45 -38.22 -43.92 20.46
N GLY H 46 -37.16 -43.12 20.56
CA GLY H 46 -35.84 -43.62 20.90
C GLY H 46 -35.54 -43.42 22.38
N HIS H 47 -34.99 -44.45 23.00
CA HIS H 47 -34.53 -44.39 24.38
C HIS H 47 -33.19 -45.11 24.49
N SER H 48 -32.58 -45.02 25.67
CA SER H 48 -31.24 -45.56 25.86
C SER H 48 -31.21 -47.08 25.95
N GLY H 49 -32.26 -47.70 26.48
CA GLY H 49 -32.27 -49.12 26.77
C GLY H 49 -32.39 -49.44 28.24
N SER H 50 -32.39 -48.42 29.11
CA SER H 50 -32.65 -48.58 30.52
C SER H 50 -34.05 -49.15 30.74
N ASP H 51 -34.35 -49.49 32.00
CA ASP H 51 -35.73 -49.79 32.35
C ASP H 51 -36.56 -48.52 32.38
N GLU H 52 -35.99 -47.44 32.94
CA GLU H 52 -36.70 -46.16 32.97
C GLU H 52 -36.95 -45.65 31.55
N GLY H 53 -36.00 -45.86 30.64
CA GLY H 53 -36.21 -45.41 29.27
C GLY H 53 -37.17 -46.28 28.50
N ARG H 54 -37.10 -47.60 28.70
CA ARG H 54 -38.02 -48.51 28.03
C ARG H 54 -39.44 -48.34 28.54
N ALA H 55 -39.61 -48.04 29.83
CA ALA H 55 -40.94 -47.80 30.37
C ALA H 55 -41.47 -46.44 29.99
N GLY H 56 -40.59 -45.42 29.98
CA GLY H 56 -41.00 -44.11 29.51
C GLY H 56 -41.40 -44.12 28.03
N ALA H 57 -40.67 -44.88 27.22
CA ALA H 57 -41.00 -44.99 25.80
C ALA H 57 -42.32 -45.71 25.60
N LEU H 58 -42.58 -46.74 26.41
CA LEU H 58 -43.84 -47.48 26.28
C LEU H 58 -45.02 -46.61 26.70
N SER H 59 -44.88 -45.88 27.80
CA SER H 59 -45.98 -45.03 28.25
C SER H 59 -46.34 -43.98 27.20
N LEU H 60 -45.35 -43.48 26.46
CA LEU H 60 -45.63 -42.51 25.40
C LEU H 60 -46.23 -43.20 24.18
N ALA H 61 -45.81 -44.43 23.89
CA ALA H 61 -46.40 -45.17 22.79
C ALA H 61 -47.85 -45.53 23.07
N GLU H 62 -48.20 -45.72 24.35
CA GLU H 62 -49.60 -45.97 24.71
C GLU H 62 -50.46 -44.74 24.45
N GLU H 63 -49.98 -43.56 24.86
CA GLU H 63 -50.75 -42.34 24.66
C GLU H 63 -50.95 -42.04 23.18
N ILE H 64 -49.89 -42.19 22.37
CA ILE H 64 -49.98 -41.93 20.94
C ILE H 64 -51.02 -42.85 20.31
N ALA H 65 -50.95 -44.15 20.62
CA ALA H 65 -51.91 -45.10 20.07
C ALA H 65 -53.34 -44.76 20.51
N ALA H 66 -53.50 -44.21 21.71
CA ALA H 66 -54.84 -43.91 22.22
C ALA H 66 -55.53 -42.83 21.38
N PHE H 67 -54.79 -41.80 20.95
CA PHE H 67 -55.42 -40.75 20.14
C PHE H 67 -55.27 -40.98 18.64
N GLY H 68 -55.04 -42.23 18.23
CA GLY H 68 -55.06 -42.59 16.82
C GLY H 68 -53.75 -42.46 16.09
N GLY H 69 -52.65 -42.13 16.80
CA GLY H 69 -51.36 -41.97 16.16
C GLY H 69 -50.64 -43.28 15.96
N THR H 70 -49.46 -43.17 15.35
CA THR H 70 -48.63 -44.32 15.00
C THR H 70 -47.24 -44.12 15.57
N ALA H 71 -46.75 -45.13 16.29
CA ALA H 71 -45.45 -45.02 16.95
C ALA H 71 -44.93 -46.40 17.32
N ILE H 72 -43.60 -46.54 17.26
CA ILE H 72 -42.89 -47.67 17.83
C ILE H 72 -41.83 -47.12 18.77
N ALA H 73 -41.32 -47.99 19.64
CA ALA H 73 -40.26 -47.63 20.57
C ALA H 73 -39.05 -48.49 20.29
N VAL H 74 -37.89 -47.86 20.20
CA VAL H 74 -36.64 -48.54 19.86
C VAL H 74 -35.55 -48.09 20.83
N GLY H 75 -35.01 -49.04 21.60
CA GLY H 75 -33.87 -48.74 22.43
C GLY H 75 -32.58 -48.74 21.62
N ALA H 76 -31.72 -47.77 21.92
CA ALA H 76 -30.46 -47.61 21.19
C ALA H 76 -29.58 -46.57 21.88
N ASP H 77 -28.62 -47.02 22.68
CA ASP H 77 -27.74 -46.09 23.38
C ASP H 77 -27.00 -45.21 22.38
N ALA H 78 -27.12 -43.89 22.59
CA ALA H 78 -26.45 -42.93 21.70
C ALA H 78 -24.93 -43.08 21.75
N ALA H 79 -24.40 -43.54 22.89
CA ALA H 79 -22.96 -43.75 22.98
C ALA H 79 -22.49 -44.92 22.13
N ASP H 80 -23.40 -45.78 21.70
CA ASP H 80 -23.09 -46.87 20.78
C ASP H 80 -23.28 -46.35 19.36
N LEU H 81 -22.18 -46.19 18.63
CA LEU H 81 -22.23 -45.59 17.29
C LEU H 81 -23.01 -46.41 16.28
N ASP H 82 -23.41 -47.63 16.65
CA ASP H 82 -24.27 -48.45 15.79
C ASP H 82 -25.75 -48.16 16.00
N SER H 83 -26.09 -47.23 16.91
CA SER H 83 -27.49 -46.93 17.19
C SER H 83 -28.17 -46.29 15.99
N GLY H 84 -27.46 -45.43 15.26
CA GLY H 84 -28.08 -44.75 14.13
C GLY H 84 -28.59 -45.70 13.08
N GLU H 85 -27.74 -46.63 12.62
CA GLU H 85 -28.18 -47.64 11.66
C GLU H 85 -29.27 -48.52 12.24
N LYS H 86 -29.27 -48.74 13.56
CA LYS H 86 -30.35 -49.50 14.18
C LYS H 86 -31.65 -48.72 14.17
N LEU H 87 -31.58 -47.42 14.47
CA LEU H 87 -32.79 -46.60 14.50
C LEU H 87 -33.39 -46.45 13.11
N VAL H 88 -32.54 -46.33 12.08
CA VAL H 88 -33.04 -46.20 10.72
C VAL H 88 -33.65 -47.51 10.25
N ALA H 89 -33.00 -48.64 10.55
CA ALA H 89 -33.52 -49.93 10.12
C ALA H 89 -34.88 -50.21 10.74
N ALA H 90 -35.05 -49.89 12.03
CA ALA H 90 -36.34 -50.09 12.68
C ALA H 90 -37.42 -49.23 12.03
N ALA H 91 -37.07 -47.99 11.66
CA ALA H 91 -38.05 -47.09 11.05
C ALA H 91 -38.43 -47.56 9.66
N VAL H 92 -37.45 -47.99 8.85
CA VAL H 92 -37.74 -48.46 7.50
C VAL H 92 -38.62 -49.70 7.53
N GLU H 93 -38.28 -50.66 8.40
CA GLU H 93 -39.06 -51.88 8.47
C GLU H 93 -40.49 -51.62 8.91
N ALA H 94 -40.68 -50.68 9.84
CA ALA H 94 -42.02 -50.43 10.39
C ALA H 94 -42.83 -49.49 9.51
N PHE H 95 -42.21 -48.44 8.98
CA PHE H 95 -42.94 -47.38 8.30
C PHE H 95 -42.53 -47.16 6.84
N GLY H 96 -41.40 -47.70 6.40
CA GLY H 96 -41.04 -47.66 5.00
C GLY H 96 -40.31 -46.43 4.53
N SER H 97 -39.98 -45.50 5.43
CA SER H 97 -39.27 -44.29 5.02
C SER H 97 -38.52 -43.72 6.21
N VAL H 98 -37.60 -42.81 5.92
CA VAL H 98 -36.99 -41.94 6.91
C VAL H 98 -37.06 -40.52 6.35
N ASP H 99 -37.78 -39.65 7.02
CA ASP H 99 -38.03 -38.31 6.52
C ASP H 99 -37.57 -37.20 7.44
N VAL H 100 -37.62 -37.39 8.76
CA VAL H 100 -37.25 -36.37 9.73
C VAL H 100 -36.44 -37.05 10.84
N LEU H 101 -35.39 -36.36 11.29
CA LEU H 101 -34.59 -36.82 12.42
C LEU H 101 -34.49 -35.68 13.43
N VAL H 102 -34.97 -35.92 14.65
CA VAL H 102 -34.81 -35.01 15.76
C VAL H 102 -33.80 -35.65 16.71
N ASN H 103 -32.59 -35.09 16.75
CA ASN H 103 -31.52 -35.62 17.59
C ASN H 103 -31.59 -34.91 18.93
N ASN H 104 -31.97 -35.63 19.98
CA ASN H 104 -32.25 -34.99 21.25
C ASN H 104 -31.48 -35.61 22.42
N ALA H 105 -31.10 -36.88 22.29
CA ALA H 105 -30.45 -37.58 23.39
C ALA H 105 -29.20 -36.84 23.85
N GLY H 106 -29.00 -36.78 25.16
CA GLY H 106 -27.84 -36.10 25.71
C GLY H 106 -27.83 -36.03 27.22
N ILE H 107 -26.64 -36.04 27.81
CA ILE H 107 -26.47 -36.00 29.26
C ILE H 107 -25.73 -34.71 29.62
N CYS H 108 -25.92 -34.29 30.86
CA CYS H 108 -25.23 -33.10 31.40
C CYS H 108 -24.85 -33.33 32.86
N PRO H 109 -23.83 -34.16 33.10
CA PRO H 109 -23.37 -34.36 34.48
C PRO H 109 -22.48 -33.22 34.97
N PHE H 110 -23.04 -32.30 35.76
CA PHE H 110 -22.28 -31.16 36.25
C PHE H 110 -21.08 -31.62 37.07
N HIS H 111 -19.94 -30.99 36.83
CA HIS H 111 -18.70 -31.36 37.50
C HIS H 111 -17.68 -30.26 37.27
N SER H 112 -16.86 -29.98 38.28
CA SER H 112 -15.85 -28.95 38.15
C SER H 112 -14.77 -29.38 37.14
N PHE H 113 -13.98 -28.40 36.72
CA PHE H 113 -13.07 -28.60 35.58
C PHE H 113 -11.74 -29.22 36.00
N LEU H 114 -11.08 -28.66 37.01
CA LEU H 114 -9.69 -29.04 37.31
C LEU H 114 -9.56 -30.47 37.80
N ASP H 115 -10.65 -31.11 38.23
CA ASP H 115 -10.62 -32.50 38.66
C ASP H 115 -11.54 -33.38 37.82
N MET H 116 -11.90 -32.92 36.62
CA MET H 116 -12.77 -33.69 35.75
C MET H 116 -12.11 -35.00 35.36
N PRO H 117 -12.72 -36.14 35.64
CA PRO H 117 -12.12 -37.42 35.22
C PRO H 117 -12.31 -37.67 33.73
N ARG H 118 -11.39 -38.46 33.17
CA ARG H 118 -11.43 -38.74 31.74
C ARG H 118 -12.70 -39.49 31.36
N GLU H 119 -13.07 -40.51 32.14
CA GLU H 119 -14.23 -41.33 31.80
C GLU H 119 -15.50 -40.47 31.70
N LEU H 120 -15.67 -39.53 32.63
CA LEU H 120 -16.87 -38.70 32.61
C LEU H 120 -16.87 -37.76 31.40
N TYR H 121 -15.71 -37.21 31.05
CA TYR H 121 -15.61 -36.39 29.85
C TYR H 121 -15.91 -37.21 28.61
N LEU H 122 -15.31 -38.40 28.51
CA LEU H 122 -15.42 -39.20 27.30
C LEU H 122 -16.82 -39.74 27.09
N LYS H 123 -17.56 -39.99 28.18
CA LYS H 123 -18.96 -40.39 28.02
C LYS H 123 -19.82 -39.22 27.56
N THR H 124 -19.63 -38.05 28.16
CA THR H 124 -20.40 -36.87 27.75
C THR H 124 -20.19 -36.57 26.26
N VAL H 125 -18.92 -36.52 25.83
CA VAL H 125 -18.65 -36.26 24.41
C VAL H 125 -19.10 -37.43 23.55
N GLY H 126 -18.92 -38.66 24.04
CA GLY H 126 -19.36 -39.82 23.28
C GLY H 126 -20.86 -39.83 23.07
N THR H 127 -21.64 -39.45 24.09
CA THR H 127 -23.08 -39.43 23.97
C THR H 127 -23.57 -38.18 23.24
N ASN H 128 -23.09 -37.00 23.64
CA ASN H 128 -23.69 -35.76 23.20
C ASN H 128 -23.36 -35.43 21.74
N LEU H 129 -22.12 -35.66 21.32
CA LEU H 129 -21.68 -35.27 20.00
C LEU H 129 -21.36 -36.45 19.09
N ASN H 130 -20.56 -37.40 19.56
CA ASN H 130 -20.10 -38.49 18.70
C ASN H 130 -21.27 -39.34 18.23
N GLY H 131 -22.14 -39.74 19.14
CA GLY H 131 -23.30 -40.54 18.76
C GLY H 131 -24.25 -39.79 17.84
N ALA H 132 -24.41 -38.48 18.08
CA ALA H 132 -25.27 -37.68 17.21
C ALA H 132 -24.73 -37.65 15.78
N TYR H 133 -23.42 -37.44 15.64
CA TYR H 133 -22.80 -37.39 14.32
C TYR H 133 -23.15 -38.62 13.48
N PHE H 134 -23.11 -39.81 14.08
CA PHE H 134 -23.37 -41.03 13.33
C PHE H 134 -24.84 -41.41 13.30
N THR H 135 -25.66 -40.89 14.21
CA THR H 135 -27.10 -40.99 14.00
C THR H 135 -27.55 -40.07 12.87
N VAL H 136 -26.97 -38.87 12.79
CA VAL H 136 -27.28 -37.98 11.69
C VAL H 136 -26.82 -38.59 10.37
N GLN H 137 -25.61 -39.14 10.34
CA GLN H 137 -25.11 -39.76 9.10
C GLN H 137 -26.02 -40.88 8.63
N ALA H 138 -26.48 -41.74 9.56
CA ALA H 138 -27.33 -42.85 9.17
C ALA H 138 -28.64 -42.35 8.57
N ALA H 139 -29.32 -41.43 9.27
CA ALA H 139 -30.58 -40.92 8.76
C ALA H 139 -30.39 -40.15 7.46
N ALA H 140 -29.30 -39.37 7.37
CA ALA H 140 -29.02 -38.63 6.14
C ALA H 140 -28.77 -39.57 4.96
N ARG H 141 -28.07 -40.68 5.22
CA ARG H 141 -27.86 -41.70 4.19
C ARG H 141 -29.18 -42.15 3.58
N ARG H 142 -30.14 -42.51 4.44
CA ARG H 142 -31.42 -43.01 3.94
C ARG H 142 -32.21 -41.91 3.22
N MET H 143 -32.16 -40.68 3.74
CA MET H 143 -32.86 -39.59 3.08
C MET H 143 -32.32 -39.34 1.68
N LYS H 144 -31.04 -39.65 1.44
CA LYS H 144 -30.47 -39.46 0.11
C LYS H 144 -30.94 -40.54 -0.85
N GLU H 145 -30.86 -41.82 -0.43
CA GLU H 145 -31.27 -42.90 -1.32
C GLU H 145 -32.75 -42.87 -1.60
N GLN H 146 -33.55 -42.31 -0.69
CA GLN H 146 -34.96 -42.09 -0.99
C GLN H 146 -35.13 -41.01 -2.06
N GLY H 147 -34.37 -39.92 -1.94
CA GLY H 147 -34.43 -38.86 -2.93
C GLY H 147 -35.65 -37.97 -2.85
N ARG H 148 -36.28 -37.88 -1.68
CA ARG H 148 -37.45 -37.03 -1.49
C ARG H 148 -37.18 -35.90 -0.49
N GLY H 149 -35.93 -35.65 -0.15
CA GLY H 149 -35.61 -34.63 0.83
C GLY H 149 -35.82 -35.12 2.24
N GLY H 150 -35.78 -34.17 3.17
CA GLY H 150 -35.91 -34.50 4.57
C GLY H 150 -35.36 -33.39 5.43
N ALA H 151 -35.62 -33.50 6.73
CA ALA H 151 -35.25 -32.48 7.69
C ALA H 151 -34.52 -33.11 8.86
N ILE H 152 -33.53 -32.38 9.38
CA ILE H 152 -32.77 -32.79 10.56
C ILE H 152 -32.76 -31.62 11.53
N ILE H 153 -33.01 -31.92 12.81
CA ILE H 153 -33.07 -30.89 13.84
C ILE H 153 -32.26 -31.39 15.03
N ALA H 154 -31.20 -30.66 15.38
CA ALA H 154 -30.41 -30.98 16.56
C ALA H 154 -30.88 -30.14 17.73
N VAL H 155 -31.04 -30.79 18.88
CA VAL H 155 -31.43 -30.10 20.11
C VAL H 155 -30.14 -29.78 20.86
N SER H 156 -29.60 -28.58 20.58
CA SER H 156 -28.41 -28.11 21.27
C SER H 156 -28.80 -27.35 22.53
N SER H 157 -28.20 -26.18 22.76
CA SER H 157 -28.46 -25.45 24.00
C SER H 157 -28.04 -23.99 23.84
N ILE H 158 -28.52 -23.16 24.77
CA ILE H 158 -28.05 -21.78 24.88
C ILE H 158 -26.59 -21.75 25.23
N SER H 159 -26.09 -22.79 25.91
CA SER H 159 -24.69 -22.88 26.28
C SER H 159 -23.80 -23.20 25.09
N ALA H 160 -24.36 -23.40 23.90
CA ALA H 160 -23.56 -23.45 22.69
C ALA H 160 -23.00 -22.08 22.32
N LEU H 161 -23.59 -21.01 22.87
CA LEU H 161 -23.14 -19.64 22.63
C LEU H 161 -22.34 -19.05 23.77
N VAL H 162 -22.56 -19.53 25.00
CA VAL H 162 -21.96 -18.95 26.19
C VAL H 162 -21.25 -20.06 26.96
N GLY H 163 -20.68 -19.69 28.12
CA GLY H 163 -19.92 -20.61 28.92
C GLY H 163 -20.67 -21.15 30.13
N GLY H 164 -20.03 -22.10 30.80
CA GLY H 164 -20.53 -22.70 32.02
C GLY H 164 -19.43 -23.37 32.80
N ALA H 165 -19.12 -22.87 34.00
CA ALA H 165 -17.97 -23.37 34.74
C ALA H 165 -18.11 -24.85 35.09
N MET H 166 -19.32 -25.32 35.37
CA MET H 166 -19.56 -26.73 35.65
C MET H 166 -19.89 -27.53 34.40
N GLN H 167 -19.70 -26.95 33.21
CA GLN H 167 -20.04 -27.63 31.96
C GLN H 167 -18.93 -27.50 30.93
N THR H 168 -17.67 -27.42 31.39
CA THR H 168 -16.55 -27.35 30.46
C THR H 168 -16.50 -28.55 29.52
N HIS H 169 -17.10 -29.67 29.92
CA HIS H 169 -17.19 -30.85 29.08
C HIS H 169 -18.50 -30.93 28.30
N TYR H 170 -19.51 -30.15 28.69
CA TYR H 170 -20.83 -30.20 28.08
C TYR H 170 -21.03 -29.13 27.00
N THR H 171 -20.58 -27.90 27.26
CA THR H 171 -20.79 -26.83 26.28
C THR H 171 -20.06 -27.04 24.96
N PRO H 172 -18.85 -27.64 24.92
CA PRO H 172 -18.26 -27.92 23.61
C PRO H 172 -19.06 -28.92 22.81
N THR H 173 -19.80 -29.81 23.47
CA THR H 173 -20.65 -30.74 22.73
C THR H 173 -21.87 -30.03 22.16
N LYS H 174 -22.41 -29.04 22.89
CA LYS H 174 -23.54 -28.28 22.36
C LYS H 174 -23.11 -27.36 21.23
N ALA H 175 -21.99 -26.65 21.40
CA ALA H 175 -21.44 -25.87 20.30
C ALA H 175 -21.07 -26.75 19.11
N GLY H 176 -20.63 -27.99 19.38
CA GLY H 176 -20.30 -28.90 18.29
C GLY H 176 -21.51 -29.34 17.50
N LEU H 177 -22.65 -29.51 18.17
CA LEU H 177 -23.89 -29.88 17.48
C LEU H 177 -24.36 -28.75 16.55
N LEU H 178 -24.27 -27.50 17.00
CA LEU H 178 -24.58 -26.37 16.13
C LEU H 178 -23.64 -26.36 14.92
N SER H 179 -22.34 -26.46 15.18
CA SER H 179 -21.37 -26.51 14.08
C SER H 179 -21.66 -27.67 13.13
N LEU H 180 -22.09 -28.81 13.68
CA LEU H 180 -22.43 -29.95 12.83
C LEU H 180 -23.57 -29.61 11.88
N MET H 181 -24.62 -28.95 12.40
CA MET H 181 -25.75 -28.57 11.55
C MET H 181 -25.33 -27.57 10.47
N GLN H 182 -24.37 -26.70 10.77
CA GLN H 182 -23.89 -25.77 9.75
C GLN H 182 -23.14 -26.49 8.64
N SER H 183 -22.22 -27.38 9.01
CA SER H 183 -21.46 -28.12 8.00
C SER H 183 -22.34 -29.10 7.24
N CYS H 184 -23.28 -29.76 7.94
CA CYS H 184 -24.15 -30.73 7.28
C CYS H 184 -25.11 -30.04 6.31
N ALA H 185 -25.53 -28.81 6.63
CA ALA H 185 -26.43 -28.09 5.72
C ALA H 185 -25.80 -27.93 4.34
N ILE H 186 -24.49 -27.63 4.29
CA ILE H 186 -23.80 -27.51 3.02
C ILE H 186 -23.74 -28.86 2.31
N ALA H 187 -23.29 -29.90 3.02
CA ALA H 187 -23.10 -31.19 2.39
C ALA H 187 -24.41 -31.83 1.94
N LEU H 188 -25.50 -31.59 2.68
CA LEU H 188 -26.78 -32.23 2.39
C LEU H 188 -27.74 -31.31 1.65
N GLY H 189 -27.45 -30.02 1.57
CA GLY H 189 -28.24 -29.07 0.81
C GLY H 189 -28.63 -29.52 -0.59
N PRO H 190 -27.67 -30.02 -1.37
CA PRO H 190 -28.00 -30.52 -2.72
C PRO H 190 -29.06 -31.61 -2.73
N TYR H 191 -29.16 -32.41 -1.68
CA TYR H 191 -30.15 -33.48 -1.61
C TYR H 191 -31.48 -33.00 -1.03
N GLY H 192 -31.67 -31.70 -0.89
CA GLY H 192 -32.90 -31.19 -0.31
C GLY H 192 -33.07 -31.53 1.15
N ILE H 193 -31.98 -31.71 1.89
CA ILE H 193 -32.02 -32.06 3.31
C ILE H 193 -31.60 -30.84 4.11
N ARG H 194 -32.54 -30.28 4.85
CA ARG H 194 -32.27 -29.10 5.67
C ARG H 194 -31.80 -29.51 7.06
N CYS H 195 -30.86 -28.74 7.62
CA CYS H 195 -30.24 -29.04 8.90
C CYS H 195 -30.28 -27.78 9.75
N ASN H 196 -30.92 -27.86 10.92
CA ASN H 196 -31.04 -26.71 11.80
C ASN H 196 -30.87 -27.16 13.24
N ALA H 197 -30.72 -26.18 14.15
CA ALA H 197 -30.53 -26.49 15.56
C ALA H 197 -31.39 -25.57 16.42
N VAL H 198 -32.15 -26.17 17.35
CA VAL H 198 -32.86 -25.40 18.37
C VAL H 198 -31.92 -25.21 19.56
N LEU H 199 -31.97 -24.03 20.16
CA LEU H 199 -31.08 -23.66 21.26
C LEU H 199 -31.93 -23.32 22.46
N PRO H 200 -32.37 -24.33 23.22
CA PRO H 200 -33.26 -24.08 24.35
C PRO H 200 -32.53 -23.49 25.54
N GLY H 201 -33.28 -22.75 26.35
CA GLY H 201 -32.72 -22.11 27.52
C GLY H 201 -32.84 -22.99 28.76
N THR H 202 -33.38 -22.44 29.84
CA THR H 202 -33.62 -23.22 31.05
C THR H 202 -35.04 -23.77 31.00
N ILE H 203 -35.15 -25.10 30.99
CA ILE H 203 -36.43 -25.79 30.93
C ILE H 203 -36.56 -26.68 32.14
N ALA H 204 -37.64 -26.52 32.89
CA ALA H 204 -37.88 -27.33 34.08
C ALA H 204 -38.40 -28.71 33.71
N ASP H 214 -34.22 -26.53 44.94
CA ASP H 214 -34.18 -25.34 45.78
C ASP H 214 -35.03 -24.23 45.19
N LEU H 215 -36.03 -23.77 45.96
CA LEU H 215 -36.94 -22.73 45.48
C LEU H 215 -36.36 -21.34 45.62
N GLU H 216 -35.31 -21.16 46.41
CA GLU H 216 -34.62 -19.88 46.44
C GLU H 216 -33.77 -19.68 45.20
N LYS H 217 -33.04 -20.72 44.77
CA LYS H 217 -32.33 -20.67 43.50
C LYS H 217 -33.28 -20.74 42.32
N ARG H 218 -34.49 -21.28 42.51
CA ARG H 218 -35.47 -21.31 41.44
C ARG H 218 -36.01 -19.91 41.15
N GLU H 219 -36.35 -19.17 42.21
CA GLU H 219 -36.84 -17.81 42.02
C GLU H 219 -35.76 -16.92 41.41
N ARG H 220 -34.51 -17.09 41.82
CA ARG H 220 -33.43 -16.30 41.26
C ARG H 220 -33.25 -16.57 39.78
N MET H 221 -33.46 -17.81 39.33
CA MET H 221 -33.31 -18.12 37.91
C MET H 221 -34.45 -17.56 37.09
N THR H 222 -35.68 -17.61 37.62
CA THR H 222 -36.82 -17.08 36.90
C THR H 222 -36.67 -15.58 36.64
N SER H 223 -36.05 -14.87 37.60
CA SER H 223 -35.91 -13.42 37.48
C SER H 223 -34.95 -13.03 36.36
N ARG H 224 -34.11 -13.96 35.89
CA ARG H 224 -33.23 -13.67 34.77
C ARG H 224 -33.94 -13.76 33.42
N VAL H 225 -35.12 -14.37 33.39
CA VAL H 225 -35.82 -14.63 32.14
C VAL H 225 -36.82 -13.50 31.90
N PRO H 226 -36.72 -12.77 30.78
CA PRO H 226 -37.69 -11.68 30.52
C PRO H 226 -39.13 -12.14 30.49
N LEU H 227 -39.43 -13.30 29.90
CA LEU H 227 -40.80 -13.78 29.88
C LEU H 227 -41.29 -14.22 31.26
N GLY H 228 -40.41 -14.25 32.26
CA GLY H 228 -40.84 -14.44 33.64
C GLY H 228 -41.19 -15.85 34.04
N ARG H 229 -40.61 -16.86 33.40
CA ARG H 229 -40.86 -18.24 33.77
C ARG H 229 -39.82 -19.12 33.10
N LEU H 230 -39.59 -20.29 33.69
CA LEU H 230 -38.76 -21.29 33.07
C LEU H 230 -39.52 -21.99 31.95
N GLY H 231 -38.78 -22.67 31.08
CA GLY H 231 -39.40 -23.40 30.00
C GLY H 231 -40.00 -24.72 30.46
N GLU H 232 -40.86 -25.26 29.61
CA GLU H 232 -41.46 -26.58 29.77
C GLU H 232 -41.23 -27.38 28.50
N PRO H 233 -41.14 -28.72 28.61
CA PRO H 233 -40.90 -29.53 27.40
C PRO H 233 -41.77 -29.18 26.22
N ASP H 234 -43.03 -28.82 26.44
CA ASP H 234 -43.89 -28.46 25.33
C ASP H 234 -43.48 -27.15 24.67
N ASP H 235 -42.66 -26.34 25.35
CA ASP H 235 -42.19 -25.09 24.75
C ASP H 235 -41.23 -25.33 23.60
N LEU H 236 -40.66 -26.53 23.48
CA LEU H 236 -39.75 -26.86 22.39
C LEU H 236 -40.43 -27.60 21.25
N ALA H 237 -41.65 -28.11 21.47
CA ALA H 237 -42.30 -28.93 20.45
C ALA H 237 -42.72 -28.08 19.25
N GLY H 238 -43.18 -26.87 19.51
CA GLY H 238 -43.56 -25.94 18.46
C GLY H 238 -42.42 -25.61 17.52
N PRO H 239 -41.31 -25.08 18.06
CA PRO H 239 -40.17 -24.74 17.18
C PRO H 239 -39.60 -25.94 16.44
N ILE H 240 -39.54 -27.10 17.08
CA ILE H 240 -38.96 -28.28 16.43
C ILE H 240 -39.87 -28.76 15.30
N VAL H 241 -41.17 -28.80 15.54
CA VAL H 241 -42.11 -29.19 14.49
C VAL H 241 -42.11 -28.16 13.36
N PHE H 242 -41.88 -26.88 13.70
CA PHE H 242 -41.79 -25.86 12.66
C PHE H 242 -40.59 -26.12 11.74
N LEU H 243 -39.41 -26.35 12.32
CA LEU H 243 -38.21 -26.56 11.51
C LEU H 243 -38.31 -27.81 10.67
N ALA H 244 -39.02 -28.84 11.14
CA ALA H 244 -39.20 -30.06 10.37
C ALA H 244 -40.25 -29.94 9.29
N SER H 245 -40.96 -28.81 9.22
CA SER H 245 -42.14 -28.68 8.38
C SER H 245 -41.84 -27.90 7.12
N ASP H 246 -42.83 -27.88 6.22
CA ASP H 246 -42.75 -27.07 5.02
C ASP H 246 -42.79 -25.58 5.33
N MET H 247 -43.22 -25.19 6.54
CA MET H 247 -43.15 -23.80 6.95
C MET H 247 -41.73 -23.26 6.92
N ALA H 248 -40.72 -24.13 6.97
CA ALA H 248 -39.33 -23.72 6.99
C ALA H 248 -38.57 -24.23 5.76
N ARG H 249 -39.27 -24.33 4.62
CA ARG H 249 -38.69 -24.97 3.44
C ARG H 249 -37.44 -24.27 2.94
N TYR H 250 -37.17 -23.04 3.38
CA TYR H 250 -35.97 -22.30 3.00
C TYR H 250 -35.09 -22.03 4.22
N VAL H 251 -35.13 -22.91 5.22
CA VAL H 251 -34.37 -22.74 6.45
C VAL H 251 -33.42 -23.92 6.59
N THR H 252 -32.12 -23.64 6.49
CA THR H 252 -31.11 -24.65 6.75
C THR H 252 -29.84 -23.97 7.21
N GLY H 253 -29.09 -24.67 8.06
CA GLY H 253 -27.90 -24.07 8.66
C GLY H 253 -28.21 -22.89 9.55
N ALA H 254 -29.32 -22.95 10.28
CA ALA H 254 -29.77 -21.85 11.13
C ALA H 254 -29.93 -22.32 12.56
N SER H 255 -29.83 -21.37 13.49
CA SER H 255 -30.04 -21.61 14.91
C SER H 255 -31.24 -20.81 15.41
N LEU H 256 -31.88 -21.31 16.45
CA LEU H 256 -33.05 -20.65 17.03
C LEU H 256 -33.00 -20.81 18.55
N LEU H 257 -32.91 -19.68 19.26
CA LEU H 257 -32.92 -19.69 20.71
C LEU H 257 -34.36 -19.78 21.22
N VAL H 258 -34.62 -20.77 22.08
CA VAL H 258 -35.90 -20.92 22.74
C VAL H 258 -35.67 -20.81 24.24
N ASP H 259 -35.61 -19.57 24.74
CA ASP H 259 -35.11 -19.32 26.09
C ASP H 259 -35.87 -18.23 26.82
N GLY H 260 -36.98 -17.73 26.28
CA GLY H 260 -37.69 -16.64 26.94
C GLY H 260 -36.89 -15.36 27.04
N GLY H 261 -35.80 -15.25 26.28
CA GLY H 261 -34.97 -14.06 26.31
C GLY H 261 -33.84 -14.11 27.30
N LEU H 262 -33.46 -15.29 27.79
CA LEU H 262 -32.41 -15.39 28.79
C LEU H 262 -31.06 -14.95 28.22
N PHE H 263 -30.79 -15.28 26.95
CA PHE H 263 -29.49 -14.96 26.35
C PHE H 263 -29.27 -13.45 26.27
N VAL H 264 -30.26 -12.71 25.76
CA VAL H 264 -30.08 -11.28 25.53
C VAL H 264 -30.03 -10.49 26.83
N ASN H 265 -30.57 -11.02 27.93
CA ASN H 265 -30.73 -10.26 29.16
C ASN H 265 -29.43 -10.29 29.96
N LEU H 266 -28.46 -9.48 29.50
CA LEU H 266 -27.33 -9.15 30.35
C LEU H 266 -27.76 -8.18 31.45
N GLN H 267 -28.57 -7.20 31.10
CA GLN H 267 -29.25 -6.33 32.05
C GLN H 267 -30.14 -5.40 31.24
#